data_7H48
# 
_entry.id   7H48 
# 
_audit_conform.dict_name       mmcif_pdbx.dic 
_audit_conform.dict_version    5.397 
_audit_conform.dict_location   http://mmcif.pdb.org/dictionaries/ascii/mmcif_pdbx.dic 
# 
loop_
_database_2.database_id 
_database_2.database_code 
_database_2.pdbx_database_accession 
_database_2.pdbx_DOI 
PDB   7H48         pdb_00007h48 10.2210/pdb7h48/pdb 
WWPDB D_1001407003 ?            ?                   
# 
loop_
_pdbx_audit_revision_history.ordinal 
_pdbx_audit_revision_history.data_content_type 
_pdbx_audit_revision_history.major_revision 
_pdbx_audit_revision_history.minor_revision 
_pdbx_audit_revision_history.revision_date 
1 'Structure model' 1 0 2024-04-24 
2 'Structure model' 1 1 2024-10-16 
# 
_pdbx_audit_revision_details.ordinal             1 
_pdbx_audit_revision_details.revision_ordinal    1 
_pdbx_audit_revision_details.data_content_type   'Structure model' 
_pdbx_audit_revision_details.provider            repository 
_pdbx_audit_revision_details.type                'Initial release' 
_pdbx_audit_revision_details.description         ? 
_pdbx_audit_revision_details.details             ? 
# 
loop_
_pdbx_audit_revision_group.ordinal 
_pdbx_audit_revision_group.revision_ordinal 
_pdbx_audit_revision_group.data_content_type 
_pdbx_audit_revision_group.group 
1 2 'Structure model' 'Database references' 
2 2 'Structure model' 'Structure summary'   
# 
loop_
_pdbx_audit_revision_category.ordinal 
_pdbx_audit_revision_category.revision_ordinal 
_pdbx_audit_revision_category.data_content_type 
_pdbx_audit_revision_category.category 
1 2 'Structure model' citation           
2 2 'Structure model' citation_author    
3 2 'Structure model' pdbx_entry_details 
# 
loop_
_pdbx_audit_revision_item.ordinal 
_pdbx_audit_revision_item.revision_ordinal 
_pdbx_audit_revision_item.data_content_type 
_pdbx_audit_revision_item.item 
1 2 'Structure model' '_citation.country'                 
2 2 'Structure model' '_citation.journal_abbrev'          
3 2 'Structure model' '_citation.journal_id_CSD'          
4 2 'Structure model' '_citation.journal_id_ISSN'         
5 2 'Structure model' '_citation.pdbx_database_id_DOI'    
6 2 'Structure model' '_citation.pdbx_database_id_PubMed' 
7 2 'Structure model' '_citation.title'                   
8 2 'Structure model' '_citation.year'                    
# 
_pdbx_database_status.entry_id                        7H48 
_pdbx_database_status.status_code                     REL 
_pdbx_database_status.status_code_sf                  REL 
_pdbx_database_status.status_code_mr                  ? 
_pdbx_database_status.status_code_cs                  ? 
_pdbx_database_status.recvd_initial_deposition_date   2024-04-04 
_pdbx_database_status.status_code_nmr_data            ? 
_pdbx_database_status.deposit_site                    RCSB 
_pdbx_database_status.process_site                    RCSB 
_pdbx_database_status.SG_entry                        ? 
_pdbx_database_status.pdb_format_compatible           Y 
_pdbx_database_status.methods_development_category    ? 
# 
_pdbx_contact_author.id                 1 
_pdbx_contact_author.email              frank.von-delft@diamond.ac.uk 
_pdbx_contact_author.name_first         Frank 
_pdbx_contact_author.name_last          'von Delft' 
_pdbx_contact_author.role               'principal investigator/group leader' 
_pdbx_contact_author.identifier_ORCID   0000-0003-0378-0017 
_pdbx_contact_author.name_mi            ? 
# 
loop_
_audit_author.name 
_audit_author.pdbx_ordinal 
'Lithgo, R.M.'        1  
'Fairhead, M.'        2  
'Koekemoer, L.'       3  
'Balcomb, B.H.'       4  
'Capkin, E.'          5  
'Chandran, A.V.'      6  
'Golding, M.'         7  
'Godoy, A.S.'         8  
'Aschenbrenner, J.C.' 9  
'Marples, P.G.'       10 
'Ni, X.'              11 
'Thompson, W.'        12 
'Tomlinson, C.W.E.'   13 
'Wild, C.'            14 
'Winokan, M.'         15 
'Xavier, M.-A.E.'     16 
'Fearon, D.'          17 
'von Delft, F.'       18 
# 
_citation.id                        primary 
_citation.title                     
;Crystallographic Fragment Screen of Coxsackievirus A16 2A Protease identifies new opportunities for the development of broad-spectrum anti-enterovirals.
;
_citation.journal_abbrev            Biorxiv 
_citation.journal_volume            ? 
_citation.page_first                ? 
_citation.page_last                 ? 
_citation.year                      2024 
_citation.journal_id_ASTM           ? 
_citation.country                   US 
_citation.journal_id_ISSN           2692-8205 
_citation.journal_id_CSD            ? 
_citation.book_publisher            ? 
_citation.pdbx_database_id_PubMed   38746446 
_citation.pdbx_database_id_DOI      10.1101/2024.04.29.591684 
# 
loop_
_citation_author.citation_id 
_citation_author.name 
_citation_author.identifier_ORCID 
_citation_author.ordinal 
primary 'Lithgo, R.M.'        0000-0002-4706-9916 1  
primary 'Tomlinson, C.W.E.'   0000-0002-1845-6028 2  
primary 'Fairhead, M.'        0000-0001-5361-3933 3  
primary 'Winokan, M.'         ?                   4  
primary 'Thompson, W.'        0000-0003-1474-7810 5  
primary 'Wild, C.'            0000-0003-0654-8141 6  
primary 'Aschenbrenner, J.C.' 0000-0002-4318-0481 7  
primary 'Balcomb, B.H.'       0000-0001-7599-8467 8  
primary 'Marples, P.G.'       0000-0002-8787-7969 9  
primary 'Chandran, A.V.'      0000-0001-9942-2614 10 
primary 'Golding, M.'         0009-0004-7472-8333 11 
primary 'Koekemoer, L.'       0000-0001-9226-9127 12 
primary 'Williams, E.P.'      0000-0002-1331-9518 13 
primary 'Wang, S.'            ?                   14 
primary 'Ni, X.'              0000-0002-7769-8297 15 
primary 'MacLean, E.'         0000-0003-1680-4292 16 
primary 'Giroud, C.'          0000-0002-1629-1581 17 
primary 'Godoy, A.S.'         0000-0002-0613-9164 18 
primary 'Xavier, M.A.'        0000-0002-1709-9479 19 
primary 'Walsh, M.'           0000-0001-5683-1151 20 
primary 'Fearon, D.'          0000-0003-3529-7863 21 
primary 'von Delft, F.'       0000-0003-0378-0017 22 
# 
loop_
_entity.id 
_entity.type 
_entity.src_method 
_entity.pdbx_description 
_entity.formula_weight 
_entity.pdbx_number_of_molecules 
_entity.pdbx_ec 
_entity.pdbx_mutation 
_entity.pdbx_fragment 
_entity.details 
1 polymer     man 'Protease 2A'                                        16493.311 1   3.4.22.29 ? ? ? 
2 non-polymer man '1-methyl-3,4-dihydro-2~{H}-quinoline-7-sulfonamide' 226.295   1   ?         ? ? ? 
3 non-polymer syn 'ZINC ION'                                           65.409    1   ?         ? ? ? 
4 non-polymer syn 'DIMETHYL SULFOXIDE'                                 78.133    6   ?         ? ? ? 
5 non-polymer syn 'SULFATE ION'                                        96.063    1   ?         ? ? ? 
6 water       nat water                                                18.015    195 ?         ? ? ? 
# 
_entity_name_com.entity_id   1 
_entity_name_com.name        'P2A,Picornain 2A,Protein 2A' 
# 
_entity_poly.entity_id                      1 
_entity_poly.type                           'polypeptide(L)' 
_entity_poly.nstd_linkage                   no 
_entity_poly.nstd_monomer                   no 
_entity_poly.pdbx_seq_one_letter_code       
;QEQTGGSGAIYVGNYRVVNRHLATHNDWANLVWEDSSRDLLVSSTTAQGCDTIARCDCQTGVYYCSSRRKHYPVSFSKPS
LIFVEASEYYPARYQSHLMLAVGHSEPGDCGGILRCQHGVVGIVSTGGNGLVGFADVRDLLWLDEEAMEQ
;
_entity_poly.pdbx_seq_one_letter_code_can   
;QEQTGGSGAIYVGNYRVVNRHLATHNDWANLVWEDSSRDLLVSSTTAQGCDTIARCDCQTGVYYCSSRRKHYPVSFSKPS
LIFVEASEYYPARYQSHLMLAVGHSEPGDCGGILRCQHGVVGIVSTGGNGLVGFADVRDLLWLDEEAMEQ
;
_entity_poly.pdbx_strand_id                 A 
_entity_poly.pdbx_target_identifier         ? 
# 
loop_
_pdbx_entity_nonpoly.entity_id 
_pdbx_entity_nonpoly.name 
_pdbx_entity_nonpoly.comp_id 
2 '1-methyl-3,4-dihydro-2~{H}-quinoline-7-sulfonamide' RZJ 
3 'ZINC ION'                                           ZN  
4 'DIMETHYL SULFOXIDE'                                 DMS 
5 'SULFATE ION'                                        SO4 
6 water                                                HOH 
# 
loop_
_entity_poly_seq.entity_id 
_entity_poly_seq.num 
_entity_poly_seq.mon_id 
_entity_poly_seq.hetero 
1 1   GLN n 
1 2   GLU n 
1 3   GLN n 
1 4   THR n 
1 5   GLY n 
1 6   GLY n 
1 7   SER n 
1 8   GLY n 
1 9   ALA n 
1 10  ILE n 
1 11  TYR n 
1 12  VAL n 
1 13  GLY n 
1 14  ASN n 
1 15  TYR n 
1 16  ARG n 
1 17  VAL n 
1 18  VAL n 
1 19  ASN n 
1 20  ARG n 
1 21  HIS n 
1 22  LEU n 
1 23  ALA n 
1 24  THR n 
1 25  HIS n 
1 26  ASN n 
1 27  ASP n 
1 28  TRP n 
1 29  ALA n 
1 30  ASN n 
1 31  LEU n 
1 32  VAL n 
1 33  TRP n 
1 34  GLU n 
1 35  ASP n 
1 36  SER n 
1 37  SER n 
1 38  ARG n 
1 39  ASP n 
1 40  LEU n 
1 41  LEU n 
1 42  VAL n 
1 43  SER n 
1 44  SER n 
1 45  THR n 
1 46  THR n 
1 47  ALA n 
1 48  GLN n 
1 49  GLY n 
1 50  CYS n 
1 51  ASP n 
1 52  THR n 
1 53  ILE n 
1 54  ALA n 
1 55  ARG n 
1 56  CYS n 
1 57  ASP n 
1 58  CYS n 
1 59  GLN n 
1 60  THR n 
1 61  GLY n 
1 62  VAL n 
1 63  TYR n 
1 64  TYR n 
1 65  CYS n 
1 66  SER n 
1 67  SER n 
1 68  ARG n 
1 69  ARG n 
1 70  LYS n 
1 71  HIS n 
1 72  TYR n 
1 73  PRO n 
1 74  VAL n 
1 75  SER n 
1 76  PHE n 
1 77  SER n 
1 78  LYS n 
1 79  PRO n 
1 80  SER n 
1 81  LEU n 
1 82  ILE n 
1 83  PHE n 
1 84  VAL n 
1 85  GLU n 
1 86  ALA n 
1 87  SER n 
1 88  GLU n 
1 89  TYR n 
1 90  TYR n 
1 91  PRO n 
1 92  ALA n 
1 93  ARG n 
1 94  TYR n 
1 95  GLN n 
1 96  SER n 
1 97  HIS n 
1 98  LEU n 
1 99  MET n 
1 100 LEU n 
1 101 ALA n 
1 102 VAL n 
1 103 GLY n 
1 104 HIS n 
1 105 SER n 
1 106 GLU n 
1 107 PRO n 
1 108 GLY n 
1 109 ASP n 
1 110 CYS n 
1 111 GLY n 
1 112 GLY n 
1 113 ILE n 
1 114 LEU n 
1 115 ARG n 
1 116 CYS n 
1 117 GLN n 
1 118 HIS n 
1 119 GLY n 
1 120 VAL n 
1 121 VAL n 
1 122 GLY n 
1 123 ILE n 
1 124 VAL n 
1 125 SER n 
1 126 THR n 
1 127 GLY n 
1 128 GLY n 
1 129 ASN n 
1 130 GLY n 
1 131 LEU n 
1 132 VAL n 
1 133 GLY n 
1 134 PHE n 
1 135 ALA n 
1 136 ASP n 
1 137 VAL n 
1 138 ARG n 
1 139 ASP n 
1 140 LEU n 
1 141 LEU n 
1 142 TRP n 
1 143 LEU n 
1 144 ASP n 
1 145 GLU n 
1 146 GLU n 
1 147 ALA n 
1 148 MET n 
1 149 GLU n 
1 150 GLN n 
# 
loop_
_entity_src_gen.entity_id 
_entity_src_gen.pdbx_src_id 
_entity_src_gen.pdbx_alt_source_flag 
_entity_src_gen.pdbx_seq_type 
_entity_src_gen.pdbx_beg_seq_num 
_entity_src_gen.pdbx_end_seq_num 
_entity_src_gen.gene_src_common_name 
_entity_src_gen.gene_src_genus 
_entity_src_gen.pdbx_gene_src_gene 
_entity_src_gen.gene_src_species 
_entity_src_gen.gene_src_strain 
_entity_src_gen.gene_src_tissue 
_entity_src_gen.gene_src_tissue_fraction 
_entity_src_gen.gene_src_details 
_entity_src_gen.pdbx_gene_src_fragment 
_entity_src_gen.pdbx_gene_src_scientific_name 
_entity_src_gen.pdbx_gene_src_ncbi_taxonomy_id 
_entity_src_gen.pdbx_gene_src_variant 
_entity_src_gen.pdbx_gene_src_cell_line 
_entity_src_gen.pdbx_gene_src_atcc 
_entity_src_gen.pdbx_gene_src_organ 
_entity_src_gen.pdbx_gene_src_organelle 
_entity_src_gen.pdbx_gene_src_cell 
_entity_src_gen.pdbx_gene_src_cellular_location 
_entity_src_gen.host_org_common_name 
_entity_src_gen.pdbx_host_org_scientific_name 
_entity_src_gen.pdbx_host_org_ncbi_taxonomy_id 
_entity_src_gen.host_org_genus 
_entity_src_gen.pdbx_host_org_gene 
_entity_src_gen.pdbx_host_org_organ 
_entity_src_gen.host_org_species 
_entity_src_gen.pdbx_host_org_tissue 
_entity_src_gen.pdbx_host_org_tissue_fraction 
_entity_src_gen.pdbx_host_org_strain 
_entity_src_gen.pdbx_host_org_variant 
_entity_src_gen.pdbx_host_org_cell_line 
_entity_src_gen.pdbx_host_org_atcc 
_entity_src_gen.pdbx_host_org_culture_collection 
_entity_src_gen.pdbx_host_org_cell 
_entity_src_gen.pdbx_host_org_organelle 
_entity_src_gen.pdbx_host_org_cellular_location 
_entity_src_gen.pdbx_host_org_vector_type 
_entity_src_gen.pdbx_host_org_vector 
_entity_src_gen.host_org_details 
_entity_src_gen.expression_system_id 
_entity_src_gen.plasmid_name 
_entity_src_gen.plasmid_details 
_entity_src_gen.pdbx_description 
1 1 sample 'Biological sequence' 1 150 ? ? ? ? ? ? ? ? ? 'Coxsackievirus A16' 31704 ? ? ? ? ? ? ? ? 'Escherichia coli' 562 ? ? ? ? 
? ? ? ? ? ? ? ? ? ? ? ? ? ? ? ? ? 
2 1 sample ?                     ? ?   ? ? ? ? ? ? ? ? ? 'Coxsackievirus A16' 31704 ? ? ? ? ? ? ? ? 'Escherichia coli' 562 ? ? ? ? 
? ? ? ? ? ? ? ? ? ? ? ? ? ? ? ? ? 
# 
loop_
_chem_comp.id 
_chem_comp.type 
_chem_comp.mon_nstd_flag 
_chem_comp.name 
_chem_comp.pdbx_synonyms 
_chem_comp.formula 
_chem_comp.formula_weight 
ALA 'L-peptide linking' y ALANINE                                              ? 'C3 H7 N O2'      89.093  
ARG 'L-peptide linking' y ARGININE                                             ? 'C6 H15 N4 O2 1'  175.209 
ASN 'L-peptide linking' y ASPARAGINE                                           ? 'C4 H8 N2 O3'     132.118 
ASP 'L-peptide linking' y 'ASPARTIC ACID'                                      ? 'C4 H7 N O4'      133.103 
CYS 'L-peptide linking' y CYSTEINE                                             ? 'C3 H7 N O2 S'    121.158 
DMS non-polymer         . 'DIMETHYL SULFOXIDE'                                 ? 'C2 H6 O S'       78.133  
GLN 'L-peptide linking' y GLUTAMINE                                            ? 'C5 H10 N2 O3'    146.144 
GLU 'L-peptide linking' y 'GLUTAMIC ACID'                                      ? 'C5 H9 N O4'      147.129 
GLY 'peptide linking'   y GLYCINE                                              ? 'C2 H5 N O2'      75.067  
HIS 'L-peptide linking' y HISTIDINE                                            ? 'C6 H10 N3 O2 1'  156.162 
HOH non-polymer         . WATER                                                ? 'H2 O'            18.015  
ILE 'L-peptide linking' y ISOLEUCINE                                           ? 'C6 H13 N O2'     131.173 
LEU 'L-peptide linking' y LEUCINE                                              ? 'C6 H13 N O2'     131.173 
LYS 'L-peptide linking' y LYSINE                                               ? 'C6 H15 N2 O2 1'  147.195 
MET 'L-peptide linking' y METHIONINE                                           ? 'C5 H11 N O2 S'   149.211 
PHE 'L-peptide linking' y PHENYLALANINE                                        ? 'C9 H11 N O2'     165.189 
PRO 'L-peptide linking' y PROLINE                                              ? 'C5 H9 N O2'      115.130 
RZJ non-polymer         . '1-methyl-3,4-dihydro-2~{H}-quinoline-7-sulfonamide' ? 'C10 H14 N2 O2 S' 226.295 
SER 'L-peptide linking' y SERINE                                               ? 'C3 H7 N O3'      105.093 
SO4 non-polymer         . 'SULFATE ION'                                        ? 'O4 S -2'         96.063  
THR 'L-peptide linking' y THREONINE                                            ? 'C4 H9 N O3'      119.119 
TRP 'L-peptide linking' y TRYPTOPHAN                                           ? 'C11 H12 N2 O2'   204.225 
TYR 'L-peptide linking' y TYROSINE                                             ? 'C9 H11 N O3'     181.189 
VAL 'L-peptide linking' y VALINE                                               ? 'C5 H11 N O2'     117.146 
ZN  non-polymer         . 'ZINC ION'                                           ? 'Zn 2'            65.409  
# 
loop_
_pdbx_poly_seq_scheme.asym_id 
_pdbx_poly_seq_scheme.entity_id 
_pdbx_poly_seq_scheme.seq_id 
_pdbx_poly_seq_scheme.mon_id 
_pdbx_poly_seq_scheme.ndb_seq_num 
_pdbx_poly_seq_scheme.pdb_seq_num 
_pdbx_poly_seq_scheme.auth_seq_num 
_pdbx_poly_seq_scheme.pdb_mon_id 
_pdbx_poly_seq_scheme.auth_mon_id 
_pdbx_poly_seq_scheme.pdb_strand_id 
_pdbx_poly_seq_scheme.pdb_ins_code 
_pdbx_poly_seq_scheme.hetero 
A 1 1   GLN 1   1   ?   ?   ?   A . n 
A 1 2   GLU 2   2   ?   ?   ?   A . n 
A 1 3   GLN 3   3   ?   ?   ?   A . n 
A 1 4   THR 4   4   ?   ?   ?   A . n 
A 1 5   GLY 5   5   ?   ?   ?   A . n 
A 1 6   GLY 6   6   ?   ?   ?   A . n 
A 1 7   SER 7   7   7   SER SER A . n 
A 1 8   GLY 8   8   8   GLY GLY A . n 
A 1 9   ALA 9   9   9   ALA ALA A . n 
A 1 10  ILE 10  10  10  ILE ILE A . n 
A 1 11  TYR 11  11  11  TYR TYR A . n 
A 1 12  VAL 12  12  12  VAL VAL A . n 
A 1 13  GLY 13  13  13  GLY GLY A . n 
A 1 14  ASN 14  14  14  ASN ASN A . n 
A 1 15  TYR 15  15  15  TYR TYR A . n 
A 1 16  ARG 16  16  16  ARG ARG A . n 
A 1 17  VAL 17  17  17  VAL VAL A . n 
A 1 18  VAL 18  18  18  VAL VAL A . n 
A 1 19  ASN 19  19  19  ASN ASN A . n 
A 1 20  ARG 20  20  20  ARG ARG A . n 
A 1 21  HIS 21  21  21  HIS HIS A . n 
A 1 22  LEU 22  22  22  LEU LEU A . n 
A 1 23  ALA 23  23  23  ALA ALA A . n 
A 1 24  THR 24  24  24  THR THR A . n 
A 1 25  HIS 25  25  25  HIS HIS A . n 
A 1 26  ASN 26  26  26  ASN ASN A . n 
A 1 27  ASP 27  27  27  ASP ASP A . n 
A 1 28  TRP 28  28  28  TRP TRP A . n 
A 1 29  ALA 29  29  29  ALA ALA A . n 
A 1 30  ASN 30  30  30  ASN ASN A . n 
A 1 31  LEU 31  31  31  LEU LEU A . n 
A 1 32  VAL 32  32  32  VAL VAL A . n 
A 1 33  TRP 33  33  33  TRP TRP A . n 
A 1 34  GLU 34  34  34  GLU GLU A . n 
A 1 35  ASP 35  35  35  ASP ASP A . n 
A 1 36  SER 36  36  36  SER SER A . n 
A 1 37  SER 37  37  37  SER SER A . n 
A 1 38  ARG 38  38  38  ARG ARG A . n 
A 1 39  ASP 39  39  39  ASP ASP A . n 
A 1 40  LEU 40  40  40  LEU LEU A . n 
A 1 41  LEU 41  41  41  LEU LEU A . n 
A 1 42  VAL 42  42  42  VAL VAL A . n 
A 1 43  SER 43  43  43  SER SER A . n 
A 1 44  SER 44  44  44  SER SER A . n 
A 1 45  THR 45  45  45  THR THR A . n 
A 1 46  THR 46  46  46  THR THR A . n 
A 1 47  ALA 47  47  47  ALA ALA A . n 
A 1 48  GLN 48  48  48  GLN GLN A . n 
A 1 49  GLY 49  49  49  GLY GLY A . n 
A 1 50  CYS 50  50  50  CYS CYS A . n 
A 1 51  ASP 51  51  51  ASP ASP A . n 
A 1 52  THR 52  52  52  THR THR A . n 
A 1 53  ILE 53  53  53  ILE ILE A . n 
A 1 54  ALA 54  54  54  ALA ALA A . n 
A 1 55  ARG 55  55  55  ARG ARG A . n 
A 1 56  CYS 56  56  56  CYS CYS A . n 
A 1 57  ASP 57  57  57  ASP ASP A . n 
A 1 58  CYS 58  58  58  CYS CYS A . n 
A 1 59  GLN 59  59  59  GLN GLN A . n 
A 1 60  THR 60  60  60  THR THR A . n 
A 1 61  GLY 61  61  61  GLY GLY A . n 
A 1 62  VAL 62  62  62  VAL VAL A . n 
A 1 63  TYR 63  63  63  TYR TYR A . n 
A 1 64  TYR 64  64  64  TYR TYR A . n 
A 1 65  CYS 65  65  65  CYS CYS A . n 
A 1 66  SER 66  66  66  SER SER A . n 
A 1 67  SER 67  67  67  SER SER A . n 
A 1 68  ARG 68  68  68  ARG ARG A . n 
A 1 69  ARG 69  69  69  ARG ARG A . n 
A 1 70  LYS 70  70  70  LYS LYS A . n 
A 1 71  HIS 71  71  71  HIS HIS A . n 
A 1 72  TYR 72  72  72  TYR TYR A . n 
A 1 73  PRO 73  73  73  PRO PRO A . n 
A 1 74  VAL 74  74  74  VAL VAL A . n 
A 1 75  SER 75  75  75  SER SER A . n 
A 1 76  PHE 76  76  76  PHE PHE A . n 
A 1 77  SER 77  77  77  SER SER A . n 
A 1 78  LYS 78  78  78  LYS LYS A . n 
A 1 79  PRO 79  79  79  PRO PRO A . n 
A 1 80  SER 80  80  80  SER SER A . n 
A 1 81  LEU 81  81  81  LEU LEU A . n 
A 1 82  ILE 82  82  82  ILE ILE A . n 
A 1 83  PHE 83  83  83  PHE PHE A . n 
A 1 84  VAL 84  84  84  VAL VAL A . n 
A 1 85  GLU 85  85  85  GLU GLU A . n 
A 1 86  ALA 86  86  86  ALA ALA A . n 
A 1 87  SER 87  87  87  SER SER A . n 
A 1 88  GLU 88  88  88  GLU GLU A . n 
A 1 89  TYR 89  89  89  TYR TYR A . n 
A 1 90  TYR 90  90  90  TYR TYR A . n 
A 1 91  PRO 91  91  91  PRO PRO A . n 
A 1 92  ALA 92  92  92  ALA ALA A . n 
A 1 93  ARG 93  93  93  ARG ARG A . n 
A 1 94  TYR 94  94  94  TYR TYR A . n 
A 1 95  GLN 95  95  95  GLN GLN A . n 
A 1 96  SER 96  96  96  SER SER A . n 
A 1 97  HIS 97  97  97  HIS HIS A . n 
A 1 98  LEU 98  98  98  LEU LEU A . n 
A 1 99  MET 99  99  99  MET MET A . n 
A 1 100 LEU 100 100 100 LEU LEU A . n 
A 1 101 ALA 101 101 101 ALA ALA A . n 
A 1 102 VAL 102 102 102 VAL VAL A . n 
A 1 103 GLY 103 103 103 GLY GLY A . n 
A 1 104 HIS 104 104 104 HIS HIS A . n 
A 1 105 SER 105 105 105 SER SER A . n 
A 1 106 GLU 106 106 106 GLU GLU A . n 
A 1 107 PRO 107 107 107 PRO PRO A . n 
A 1 108 GLY 108 108 108 GLY GLY A . n 
A 1 109 ASP 109 109 109 ASP ASP A . n 
A 1 110 CYS 110 110 110 CYS CYS A . n 
A 1 111 GLY 111 111 111 GLY GLY A . n 
A 1 112 GLY 112 112 112 GLY GLY A . n 
A 1 113 ILE 113 113 113 ILE ILE A . n 
A 1 114 LEU 114 114 114 LEU LEU A . n 
A 1 115 ARG 115 115 115 ARG ARG A . n 
A 1 116 CYS 116 116 116 CYS CYS A . n 
A 1 117 GLN 117 117 117 GLN GLN A . n 
A 1 118 HIS 118 118 118 HIS HIS A . n 
A 1 119 GLY 119 119 119 GLY GLY A . n 
A 1 120 VAL 120 120 120 VAL VAL A . n 
A 1 121 VAL 121 121 121 VAL VAL A . n 
A 1 122 GLY 122 122 122 GLY GLY A . n 
A 1 123 ILE 123 123 123 ILE ILE A . n 
A 1 124 VAL 124 124 124 VAL VAL A . n 
A 1 125 SER 125 125 125 SER SER A . n 
A 1 126 THR 126 126 126 THR THR A . n 
A 1 127 GLY 127 127 127 GLY GLY A . n 
A 1 128 GLY 128 128 128 GLY GLY A . n 
A 1 129 ASN 129 129 129 ASN ASN A . n 
A 1 130 GLY 130 130 130 GLY GLY A . n 
A 1 131 LEU 131 131 131 LEU LEU A . n 
A 1 132 VAL 132 132 132 VAL VAL A . n 
A 1 133 GLY 133 133 133 GLY GLY A . n 
A 1 134 PHE 134 134 134 PHE PHE A . n 
A 1 135 ALA 135 135 135 ALA ALA A . n 
A 1 136 ASP 136 136 136 ASP ASP A . n 
A 1 137 VAL 137 137 137 VAL VAL A . n 
A 1 138 ARG 138 138 138 ARG ARG A . n 
A 1 139 ASP 139 139 139 ASP ASP A . n 
A 1 140 LEU 140 140 140 LEU LEU A . n 
A 1 141 LEU 141 141 141 LEU LEU A . n 
A 1 142 TRP 142 142 142 TRP TRP A . n 
A 1 143 LEU 143 143 143 LEU LEU A . n 
A 1 144 ASP 144 144 144 ASP ASP A . n 
A 1 145 GLU 145 145 145 GLU GLU A . n 
A 1 146 GLU 146 146 146 GLU GLU A . n 
A 1 147 ALA 147 147 ?   ?   ?   A . n 
A 1 148 MET 148 148 ?   ?   ?   A . n 
A 1 149 GLU 149 149 ?   ?   ?   A . n 
A 1 150 GLN 150 150 ?   ?   ?   A . n 
# 
loop_
_pdbx_nonpoly_scheme.asym_id 
_pdbx_nonpoly_scheme.entity_id 
_pdbx_nonpoly_scheme.mon_id 
_pdbx_nonpoly_scheme.ndb_seq_num 
_pdbx_nonpoly_scheme.pdb_seq_num 
_pdbx_nonpoly_scheme.auth_seq_num 
_pdbx_nonpoly_scheme.pdb_mon_id 
_pdbx_nonpoly_scheme.auth_mon_id 
_pdbx_nonpoly_scheme.pdb_strand_id 
_pdbx_nonpoly_scheme.pdb_ins_code 
B 2 RZJ 1   201 147 RZJ LIG A . 
C 3 ZN  1   202 1   ZN  ZN  A . 
D 4 DMS 1   203 -1  DMS DMS A . 
E 4 DMS 1   204 0   DMS DMS A . 
F 4 DMS 1   205 1   DMS DMS A . 
G 4 DMS 1   206 3   DMS DMS A . 
H 4 DMS 1   207 6   DMS DMS A . 
I 4 DMS 1   208 7   DMS DMS A . 
J 5 SO4 1   209 1   SO4 SO4 A . 
K 6 HOH 1   301 238 HOH HOH A . 
K 6 HOH 2   302 34  HOH HOH A . 
K 6 HOH 3   303 30  HOH HOH A . 
K 6 HOH 4   304 103 HOH HOH A . 
K 6 HOH 5   305 234 HOH HOH A . 
K 6 HOH 6   306 70  HOH HOH A . 
K 6 HOH 7   307 182 HOH HOH A . 
K 6 HOH 8   308 46  HOH HOH A . 
K 6 HOH 9   309 77  HOH HOH A . 
K 6 HOH 10  310 217 HOH HOH A . 
K 6 HOH 11  311 116 HOH HOH A . 
K 6 HOH 12  312 4   HOH HOH A . 
K 6 HOH 13  313 170 HOH HOH A . 
K 6 HOH 14  314 229 HOH HOH A . 
K 6 HOH 15  315 108 HOH HOH A . 
K 6 HOH 16  316 186 HOH HOH A . 
K 6 HOH 17  317 152 HOH HOH A . 
K 6 HOH 18  318 216 HOH HOH A . 
K 6 HOH 19  319 57  HOH HOH A . 
K 6 HOH 20  320 133 HOH HOH A . 
K 6 HOH 21  321 41  HOH HOH A . 
K 6 HOH 22  322 59  HOH HOH A . 
K 6 HOH 23  323 181 HOH HOH A . 
K 6 HOH 24  324 16  HOH HOH A . 
K 6 HOH 25  325 107 HOH HOH A . 
K 6 HOH 26  326 21  HOH HOH A . 
K 6 HOH 27  327 109 HOH HOH A . 
K 6 HOH 28  328 167 HOH HOH A . 
K 6 HOH 29  329 161 HOH HOH A . 
K 6 HOH 30  330 183 HOH HOH A . 
K 6 HOH 31  331 142 HOH HOH A . 
K 6 HOH 32  332 37  HOH HOH A . 
K 6 HOH 33  333 68  HOH HOH A . 
K 6 HOH 34  334 104 HOH HOH A . 
K 6 HOH 35  335 33  HOH HOH A . 
K 6 HOH 36  336 94  HOH HOH A . 
K 6 HOH 37  337 7   HOH HOH A . 
K 6 HOH 38  338 180 HOH HOH A . 
K 6 HOH 39  339 147 HOH HOH A . 
K 6 HOH 40  340 39  HOH HOH A . 
K 6 HOH 41  341 72  HOH HOH A . 
K 6 HOH 42  342 5   HOH HOH A . 
K 6 HOH 43  343 249 HOH HOH A . 
K 6 HOH 44  344 67  HOH HOH A . 
K 6 HOH 45  345 82  HOH HOH A . 
K 6 HOH 46  346 148 HOH HOH A . 
K 6 HOH 47  347 141 HOH HOH A . 
K 6 HOH 48  348 144 HOH HOH A . 
K 6 HOH 49  349 198 HOH HOH A . 
K 6 HOH 50  350 43  HOH HOH A . 
K 6 HOH 51  351 226 HOH HOH A . 
K 6 HOH 52  352 2   HOH HOH A . 
K 6 HOH 53  353 233 HOH HOH A . 
K 6 HOH 54  354 126 HOH HOH A . 
K 6 HOH 55  355 60  HOH HOH A . 
K 6 HOH 56  356 52  HOH HOH A . 
K 6 HOH 57  357 250 HOH HOH A . 
K 6 HOH 58  358 17  HOH HOH A . 
K 6 HOH 59  359 97  HOH HOH A . 
K 6 HOH 60  360 28  HOH HOH A . 
K 6 HOH 61  361 88  HOH HOH A . 
K 6 HOH 62  362 19  HOH HOH A . 
K 6 HOH 63  363 27  HOH HOH A . 
K 6 HOH 64  364 114 HOH HOH A . 
K 6 HOH 65  365 118 HOH HOH A . 
K 6 HOH 66  366 29  HOH HOH A . 
K 6 HOH 67  367 81  HOH HOH A . 
K 6 HOH 68  368 12  HOH HOH A . 
K 6 HOH 69  369 25  HOH HOH A . 
K 6 HOH 70  370 54  HOH HOH A . 
K 6 HOH 71  371 112 HOH HOH A . 
K 6 HOH 72  372 119 HOH HOH A . 
K 6 HOH 73  373 26  HOH HOH A . 
K 6 HOH 74  374 78  HOH HOH A . 
K 6 HOH 75  375 24  HOH HOH A . 
K 6 HOH 76  376 71  HOH HOH A . 
K 6 HOH 77  377 121 HOH HOH A . 
K 6 HOH 78  378 50  HOH HOH A . 
K 6 HOH 79  379 174 HOH HOH A . 
K 6 HOH 80  380 169 HOH HOH A . 
K 6 HOH 81  381 220 HOH HOH A . 
K 6 HOH 82  382 146 HOH HOH A . 
K 6 HOH 83  383 9   HOH HOH A . 
K 6 HOH 84  384 84  HOH HOH A . 
K 6 HOH 85  385 36  HOH HOH A . 
K 6 HOH 86  386 173 HOH HOH A . 
K 6 HOH 87  387 111 HOH HOH A . 
K 6 HOH 88  388 31  HOH HOH A . 
K 6 HOH 89  389 45  HOH HOH A . 
K 6 HOH 90  390 100 HOH HOH A . 
K 6 HOH 91  391 105 HOH HOH A . 
K 6 HOH 92  392 178 HOH HOH A . 
K 6 HOH 93  393 40  HOH HOH A . 
K 6 HOH 94  394 20  HOH HOH A . 
K 6 HOH 95  395 132 HOH HOH A . 
K 6 HOH 96  396 120 HOH HOH A . 
K 6 HOH 97  397 62  HOH HOH A . 
K 6 HOH 98  398 124 HOH HOH A . 
K 6 HOH 99  399 15  HOH HOH A . 
K 6 HOH 100 400 95  HOH HOH A . 
K 6 HOH 101 401 179 HOH HOH A . 
K 6 HOH 102 402 214 HOH HOH A . 
K 6 HOH 103 403 63  HOH HOH A . 
K 6 HOH 104 404 49  HOH HOH A . 
K 6 HOH 105 405 42  HOH HOH A . 
K 6 HOH 106 406 53  HOH HOH A . 
K 6 HOH 107 407 106 HOH HOH A . 
K 6 HOH 108 408 191 HOH HOH A . 
K 6 HOH 109 409 204 HOH HOH A . 
K 6 HOH 110 410 61  HOH HOH A . 
K 6 HOH 111 411 47  HOH HOH A . 
K 6 HOH 112 412 69  HOH HOH A . 
K 6 HOH 113 413 155 HOH HOH A . 
K 6 HOH 114 414 55  HOH HOH A . 
K 6 HOH 115 415 48  HOH HOH A . 
K 6 HOH 116 416 90  HOH HOH A . 
K 6 HOH 117 417 18  HOH HOH A . 
K 6 HOH 118 418 51  HOH HOH A . 
K 6 HOH 119 419 80  HOH HOH A . 
K 6 HOH 120 420 66  HOH HOH A . 
K 6 HOH 121 421 38  HOH HOH A . 
K 6 HOH 122 422 138 HOH HOH A . 
K 6 HOH 123 423 58  HOH HOH A . 
K 6 HOH 124 424 96  HOH HOH A . 
K 6 HOH 125 425 64  HOH HOH A . 
K 6 HOH 126 426 177 HOH HOH A . 
K 6 HOH 127 427 176 HOH HOH A . 
K 6 HOH 128 428 123 HOH HOH A . 
K 6 HOH 129 429 113 HOH HOH A . 
K 6 HOH 130 430 11  HOH HOH A . 
K 6 HOH 131 431 195 HOH HOH A . 
K 6 HOH 132 432 203 HOH HOH A . 
K 6 HOH 133 433 192 HOH HOH A . 
K 6 HOH 134 434 102 HOH HOH A . 
K 6 HOH 135 435 91  HOH HOH A . 
K 6 HOH 136 436 14  HOH HOH A . 
K 6 HOH 137 437 6   HOH HOH A . 
K 6 HOH 138 438 23  HOH HOH A . 
K 6 HOH 139 439 89  HOH HOH A . 
K 6 HOH 140 440 224 HOH HOH A . 
K 6 HOH 141 441 10  HOH HOH A . 
K 6 HOH 142 442 76  HOH HOH A . 
K 6 HOH 143 443 101 HOH HOH A . 
K 6 HOH 144 444 159 HOH HOH A . 
K 6 HOH 145 445 74  HOH HOH A . 
K 6 HOH 146 446 230 HOH HOH A . 
K 6 HOH 147 447 65  HOH HOH A . 
K 6 HOH 148 448 210 HOH HOH A . 
K 6 HOH 149 449 136 HOH HOH A . 
K 6 HOH 150 450 158 HOH HOH A . 
K 6 HOH 151 451 117 HOH HOH A . 
K 6 HOH 152 452 213 HOH HOH A . 
K 6 HOH 153 453 212 HOH HOH A . 
K 6 HOH 154 454 228 HOH HOH A . 
K 6 HOH 155 455 87  HOH HOH A . 
K 6 HOH 156 456 175 HOH HOH A . 
K 6 HOH 157 457 241 HOH HOH A . 
K 6 HOH 158 458 154 HOH HOH A . 
K 6 HOH 159 459 98  HOH HOH A . 
K 6 HOH 160 460 245 HOH HOH A . 
K 6 HOH 161 461 140 HOH HOH A . 
K 6 HOH 162 462 151 HOH HOH A . 
K 6 HOH 163 463 190 HOH HOH A . 
K 6 HOH 164 464 134 HOH HOH A . 
K 6 HOH 165 465 99  HOH HOH A . 
K 6 HOH 166 466 157 HOH HOH A . 
K 6 HOH 167 467 251 HOH HOH A . 
K 6 HOH 168 468 231 HOH HOH A . 
K 6 HOH 169 469 232 HOH HOH A . 
K 6 HOH 170 470 207 HOH HOH A . 
K 6 HOH 171 471 127 HOH HOH A . 
K 6 HOH 172 472 75  HOH HOH A . 
K 6 HOH 173 473 85  HOH HOH A . 
K 6 HOH 174 474 86  HOH HOH A . 
K 6 HOH 175 475 73  HOH HOH A . 
K 6 HOH 176 476 122 HOH HOH A . 
K 6 HOH 177 477 83  HOH HOH A . 
K 6 HOH 178 478 223 HOH HOH A . 
K 6 HOH 179 479 202 HOH HOH A . 
K 6 HOH 180 480 129 HOH HOH A . 
K 6 HOH 181 481 206 HOH HOH A . 
K 6 HOH 182 482 222 HOH HOH A . 
K 6 HOH 183 483 56  HOH HOH A . 
K 6 HOH 184 484 209 HOH HOH A . 
K 6 HOH 185 485 162 HOH HOH A . 
K 6 HOH 186 486 208 HOH HOH A . 
K 6 HOH 187 487 236 HOH HOH A . 
K 6 HOH 188 488 221 HOH HOH A . 
K 6 HOH 189 489 153 HOH HOH A . 
K 6 HOH 190 490 165 HOH HOH A . 
K 6 HOH 191 491 199 HOH HOH A . 
K 6 HOH 192 492 92  HOH HOH A . 
K 6 HOH 193 493 125 HOH HOH A . 
K 6 HOH 194 494 252 HOH HOH A . 
K 6 HOH 195 495 164 HOH HOH A . 
# 
loop_
_software.classification 
_software.name 
_software.version 
_software.citation_id 
_software.pdbx_ordinal 
refinement       REFMAC  5.8.0267 ? 1 
refinement       REFMAC5 .        ? 2 
'data scaling'   Aimless .        ? 3 
phasing          PHASER  .        ? 4 
'data reduction' XDS     .        ? 5 
# 
_cell.entry_id           7H48 
_cell.length_a           85.834 
_cell.length_b           56.281 
_cell.length_c           32.379 
_cell.angle_alpha        90.00 
_cell.angle_beta         94.99 
_cell.angle_gamma        90.00 
_cell.Z_PDB              4 
_cell.pdbx_unique_axis   ? 
# 
_symmetry.entry_id                         7H48 
_symmetry.space_group_name_H-M             'C 1 2 1' 
_symmetry.pdbx_full_space_group_name_H-M   ? 
_symmetry.cell_setting                     ? 
_symmetry.Int_Tables_number                5 
# 
_exptl.entry_id          7H48 
_exptl.method            'X-RAY DIFFRACTION' 
_exptl.crystals_number   1 
# 
_exptl_crystal.id                    1 
_exptl_crystal.density_meas          ? 
_exptl_crystal.density_Matthews      2.36 
_exptl_crystal.density_percent_sol   47.92 
_exptl_crystal.description           ? 
# 
_exptl_crystal_grow.crystal_id      1 
_exptl_crystal_grow.method          'VAPOR DIFFUSION, SITTING DROP' 
_exptl_crystal_grow.pH              6.05 
_exptl_crystal_grow.temp            293.15 
_exptl_crystal_grow.pdbx_details    '0.1 M MES, pH 6.05, 16 % PEG 20,000' 
_exptl_crystal_grow.temp_details    ? 
_exptl_crystal_grow.pdbx_pH_range   ? 
# 
_diffrn.id                     1 
_diffrn.ambient_temp           100 
_diffrn.crystal_id             1 
_diffrn.ambient_temp_details   ? 
# 
_diffrn_detector.detector               PIXEL 
_diffrn_detector.type                   'DECTRIS EIGER2 XE 16M' 
_diffrn_detector.pdbx_collection_date   2023-10-11 
_diffrn_detector.diffrn_id              1 
_diffrn_detector.details                ? 
# 
_diffrn_radiation.diffrn_id                        1 
_diffrn_radiation.wavelength_id                    1 
_diffrn_radiation.pdbx_diffrn_protocol             'SINGLE WAVELENGTH' 
_diffrn_radiation.pdbx_monochromatic_or_laue_m_l   ? 
_diffrn_radiation.monochromator                    ? 
_diffrn_radiation.pdbx_scattering_type             x-ray 
# 
_diffrn_radiation_wavelength.id           1 
_diffrn_radiation_wavelength.wavelength   0.94054 
_diffrn_radiation_wavelength.wt           1.0 
# 
_diffrn_source.diffrn_id                   1 
_diffrn_source.source                      SYNCHROTRON 
_diffrn_source.type                        'DIAMOND BEAMLINE I03' 
_diffrn_source.pdbx_wavelength_list        0.94054 
_diffrn_source.pdbx_synchrotron_site       Diamond 
_diffrn_source.pdbx_synchrotron_beamline   I03 
_diffrn_source.pdbx_wavelength             ? 
# 
_reflns.entry_id                     7H48 
_reflns.pdbx_diffrn_id               1 
_reflns.pdbx_ordinal                 1 
_reflns.d_resolution_low             47.01 
_reflns.d_resolution_high            1.23 
_reflns.number_obs                   44250 
_reflns.percent_possible_obs         99.4 
_reflns.pdbx_Rmerge_I_obs            0.071 
_reflns.pdbx_netI_over_sigmaI        11.6 
_reflns.pdbx_redundancy              6.8 
_reflns.pdbx_Rrim_I_all              0.077 
_reflns.pdbx_Rpim_I_all              0.029 
_reflns.pdbx_CC_half                 0.999 
_reflns.pdbx_number_measured_all     302721 
_reflns.pdbx_chi_squared             0.61 
_reflns.observed_criterion_sigma_I   ? 
_reflns.observed_criterion_sigma_F   ? 
_reflns.number_all                   ? 
_reflns.pdbx_Rsym_value              ? 
_reflns.B_iso_Wilson_estimate        ? 
# 
_reflns_shell.pdbx_diffrn_id              1 
_reflns_shell.pdbx_ordinal                1 
_reflns_shell.d_res_high                  1.23 
_reflns_shell.d_res_low                   1.25 
_reflns_shell.number_measured_all         15136 
_reflns_shell.number_unique_obs           2203 
_reflns_shell.Rmerge_I_obs                2.147 
_reflns_shell.pdbx_chi_squared            0.21 
_reflns_shell.pdbx_redundancy             6.9 
_reflns_shell.percent_possible_obs        99.1 
_reflns_shell.pdbx_netI_over_sigmaI_obs   0.4 
_reflns_shell.pdbx_Rrim_I_all             2.321 
_reflns_shell.pdbx_Rpim_I_all             0.873 
_reflns_shell.pdbx_CC_half                0.355 
_reflns_shell.percent_possible_all        ? 
_reflns_shell.pdbx_Rsym_value             ? 
_reflns_shell.meanI_over_sigI_obs         ? 
# 
_refine.pdbx_refine_id                           'X-RAY DIFFRACTION' 
_refine.entry_id                                 7H48 
_refine.pdbx_diffrn_id                           1 
_refine.pdbx_TLS_residual_ADP_flag               ? 
_refine.ls_number_reflns_obs                     41989 
_refine.ls_number_reflns_all                     ? 
_refine.pdbx_ls_sigma_I                          ? 
_refine.pdbx_ls_sigma_F                          ? 
_refine.pdbx_data_cutoff_high_absF               ? 
_refine.pdbx_data_cutoff_low_absF                ? 
_refine.pdbx_data_cutoff_high_rms_absF           ? 
_refine.ls_d_res_low                             47.01 
_refine.ls_d_res_high                            1.23 
_refine.ls_percent_reflns_obs                    99.14 
_refine.ls_R_factor_obs                          0.21052 
_refine.ls_R_factor_all                          ? 
_refine.ls_R_factor_R_work                       0.20860 
_refine.ls_R_factor_R_free                       0.24607 
_refine.ls_R_factor_R_free_error                 ? 
_refine.ls_R_factor_R_free_error_details         ? 
_refine.ls_percent_reflns_R_free                 4.9 
_refine.ls_number_reflns_R_free                  2182 
_refine.ls_number_parameters                     ? 
_refine.ls_number_restraints                     ? 
_refine.occupancy_min                            ? 
_refine.occupancy_max                            ? 
_refine.correlation_coeff_Fo_to_Fc               0.968 
_refine.correlation_coeff_Fo_to_Fc_free          0.955 
_refine.B_iso_mean                               23.664 
_refine.aniso_B[1][1]                            0.18 
_refine.aniso_B[2][2]                            0.15 
_refine.aniso_B[3][3]                            -0.24 
_refine.aniso_B[1][2]                            0.00 
_refine.aniso_B[1][3]                            -0.49 
_refine.aniso_B[2][3]                            0.00 
_refine.solvent_model_details                    MASK 
_refine.solvent_model_param_ksol                 ? 
_refine.solvent_model_param_bsol                 ? 
_refine.pdbx_solvent_vdw_probe_radii             1.20 
_refine.pdbx_solvent_ion_probe_radii             0.80 
_refine.pdbx_solvent_shrinkage_radii             0.80 
_refine.pdbx_ls_cross_valid_method               THROUGHOUT 
_refine.details                                  'HYDROGENS HAVE BEEN ADDED IN THE RIDING POSITIONS' 
_refine.pdbx_starting_model                      ? 
_refine.pdbx_method_to_determine_struct          'MOLECULAR REPLACEMENT' 
_refine.pdbx_isotropic_thermal_model             ? 
_refine.pdbx_stereochemistry_target_values       'MAXIMUM LIKELIHOOD' 
_refine.pdbx_stereochem_target_val_spec_case     ? 
_refine.pdbx_R_Free_selection_details            RANDOM 
_refine.pdbx_overall_ESU_R                       0.062 
_refine.pdbx_overall_ESU_R_Free                  0.066 
_refine.overall_SU_ML                            ? 
_refine.pdbx_overall_phase_error                 ? 
_refine.overall_SU_B                             ? 
_refine.overall_SU_R_Cruickshank_DPI             ? 
_refine.pdbx_overall_SU_R_free_Cruickshank_DPI   ? 
_refine.pdbx_overall_SU_R_Blow_DPI               ? 
_refine.pdbx_overall_SU_R_free_Blow_DPI          ? 
# 
_refine_hist.pdbx_refine_id                   'X-RAY DIFFRACTION' 
_refine_hist.cycle_id                         1 
_refine_hist.pdbx_number_atoms_protein        1083 
_refine_hist.pdbx_number_atoms_nucleic_acid   0 
_refine_hist.pdbx_number_atoms_ligand         45 
_refine_hist.number_atoms_solvent             195 
_refine_hist.number_atoms_total               1323 
_refine_hist.d_res_high                       1.23 
_refine_hist.d_res_low                        47.01 
# 
loop_
_refine_ls_restr.type 
_refine_ls_restr.dev_ideal 
_refine_ls_restr.dev_ideal_target 
_refine_ls_restr.weight 
_refine_ls_restr.number 
_refine_ls_restr.pdbx_refine_id 
_refine_ls_restr.pdbx_restraint_function 
r_bond_refined_d             0.010  0.014  ? 1994 'X-RAY DIFFRACTION' ? 
r_bond_other_d               0.035  0.014  ? 1427 'X-RAY DIFFRACTION' ? 
r_angle_refined_deg          1.650  1.634  ? 2225 'X-RAY DIFFRACTION' ? 
r_angle_other_deg            2.392  1.603  ? 3306 'X-RAY DIFFRACTION' ? 
r_dihedral_angle_1_deg       6.713  5.000  ? 214  'X-RAY DIFFRACTION' ? 
r_dihedral_angle_2_deg       35.192 21.744 ? 86   'X-RAY DIFFRACTION' ? 
r_dihedral_angle_3_deg       13.081 15.000 ? 247  'X-RAY DIFFRACTION' ? 
r_dihedral_angle_4_deg       25.490 15.000 ? 12   'X-RAY DIFFRACTION' ? 
r_chiral_restr               0.070  0.200  ? 202  'X-RAY DIFFRACTION' ? 
r_gen_planes_refined         0.011  0.020  ? 2007 'X-RAY DIFFRACTION' ? 
r_gen_planes_other           0.015  0.020  ? 389  'X-RAY DIFFRACTION' ? 
r_nbd_refined                ?      ?      ? ?    'X-RAY DIFFRACTION' ? 
r_nbd_other                  ?      ?      ? ?    'X-RAY DIFFRACTION' ? 
r_nbtor_refined              ?      ?      ? ?    'X-RAY DIFFRACTION' ? 
r_nbtor_other                ?      ?      ? ?    'X-RAY DIFFRACTION' ? 
r_xyhbond_nbd_refined        ?      ?      ? ?    'X-RAY DIFFRACTION' ? 
r_xyhbond_nbd_other          ?      ?      ? ?    'X-RAY DIFFRACTION' ? 
r_metal_ion_refined          ?      ?      ? ?    'X-RAY DIFFRACTION' ? 
r_metal_ion_other            ?      ?      ? ?    'X-RAY DIFFRACTION' ? 
r_symmetry_vdw_refined       ?      ?      ? ?    'X-RAY DIFFRACTION' ? 
r_symmetry_vdw_other         ?      ?      ? ?    'X-RAY DIFFRACTION' ? 
r_symmetry_hbond_refined     ?      ?      ? ?    'X-RAY DIFFRACTION' ? 
r_symmetry_hbond_other       ?      ?      ? ?    'X-RAY DIFFRACTION' ? 
r_symmetry_metal_ion_refined ?      ?      ? ?    'X-RAY DIFFRACTION' ? 
r_symmetry_metal_ion_other   ?      ?      ? ?    'X-RAY DIFFRACTION' ? 
r_mcbond_it                  1.409  2.426  ? 1023 'X-RAY DIFFRACTION' ? 
r_mcbond_other               1.466  2.294  ? 946  'X-RAY DIFFRACTION' ? 
r_mcangle_it                 2.473  3.305  ? 1030 'X-RAY DIFFRACTION' ? 
r_mcangle_other              2.471  3.307  ? 1031 'X-RAY DIFFRACTION' ? 
r_scbond_it                  1.802  2.597  ? 970  'X-RAY DIFFRACTION' ? 
r_scbond_other               1.778  2.569  ? 968  'X-RAY DIFFRACTION' ? 
r_scangle_it                 ?      ?      ? ?    'X-RAY DIFFRACTION' ? 
r_scangle_other              2.639  3.659  ? 1190 'X-RAY DIFFRACTION' ? 
r_long_range_B_refined       7.773  27.716 ? 1907 'X-RAY DIFFRACTION' ? 
r_long_range_B_other         7.771  27.753 ? 1908 'X-RAY DIFFRACTION' ? 
r_rigid_bond_restr           ?      ?      ? ?    'X-RAY DIFFRACTION' ? 
r_sphericity_free            ?      ?      ? ?    'X-RAY DIFFRACTION' ? 
r_sphericity_bonded          ?      ?      ? ?    'X-RAY DIFFRACTION' ? 
# 
_refine_ls_shell.pdbx_refine_id                   'X-RAY DIFFRACTION' 
_refine_ls_shell.pdbx_total_number_of_bins_used   20 
_refine_ls_shell.d_res_high                       1.230 
_refine_ls_shell.d_res_low                        1.262 
_refine_ls_shell.number_reflns_R_work             3027 
_refine_ls_shell.R_factor_R_work                  0.369 
_refine_ls_shell.percent_reflns_obs               97.97 
_refine_ls_shell.R_factor_R_free                  0.366 
_refine_ls_shell.R_factor_R_free_error            ? 
_refine_ls_shell.percent_reflns_R_free            ? 
_refine_ls_shell.number_reflns_R_free             166 
_refine_ls_shell.number_reflns_all                ? 
_refine_ls_shell.R_factor_all                     ? 
# 
_struct.entry_id                  7H48 
_struct.title                     
;Group deposition for crystallographic fragment screening of Coxsackievirus A16 (G-10) 2A protease -- Crystal structure of Coxsackievirus A16 (G-10) 2A protease in complex with Z1333043510 (A71EV2A-x0586)
;
_struct.pdbx_model_details        ? 
_struct.pdbx_CASP_flag            ? 
_struct.pdbx_model_type_details   ? 
# 
_struct_keywords.entry_id        7H48 
_struct_keywords.pdbx_keywords   HYDROLASE 
_struct_keywords.text            
;Diamond Light Source, I03, ASAP, Coxsackievirus A16, crystallographic fragment screening, PanDDA, Pandda2, XChemExplorer, viral protein, HYDROLASE
;
# 
loop_
_struct_asym.id 
_struct_asym.pdbx_blank_PDB_chainid_flag 
_struct_asym.pdbx_modified 
_struct_asym.entity_id 
_struct_asym.details 
A N N 1 ? 
B N N 2 ? 
C N N 3 ? 
D N N 4 ? 
E N N 4 ? 
F N N 4 ? 
G N N 4 ? 
H N N 4 ? 
I N N 4 ? 
J N N 5 ? 
K N N 6 ? 
# 
_struct_ref.id                         1 
_struct_ref.db_name                    UNP 
_struct_ref.db_code                    POLG_CX16G 
_struct_ref.pdbx_db_accession          Q65900 
_struct_ref.pdbx_db_isoform            ? 
_struct_ref.entity_id                  1 
_struct_ref.pdbx_seq_one_letter_code   
;SGAIYVGNYRVVNRHLATHNDWANLVWEDSSRDLLVSSTTAQGCDTIARCDCQTGVYYCSSRRKHYPVSFSKPSLIFVEA
SEYYPARYQSHLMLAVGHSEPGDCGGILRCQHGVVGIVSTGGNGLVGFADVRDLLWLDEEAMEQ
;
_struct_ref.pdbx_align_begin           869 
# 
_struct_ref_seq.align_id                      1 
_struct_ref_seq.ref_id                        1 
_struct_ref_seq.pdbx_PDB_id_code              7H48 
_struct_ref_seq.pdbx_strand_id                A 
_struct_ref_seq.seq_align_beg                 7 
_struct_ref_seq.pdbx_seq_align_beg_ins_code   ? 
_struct_ref_seq.seq_align_end                 150 
_struct_ref_seq.pdbx_seq_align_end_ins_code   ? 
_struct_ref_seq.pdbx_db_accession             Q65900 
_struct_ref_seq.db_align_beg                  869 
_struct_ref_seq.pdbx_db_align_beg_ins_code    ? 
_struct_ref_seq.db_align_end                  1012 
_struct_ref_seq.pdbx_db_align_end_ins_code    ? 
_struct_ref_seq.pdbx_auth_seq_align_beg       7 
_struct_ref_seq.pdbx_auth_seq_align_end       150 
# 
loop_
_struct_ref_seq_dif.align_id 
_struct_ref_seq_dif.pdbx_pdb_id_code 
_struct_ref_seq_dif.mon_id 
_struct_ref_seq_dif.pdbx_pdb_strand_id 
_struct_ref_seq_dif.seq_num 
_struct_ref_seq_dif.pdbx_pdb_ins_code 
_struct_ref_seq_dif.pdbx_seq_db_name 
_struct_ref_seq_dif.pdbx_seq_db_accession_code 
_struct_ref_seq_dif.db_mon_id 
_struct_ref_seq_dif.pdbx_seq_db_seq_num 
_struct_ref_seq_dif.details 
_struct_ref_seq_dif.pdbx_auth_seq_num 
_struct_ref_seq_dif.pdbx_ordinal 
1 7H48 GLN A 1 ? UNP Q65900 ? ? 'expression tag' 1 1 
1 7H48 GLU A 2 ? UNP Q65900 ? ? 'expression tag' 2 2 
1 7H48 GLN A 3 ? UNP Q65900 ? ? 'expression tag' 3 3 
1 7H48 THR A 4 ? UNP Q65900 ? ? 'expression tag' 4 4 
1 7H48 GLY A 5 ? UNP Q65900 ? ? 'expression tag' 5 5 
1 7H48 GLY A 6 ? UNP Q65900 ? ? 'expression tag' 6 6 
# 
_pdbx_struct_assembly.id                   1 
_pdbx_struct_assembly.details              author_and_software_defined_assembly 
_pdbx_struct_assembly.method_details       PISA 
_pdbx_struct_assembly.oligomeric_details   monomeric 
_pdbx_struct_assembly.oligomeric_count     1 
# 
loop_
_pdbx_struct_assembly_prop.biol_id 
_pdbx_struct_assembly_prop.type 
_pdbx_struct_assembly_prop.value 
_pdbx_struct_assembly_prop.details 
1 'ABSA (A^2)' 1010 ? 
1 MORE         -5   ? 
1 'SSA (A^2)'  7530 ? 
# 
_pdbx_struct_assembly_gen.assembly_id       1 
_pdbx_struct_assembly_gen.oper_expression   1 
_pdbx_struct_assembly_gen.asym_id_list      A,B,C,D,E,F,G,H,I,J,K 
# 
_pdbx_struct_oper_list.id                   1 
_pdbx_struct_oper_list.type                 'identity operation' 
_pdbx_struct_oper_list.name                 1_555 
_pdbx_struct_oper_list.symmetry_operation   x,y,z 
_pdbx_struct_oper_list.matrix[1][1]         1.0000000000 
_pdbx_struct_oper_list.matrix[1][2]         0.0000000000 
_pdbx_struct_oper_list.matrix[1][3]         0.0000000000 
_pdbx_struct_oper_list.vector[1]            0.0000000000 
_pdbx_struct_oper_list.matrix[2][1]         0.0000000000 
_pdbx_struct_oper_list.matrix[2][2]         1.0000000000 
_pdbx_struct_oper_list.matrix[2][3]         0.0000000000 
_pdbx_struct_oper_list.vector[2]            0.0000000000 
_pdbx_struct_oper_list.matrix[3][1]         0.0000000000 
_pdbx_struct_oper_list.matrix[3][2]         0.0000000000 
_pdbx_struct_oper_list.matrix[3][3]         1.0000000000 
_pdbx_struct_oper_list.vector[3]            0.0000000000 
# 
loop_
_struct_conf.conf_type_id 
_struct_conf.id 
_struct_conf.pdbx_PDB_helix_id 
_struct_conf.beg_label_comp_id 
_struct_conf.beg_label_asym_id 
_struct_conf.beg_label_seq_id 
_struct_conf.pdbx_beg_PDB_ins_code 
_struct_conf.end_label_comp_id 
_struct_conf.end_label_asym_id 
_struct_conf.end_label_seq_id 
_struct_conf.pdbx_end_PDB_ins_code 
_struct_conf.beg_auth_comp_id 
_struct_conf.beg_auth_asym_id 
_struct_conf.beg_auth_seq_id 
_struct_conf.end_auth_comp_id 
_struct_conf.end_auth_asym_id 
_struct_conf.end_auth_seq_id 
_struct_conf.pdbx_PDB_helix_class 
_struct_conf.details 
_struct_conf.pdbx_PDB_helix_length 
HELX_P HELX_P1 AA1 HIS A 21  ? ALA A 23  ? HIS A 21  ALA A 23  5 ? 3 
HELX_P HELX_P2 AA2 THR A 24  ? ASN A 30  ? THR A 24  ASN A 30  1 ? 7 
HELX_P HELX_P3 AA3 SER A 36  ? ARG A 38  ? SER A 36  ARG A 38  5 ? 3 
HELX_P HELX_P4 AA4 SER A 66  ? ARG A 69  ? SER A 66  ARG A 69  5 ? 4 
HELX_P HELX_P5 AA5 GLU A 106 ? CYS A 110 ? GLU A 106 CYS A 110 5 ? 5 
HELX_P HELX_P6 AA6 LEU A 140 ? GLU A 145 ? LEU A 140 GLU A 145 5 ? 6 
# 
_struct_conf_type.id          HELX_P 
_struct_conf_type.criteria    ? 
_struct_conf_type.reference   ? 
# 
loop_
_struct_conn.id 
_struct_conn.conn_type_id 
_struct_conn.pdbx_leaving_atom_flag 
_struct_conn.pdbx_PDB_id 
_struct_conn.ptnr1_label_asym_id 
_struct_conn.ptnr1_label_comp_id 
_struct_conn.ptnr1_label_seq_id 
_struct_conn.ptnr1_label_atom_id 
_struct_conn.pdbx_ptnr1_label_alt_id 
_struct_conn.pdbx_ptnr1_PDB_ins_code 
_struct_conn.pdbx_ptnr1_standard_comp_id 
_struct_conn.ptnr1_symmetry 
_struct_conn.ptnr2_label_asym_id 
_struct_conn.ptnr2_label_comp_id 
_struct_conn.ptnr2_label_seq_id 
_struct_conn.ptnr2_label_atom_id 
_struct_conn.pdbx_ptnr2_label_alt_id 
_struct_conn.pdbx_ptnr2_PDB_ins_code 
_struct_conn.ptnr1_auth_asym_id 
_struct_conn.ptnr1_auth_comp_id 
_struct_conn.ptnr1_auth_seq_id 
_struct_conn.ptnr2_auth_asym_id 
_struct_conn.ptnr2_auth_comp_id 
_struct_conn.ptnr2_auth_seq_id 
_struct_conn.ptnr2_symmetry 
_struct_conn.pdbx_ptnr3_label_atom_id 
_struct_conn.pdbx_ptnr3_label_seq_id 
_struct_conn.pdbx_ptnr3_label_comp_id 
_struct_conn.pdbx_ptnr3_label_asym_id 
_struct_conn.pdbx_ptnr3_label_alt_id 
_struct_conn.pdbx_ptnr3_PDB_ins_code 
_struct_conn.details 
_struct_conn.pdbx_dist_value 
_struct_conn.pdbx_value_order 
_struct_conn.pdbx_role 
metalc1 metalc ? ? A CYS 56  SG  ? ? ? 1_555 C ZN . ZN ? ? A CYS 56  A ZN 202 1_555 ? ? ? ? ? ? ? 2.351 ? ? 
metalc2 metalc ? ? A CYS 58  SG  ? ? ? 1_555 C ZN . ZN ? ? A CYS 58  A ZN 202 1_555 ? ? ? ? ? ? ? 2.323 ? ? 
metalc3 metalc ? ? A CYS 116 SG  ? ? ? 1_555 C ZN . ZN ? ? A CYS 116 A ZN 202 1_555 ? ? ? ? ? ? ? 2.237 ? ? 
metalc4 metalc ? ? A HIS 118 ND1 ? ? ? 1_555 C ZN . ZN ? ? A HIS 118 A ZN 202 1_555 ? ? ? ? ? ? ? 2.043 ? ? 
# 
_struct_conn_type.id          metalc 
_struct_conn_type.criteria    ? 
_struct_conn_type.reference   ? 
# 
loop_
_pdbx_struct_conn_angle.id 
_pdbx_struct_conn_angle.ptnr1_label_atom_id 
_pdbx_struct_conn_angle.ptnr1_label_alt_id 
_pdbx_struct_conn_angle.ptnr1_label_asym_id 
_pdbx_struct_conn_angle.ptnr1_label_comp_id 
_pdbx_struct_conn_angle.ptnr1_label_seq_id 
_pdbx_struct_conn_angle.ptnr1_auth_atom_id 
_pdbx_struct_conn_angle.ptnr1_auth_asym_id 
_pdbx_struct_conn_angle.ptnr1_auth_comp_id 
_pdbx_struct_conn_angle.ptnr1_auth_seq_id 
_pdbx_struct_conn_angle.ptnr1_PDB_ins_code 
_pdbx_struct_conn_angle.ptnr1_symmetry 
_pdbx_struct_conn_angle.ptnr2_label_atom_id 
_pdbx_struct_conn_angle.ptnr2_label_alt_id 
_pdbx_struct_conn_angle.ptnr2_label_asym_id 
_pdbx_struct_conn_angle.ptnr2_label_comp_id 
_pdbx_struct_conn_angle.ptnr2_label_seq_id 
_pdbx_struct_conn_angle.ptnr2_auth_atom_id 
_pdbx_struct_conn_angle.ptnr2_auth_asym_id 
_pdbx_struct_conn_angle.ptnr2_auth_comp_id 
_pdbx_struct_conn_angle.ptnr2_auth_seq_id 
_pdbx_struct_conn_angle.ptnr2_PDB_ins_code 
_pdbx_struct_conn_angle.ptnr2_symmetry 
_pdbx_struct_conn_angle.ptnr3_label_atom_id 
_pdbx_struct_conn_angle.ptnr3_label_alt_id 
_pdbx_struct_conn_angle.ptnr3_label_asym_id 
_pdbx_struct_conn_angle.ptnr3_label_comp_id 
_pdbx_struct_conn_angle.ptnr3_label_seq_id 
_pdbx_struct_conn_angle.ptnr3_auth_atom_id 
_pdbx_struct_conn_angle.ptnr3_auth_asym_id 
_pdbx_struct_conn_angle.ptnr3_auth_comp_id 
_pdbx_struct_conn_angle.ptnr3_auth_seq_id 
_pdbx_struct_conn_angle.ptnr3_PDB_ins_code 
_pdbx_struct_conn_angle.ptnr3_symmetry 
_pdbx_struct_conn_angle.value 
_pdbx_struct_conn_angle.value_esd 
1 SG ? A CYS 56  ? A CYS 56  ? 1_555 ZN ? C ZN . ? A ZN 202 ? 1_555 SG  ? A CYS 58  ? A CYS 58  ? 1_555 108.5 ? 
2 SG ? A CYS 56  ? A CYS 56  ? 1_555 ZN ? C ZN . ? A ZN 202 ? 1_555 SG  ? A CYS 116 ? A CYS 116 ? 1_555 106.5 ? 
3 SG ? A CYS 58  ? A CYS 58  ? 1_555 ZN ? C ZN . ? A ZN 202 ? 1_555 SG  ? A CYS 116 ? A CYS 116 ? 1_555 117.5 ? 
4 SG ? A CYS 56  ? A CYS 56  ? 1_555 ZN ? C ZN . ? A ZN 202 ? 1_555 ND1 ? A HIS 118 ? A HIS 118 ? 1_555 104.8 ? 
5 SG ? A CYS 58  ? A CYS 58  ? 1_555 ZN ? C ZN . ? A ZN 202 ? 1_555 ND1 ? A HIS 118 ? A HIS 118 ? 1_555 100.3 ? 
6 SG ? A CYS 116 ? A CYS 116 ? 1_555 ZN ? C ZN . ? A ZN 202 ? 1_555 ND1 ? A HIS 118 ? A HIS 118 ? 1_555 118.4 ? 
# 
loop_
_struct_sheet.id 
_struct_sheet.type 
_struct_sheet.number_strands 
_struct_sheet.details 
AA1 ? 3 ? 
AA2 ? 7 ? 
# 
loop_
_struct_sheet_order.sheet_id 
_struct_sheet_order.range_id_1 
_struct_sheet_order.range_id_2 
_struct_sheet_order.offset 
_struct_sheet_order.sense 
AA1 1 2 ? anti-parallel 
AA1 2 3 ? anti-parallel 
AA2 1 2 ? anti-parallel 
AA2 2 3 ? anti-parallel 
AA2 3 4 ? anti-parallel 
AA2 4 5 ? anti-parallel 
AA2 5 6 ? anti-parallel 
AA2 6 7 ? anti-parallel 
# 
loop_
_struct_sheet_range.sheet_id 
_struct_sheet_range.id 
_struct_sheet_range.beg_label_comp_id 
_struct_sheet_range.beg_label_asym_id 
_struct_sheet_range.beg_label_seq_id 
_struct_sheet_range.pdbx_beg_PDB_ins_code 
_struct_sheet_range.end_label_comp_id 
_struct_sheet_range.end_label_asym_id 
_struct_sheet_range.end_label_seq_id 
_struct_sheet_range.pdbx_end_PDB_ins_code 
_struct_sheet_range.beg_auth_comp_id 
_struct_sheet_range.beg_auth_asym_id 
_struct_sheet_range.beg_auth_seq_id 
_struct_sheet_range.end_auth_comp_id 
_struct_sheet_range.end_auth_asym_id 
_struct_sheet_range.end_auth_seq_id 
AA1 1 LEU A 31  ? ASP A 35  ? LEU A 31  ASP A 35  
AA1 2 LEU A 40  ? CYS A 50  ? LEU A 40  CYS A 50  
AA1 3 ILE A 10  ? ASN A 19  ? ILE A 10  ASN A 19  
AA2 1 LYS A 70  ? SER A 75  ? LYS A 70  SER A 75  
AA2 2 THR A 60  ? CYS A 65  ? THR A 60  CYS A 65  
AA2 3 ILE A 113 ? CYS A 116 ? ILE A 113 CYS A 116 
AA2 4 GLY A 119 ? THR A 126 ? GLY A 119 THR A 126 
AA2 5 LEU A 131 ? ASP A 136 ? LEU A 131 ASP A 136 
AA2 6 ARG A 93  ? VAL A 102 ? ARG A 93  VAL A 102 
AA2 7 SER A 80  ? VAL A 84  ? SER A 80  VAL A 84  
# 
loop_
_pdbx_struct_sheet_hbond.sheet_id 
_pdbx_struct_sheet_hbond.range_id_1 
_pdbx_struct_sheet_hbond.range_id_2 
_pdbx_struct_sheet_hbond.range_1_label_atom_id 
_pdbx_struct_sheet_hbond.range_1_label_comp_id 
_pdbx_struct_sheet_hbond.range_1_label_asym_id 
_pdbx_struct_sheet_hbond.range_1_label_seq_id 
_pdbx_struct_sheet_hbond.range_1_PDB_ins_code 
_pdbx_struct_sheet_hbond.range_1_auth_atom_id 
_pdbx_struct_sheet_hbond.range_1_auth_comp_id 
_pdbx_struct_sheet_hbond.range_1_auth_asym_id 
_pdbx_struct_sheet_hbond.range_1_auth_seq_id 
_pdbx_struct_sheet_hbond.range_2_label_atom_id 
_pdbx_struct_sheet_hbond.range_2_label_comp_id 
_pdbx_struct_sheet_hbond.range_2_label_asym_id 
_pdbx_struct_sheet_hbond.range_2_label_seq_id 
_pdbx_struct_sheet_hbond.range_2_PDB_ins_code 
_pdbx_struct_sheet_hbond.range_2_auth_atom_id 
_pdbx_struct_sheet_hbond.range_2_auth_comp_id 
_pdbx_struct_sheet_hbond.range_2_auth_asym_id 
_pdbx_struct_sheet_hbond.range_2_auth_seq_id 
AA1 1 2 N TRP A 33  ? N TRP A 33  O VAL A 42  ? O VAL A 42  
AA1 2 3 N LEU A 41  ? N LEU A 41  O VAL A 18  ? O VAL A 18  
AA2 1 2 O LYS A 70  ? O LYS A 70  N CYS A 65  ? N CYS A 65  
AA2 2 3 N VAL A 62  ? N VAL A 62  O ARG A 115 ? O ARG A 115 
AA2 3 4 N LEU A 114 ? N LEU A 114 O VAL A 121 ? O VAL A 121 
AA2 4 5 N SER A 125 ? N SER A 125 O GLY A 133 ? O GLY A 133 
AA2 5 6 O PHE A 134 ? O PHE A 134 N MET A 99  ? N MET A 99  
AA2 6 7 O ARG A 93  ? O ARG A 93  N VAL A 84  ? N VAL A 84  
# 
_pdbx_entry_details.entry_id                   7H48 
_pdbx_entry_details.compound_details           ? 
_pdbx_entry_details.source_details             ? 
_pdbx_entry_details.nonpolymer_details         ? 
_pdbx_entry_details.sequence_details           ? 
_pdbx_entry_details.has_ligand_of_interest     ? 
_pdbx_entry_details.has_protein_modification   N 
# 
_pdbx_validate_symm_contact.id                1 
_pdbx_validate_symm_contact.PDB_model_num     1 
_pdbx_validate_symm_contact.auth_atom_id_1    O3 
_pdbx_validate_symm_contact.auth_asym_id_1    A 
_pdbx_validate_symm_contact.auth_comp_id_1    SO4 
_pdbx_validate_symm_contact.auth_seq_id_1     209 
_pdbx_validate_symm_contact.PDB_ins_code_1    ? 
_pdbx_validate_symm_contact.label_alt_id_1    ? 
_pdbx_validate_symm_contact.site_symmetry_1   1_555 
_pdbx_validate_symm_contact.auth_atom_id_2    O3 
_pdbx_validate_symm_contact.auth_asym_id_2    A 
_pdbx_validate_symm_contact.auth_comp_id_2    SO4 
_pdbx_validate_symm_contact.auth_seq_id_2     209 
_pdbx_validate_symm_contact.PDB_ins_code_2    ? 
_pdbx_validate_symm_contact.label_alt_id_2    ? 
_pdbx_validate_symm_contact.site_symmetry_2   2_556 
_pdbx_validate_symm_contact.dist              1.72 
# 
_pdbx_validate_torsion.id              1 
_pdbx_validate_torsion.PDB_model_num   1 
_pdbx_validate_torsion.auth_comp_id    SER 
_pdbx_validate_torsion.auth_asym_id    A 
_pdbx_validate_torsion.auth_seq_id     125 
_pdbx_validate_torsion.PDB_ins_code    ? 
_pdbx_validate_torsion.label_alt_id    ? 
_pdbx_validate_torsion.phi             -132.44 
_pdbx_validate_torsion.psi             -31.44 
# 
loop_
_pdbx_unobs_or_zero_occ_residues.id 
_pdbx_unobs_or_zero_occ_residues.PDB_model_num 
_pdbx_unobs_or_zero_occ_residues.polymer_flag 
_pdbx_unobs_or_zero_occ_residues.occupancy_flag 
_pdbx_unobs_or_zero_occ_residues.auth_asym_id 
_pdbx_unobs_or_zero_occ_residues.auth_comp_id 
_pdbx_unobs_or_zero_occ_residues.auth_seq_id 
_pdbx_unobs_or_zero_occ_residues.PDB_ins_code 
_pdbx_unobs_or_zero_occ_residues.label_asym_id 
_pdbx_unobs_or_zero_occ_residues.label_comp_id 
_pdbx_unobs_or_zero_occ_residues.label_seq_id 
1  1 Y 1 A GLN 1   ? A GLN 1   
2  1 Y 1 A GLU 2   ? A GLU 2   
3  1 Y 1 A GLN 3   ? A GLN 3   
4  1 Y 1 A THR 4   ? A THR 4   
5  1 Y 1 A GLY 5   ? A GLY 5   
6  1 Y 1 A GLY 6   ? A GLY 6   
7  1 Y 1 A ALA 147 ? A ALA 147 
8  1 Y 1 A MET 148 ? A MET 148 
9  1 Y 1 A GLU 149 ? A GLU 149 
10 1 Y 1 A GLN 150 ? A GLN 150 
# 
loop_
_chem_comp_atom.comp_id 
_chem_comp_atom.atom_id 
_chem_comp_atom.type_symbol 
_chem_comp_atom.pdbx_aromatic_flag 
_chem_comp_atom.pdbx_stereo_config 
_chem_comp_atom.pdbx_ordinal 
ALA N    N  N N 1   
ALA CA   C  N S 2   
ALA C    C  N N 3   
ALA O    O  N N 4   
ALA CB   C  N N 5   
ALA OXT  O  N N 6   
ALA H    H  N N 7   
ALA H2   H  N N 8   
ALA HA   H  N N 9   
ALA HB1  H  N N 10  
ALA HB2  H  N N 11  
ALA HB3  H  N N 12  
ALA HXT  H  N N 13  
ARG N    N  N N 14  
ARG CA   C  N S 15  
ARG C    C  N N 16  
ARG O    O  N N 17  
ARG CB   C  N N 18  
ARG CG   C  N N 19  
ARG CD   C  N N 20  
ARG NE   N  N N 21  
ARG CZ   C  N N 22  
ARG NH1  N  N N 23  
ARG NH2  N  N N 24  
ARG OXT  O  N N 25  
ARG H    H  N N 26  
ARG H2   H  N N 27  
ARG HA   H  N N 28  
ARG HB2  H  N N 29  
ARG HB3  H  N N 30  
ARG HG2  H  N N 31  
ARG HG3  H  N N 32  
ARG HD2  H  N N 33  
ARG HD3  H  N N 34  
ARG HE   H  N N 35  
ARG HH11 H  N N 36  
ARG HH12 H  N N 37  
ARG HH21 H  N N 38  
ARG HH22 H  N N 39  
ARG HXT  H  N N 40  
ASN N    N  N N 41  
ASN CA   C  N S 42  
ASN C    C  N N 43  
ASN O    O  N N 44  
ASN CB   C  N N 45  
ASN CG   C  N N 46  
ASN OD1  O  N N 47  
ASN ND2  N  N N 48  
ASN OXT  O  N N 49  
ASN H    H  N N 50  
ASN H2   H  N N 51  
ASN HA   H  N N 52  
ASN HB2  H  N N 53  
ASN HB3  H  N N 54  
ASN HD21 H  N N 55  
ASN HD22 H  N N 56  
ASN HXT  H  N N 57  
ASP N    N  N N 58  
ASP CA   C  N S 59  
ASP C    C  N N 60  
ASP O    O  N N 61  
ASP CB   C  N N 62  
ASP CG   C  N N 63  
ASP OD1  O  N N 64  
ASP OD2  O  N N 65  
ASP OXT  O  N N 66  
ASP H    H  N N 67  
ASP H2   H  N N 68  
ASP HA   H  N N 69  
ASP HB2  H  N N 70  
ASP HB3  H  N N 71  
ASP HD2  H  N N 72  
ASP HXT  H  N N 73  
CYS N    N  N N 74  
CYS CA   C  N R 75  
CYS C    C  N N 76  
CYS O    O  N N 77  
CYS CB   C  N N 78  
CYS SG   S  N N 79  
CYS OXT  O  N N 80  
CYS H    H  N N 81  
CYS H2   H  N N 82  
CYS HA   H  N N 83  
CYS HB2  H  N N 84  
CYS HB3  H  N N 85  
CYS HG   H  N N 86  
CYS HXT  H  N N 87  
DMS S    S  N N 88  
DMS O    O  N N 89  
DMS C1   C  N N 90  
DMS C2   C  N N 91  
DMS H11  H  N N 92  
DMS H12  H  N N 93  
DMS H13  H  N N 94  
DMS H21  H  N N 95  
DMS H22  H  N N 96  
DMS H23  H  N N 97  
GLN N    N  N N 98  
GLN CA   C  N S 99  
GLN C    C  N N 100 
GLN O    O  N N 101 
GLN CB   C  N N 102 
GLN CG   C  N N 103 
GLN CD   C  N N 104 
GLN OE1  O  N N 105 
GLN NE2  N  N N 106 
GLN OXT  O  N N 107 
GLN H    H  N N 108 
GLN H2   H  N N 109 
GLN HA   H  N N 110 
GLN HB2  H  N N 111 
GLN HB3  H  N N 112 
GLN HG2  H  N N 113 
GLN HG3  H  N N 114 
GLN HE21 H  N N 115 
GLN HE22 H  N N 116 
GLN HXT  H  N N 117 
GLU N    N  N N 118 
GLU CA   C  N S 119 
GLU C    C  N N 120 
GLU O    O  N N 121 
GLU CB   C  N N 122 
GLU CG   C  N N 123 
GLU CD   C  N N 124 
GLU OE1  O  N N 125 
GLU OE2  O  N N 126 
GLU OXT  O  N N 127 
GLU H    H  N N 128 
GLU H2   H  N N 129 
GLU HA   H  N N 130 
GLU HB2  H  N N 131 
GLU HB3  H  N N 132 
GLU HG2  H  N N 133 
GLU HG3  H  N N 134 
GLU HE2  H  N N 135 
GLU HXT  H  N N 136 
GLY N    N  N N 137 
GLY CA   C  N N 138 
GLY C    C  N N 139 
GLY O    O  N N 140 
GLY OXT  O  N N 141 
GLY H    H  N N 142 
GLY H2   H  N N 143 
GLY HA2  H  N N 144 
GLY HA3  H  N N 145 
GLY HXT  H  N N 146 
HIS N    N  N N 147 
HIS CA   C  N S 148 
HIS C    C  N N 149 
HIS O    O  N N 150 
HIS CB   C  N N 151 
HIS CG   C  Y N 152 
HIS ND1  N  Y N 153 
HIS CD2  C  Y N 154 
HIS CE1  C  Y N 155 
HIS NE2  N  Y N 156 
HIS OXT  O  N N 157 
HIS H    H  N N 158 
HIS H2   H  N N 159 
HIS HA   H  N N 160 
HIS HB2  H  N N 161 
HIS HB3  H  N N 162 
HIS HD1  H  N N 163 
HIS HD2  H  N N 164 
HIS HE1  H  N N 165 
HIS HE2  H  N N 166 
HIS HXT  H  N N 167 
HOH O    O  N N 168 
HOH H1   H  N N 169 
HOH H2   H  N N 170 
ILE N    N  N N 171 
ILE CA   C  N S 172 
ILE C    C  N N 173 
ILE O    O  N N 174 
ILE CB   C  N S 175 
ILE CG1  C  N N 176 
ILE CG2  C  N N 177 
ILE CD1  C  N N 178 
ILE OXT  O  N N 179 
ILE H    H  N N 180 
ILE H2   H  N N 181 
ILE HA   H  N N 182 
ILE HB   H  N N 183 
ILE HG12 H  N N 184 
ILE HG13 H  N N 185 
ILE HG21 H  N N 186 
ILE HG22 H  N N 187 
ILE HG23 H  N N 188 
ILE HD11 H  N N 189 
ILE HD12 H  N N 190 
ILE HD13 H  N N 191 
ILE HXT  H  N N 192 
LEU N    N  N N 193 
LEU CA   C  N S 194 
LEU C    C  N N 195 
LEU O    O  N N 196 
LEU CB   C  N N 197 
LEU CG   C  N N 198 
LEU CD1  C  N N 199 
LEU CD2  C  N N 200 
LEU OXT  O  N N 201 
LEU H    H  N N 202 
LEU H2   H  N N 203 
LEU HA   H  N N 204 
LEU HB2  H  N N 205 
LEU HB3  H  N N 206 
LEU HG   H  N N 207 
LEU HD11 H  N N 208 
LEU HD12 H  N N 209 
LEU HD13 H  N N 210 
LEU HD21 H  N N 211 
LEU HD22 H  N N 212 
LEU HD23 H  N N 213 
LEU HXT  H  N N 214 
LYS N    N  N N 215 
LYS CA   C  N S 216 
LYS C    C  N N 217 
LYS O    O  N N 218 
LYS CB   C  N N 219 
LYS CG   C  N N 220 
LYS CD   C  N N 221 
LYS CE   C  N N 222 
LYS NZ   N  N N 223 
LYS OXT  O  N N 224 
LYS H    H  N N 225 
LYS H2   H  N N 226 
LYS HA   H  N N 227 
LYS HB2  H  N N 228 
LYS HB3  H  N N 229 
LYS HG2  H  N N 230 
LYS HG3  H  N N 231 
LYS HD2  H  N N 232 
LYS HD3  H  N N 233 
LYS HE2  H  N N 234 
LYS HE3  H  N N 235 
LYS HZ1  H  N N 236 
LYS HZ2  H  N N 237 
LYS HZ3  H  N N 238 
LYS HXT  H  N N 239 
MET N    N  N N 240 
MET CA   C  N S 241 
MET C    C  N N 242 
MET O    O  N N 243 
MET CB   C  N N 244 
MET CG   C  N N 245 
MET SD   S  N N 246 
MET CE   C  N N 247 
MET OXT  O  N N 248 
MET H    H  N N 249 
MET H2   H  N N 250 
MET HA   H  N N 251 
MET HB2  H  N N 252 
MET HB3  H  N N 253 
MET HG2  H  N N 254 
MET HG3  H  N N 255 
MET HE1  H  N N 256 
MET HE2  H  N N 257 
MET HE3  H  N N 258 
MET HXT  H  N N 259 
PHE N    N  N N 260 
PHE CA   C  N S 261 
PHE C    C  N N 262 
PHE O    O  N N 263 
PHE CB   C  N N 264 
PHE CG   C  Y N 265 
PHE CD1  C  Y N 266 
PHE CD2  C  Y N 267 
PHE CE1  C  Y N 268 
PHE CE2  C  Y N 269 
PHE CZ   C  Y N 270 
PHE OXT  O  N N 271 
PHE H    H  N N 272 
PHE H2   H  N N 273 
PHE HA   H  N N 274 
PHE HB2  H  N N 275 
PHE HB3  H  N N 276 
PHE HD1  H  N N 277 
PHE HD2  H  N N 278 
PHE HE1  H  N N 279 
PHE HE2  H  N N 280 
PHE HZ   H  N N 281 
PHE HXT  H  N N 282 
PRO N    N  N N 283 
PRO CA   C  N S 284 
PRO C    C  N N 285 
PRO O    O  N N 286 
PRO CB   C  N N 287 
PRO CG   C  N N 288 
PRO CD   C  N N 289 
PRO OXT  O  N N 290 
PRO H    H  N N 291 
PRO HA   H  N N 292 
PRO HB2  H  N N 293 
PRO HB3  H  N N 294 
PRO HG2  H  N N 295 
PRO HG3  H  N N 296 
PRO HD2  H  N N 297 
PRO HD3  H  N N 298 
PRO HXT  H  N N 299 
RZJ C10  C  Y N 300 
RZJ C01  C  N N 301 
RZJ C03  C  N N 302 
RZJ C04  C  N N 303 
RZJ C05  C  N N 304 
RZJ C06  C  Y N 305 
RZJ C07  C  Y N 306 
RZJ C08  C  Y N 307 
RZJ C09  C  Y N 308 
RZJ C11  C  Y N 309 
RZJ N02  N  N N 310 
RZJ N15  N  N N 311 
RZJ O13  O  N N 312 
RZJ O14  O  N N 313 
RZJ S12  S  N N 314 
RZJ H1   H  N N 315 
RZJ H2   H  N N 316 
RZJ H3   H  N N 317 
RZJ H4   H  N N 318 
RZJ H5   H  N N 319 
RZJ H6   H  N N 320 
RZJ H7   H  N N 321 
RZJ H8   H  N N 322 
RZJ H9   H  N N 323 
RZJ H10  H  N N 324 
RZJ H11  H  N N 325 
RZJ H12  H  N N 326 
RZJ H13  H  N N 327 
RZJ H14  H  N N 328 
SER N    N  N N 329 
SER CA   C  N S 330 
SER C    C  N N 331 
SER O    O  N N 332 
SER CB   C  N N 333 
SER OG   O  N N 334 
SER OXT  O  N N 335 
SER H    H  N N 336 
SER H2   H  N N 337 
SER HA   H  N N 338 
SER HB2  H  N N 339 
SER HB3  H  N N 340 
SER HG   H  N N 341 
SER HXT  H  N N 342 
SO4 S    S  N N 343 
SO4 O1   O  N N 344 
SO4 O2   O  N N 345 
SO4 O3   O  N N 346 
SO4 O4   O  N N 347 
THR N    N  N N 348 
THR CA   C  N S 349 
THR C    C  N N 350 
THR O    O  N N 351 
THR CB   C  N R 352 
THR OG1  O  N N 353 
THR CG2  C  N N 354 
THR OXT  O  N N 355 
THR H    H  N N 356 
THR H2   H  N N 357 
THR HA   H  N N 358 
THR HB   H  N N 359 
THR HG1  H  N N 360 
THR HG21 H  N N 361 
THR HG22 H  N N 362 
THR HG23 H  N N 363 
THR HXT  H  N N 364 
TRP N    N  N N 365 
TRP CA   C  N S 366 
TRP C    C  N N 367 
TRP O    O  N N 368 
TRP CB   C  N N 369 
TRP CG   C  Y N 370 
TRP CD1  C  Y N 371 
TRP CD2  C  Y N 372 
TRP NE1  N  Y N 373 
TRP CE2  C  Y N 374 
TRP CE3  C  Y N 375 
TRP CZ2  C  Y N 376 
TRP CZ3  C  Y N 377 
TRP CH2  C  Y N 378 
TRP OXT  O  N N 379 
TRP H    H  N N 380 
TRP H2   H  N N 381 
TRP HA   H  N N 382 
TRP HB2  H  N N 383 
TRP HB3  H  N N 384 
TRP HD1  H  N N 385 
TRP HE1  H  N N 386 
TRP HE3  H  N N 387 
TRP HZ2  H  N N 388 
TRP HZ3  H  N N 389 
TRP HH2  H  N N 390 
TRP HXT  H  N N 391 
TYR N    N  N N 392 
TYR CA   C  N S 393 
TYR C    C  N N 394 
TYR O    O  N N 395 
TYR CB   C  N N 396 
TYR CG   C  Y N 397 
TYR CD1  C  Y N 398 
TYR CD2  C  Y N 399 
TYR CE1  C  Y N 400 
TYR CE2  C  Y N 401 
TYR CZ   C  Y N 402 
TYR OH   O  N N 403 
TYR OXT  O  N N 404 
TYR H    H  N N 405 
TYR H2   H  N N 406 
TYR HA   H  N N 407 
TYR HB2  H  N N 408 
TYR HB3  H  N N 409 
TYR HD1  H  N N 410 
TYR HD2  H  N N 411 
TYR HE1  H  N N 412 
TYR HE2  H  N N 413 
TYR HH   H  N N 414 
TYR HXT  H  N N 415 
VAL N    N  N N 416 
VAL CA   C  N S 417 
VAL C    C  N N 418 
VAL O    O  N N 419 
VAL CB   C  N N 420 
VAL CG1  C  N N 421 
VAL CG2  C  N N 422 
VAL OXT  O  N N 423 
VAL H    H  N N 424 
VAL H2   H  N N 425 
VAL HA   H  N N 426 
VAL HB   H  N N 427 
VAL HG11 H  N N 428 
VAL HG12 H  N N 429 
VAL HG13 H  N N 430 
VAL HG21 H  N N 431 
VAL HG22 H  N N 432 
VAL HG23 H  N N 433 
VAL HXT  H  N N 434 
ZN  ZN   ZN N N 435 
# 
loop_
_chem_comp_bond.comp_id 
_chem_comp_bond.atom_id_1 
_chem_comp_bond.atom_id_2 
_chem_comp_bond.value_order 
_chem_comp_bond.pdbx_aromatic_flag 
_chem_comp_bond.pdbx_stereo_config 
_chem_comp_bond.pdbx_ordinal 
ALA N   CA   sing N N 1   
ALA N   H    sing N N 2   
ALA N   H2   sing N N 3   
ALA CA  C    sing N N 4   
ALA CA  CB   sing N N 5   
ALA CA  HA   sing N N 6   
ALA C   O    doub N N 7   
ALA C   OXT  sing N N 8   
ALA CB  HB1  sing N N 9   
ALA CB  HB2  sing N N 10  
ALA CB  HB3  sing N N 11  
ALA OXT HXT  sing N N 12  
ARG N   CA   sing N N 13  
ARG N   H    sing N N 14  
ARG N   H2   sing N N 15  
ARG CA  C    sing N N 16  
ARG CA  CB   sing N N 17  
ARG CA  HA   sing N N 18  
ARG C   O    doub N N 19  
ARG C   OXT  sing N N 20  
ARG CB  CG   sing N N 21  
ARG CB  HB2  sing N N 22  
ARG CB  HB3  sing N N 23  
ARG CG  CD   sing N N 24  
ARG CG  HG2  sing N N 25  
ARG CG  HG3  sing N N 26  
ARG CD  NE   sing N N 27  
ARG CD  HD2  sing N N 28  
ARG CD  HD3  sing N N 29  
ARG NE  CZ   sing N N 30  
ARG NE  HE   sing N N 31  
ARG CZ  NH1  sing N N 32  
ARG CZ  NH2  doub N N 33  
ARG NH1 HH11 sing N N 34  
ARG NH1 HH12 sing N N 35  
ARG NH2 HH21 sing N N 36  
ARG NH2 HH22 sing N N 37  
ARG OXT HXT  sing N N 38  
ASN N   CA   sing N N 39  
ASN N   H    sing N N 40  
ASN N   H2   sing N N 41  
ASN CA  C    sing N N 42  
ASN CA  CB   sing N N 43  
ASN CA  HA   sing N N 44  
ASN C   O    doub N N 45  
ASN C   OXT  sing N N 46  
ASN CB  CG   sing N N 47  
ASN CB  HB2  sing N N 48  
ASN CB  HB3  sing N N 49  
ASN CG  OD1  doub N N 50  
ASN CG  ND2  sing N N 51  
ASN ND2 HD21 sing N N 52  
ASN ND2 HD22 sing N N 53  
ASN OXT HXT  sing N N 54  
ASP N   CA   sing N N 55  
ASP N   H    sing N N 56  
ASP N   H2   sing N N 57  
ASP CA  C    sing N N 58  
ASP CA  CB   sing N N 59  
ASP CA  HA   sing N N 60  
ASP C   O    doub N N 61  
ASP C   OXT  sing N N 62  
ASP CB  CG   sing N N 63  
ASP CB  HB2  sing N N 64  
ASP CB  HB3  sing N N 65  
ASP CG  OD1  doub N N 66  
ASP CG  OD2  sing N N 67  
ASP OD2 HD2  sing N N 68  
ASP OXT HXT  sing N N 69  
CYS N   CA   sing N N 70  
CYS N   H    sing N N 71  
CYS N   H2   sing N N 72  
CYS CA  C    sing N N 73  
CYS CA  CB   sing N N 74  
CYS CA  HA   sing N N 75  
CYS C   O    doub N N 76  
CYS C   OXT  sing N N 77  
CYS CB  SG   sing N N 78  
CYS CB  HB2  sing N N 79  
CYS CB  HB3  sing N N 80  
CYS SG  HG   sing N N 81  
CYS OXT HXT  sing N N 82  
DMS S   O    doub N N 83  
DMS S   C1   sing N N 84  
DMS S   C2   sing N N 85  
DMS C1  H11  sing N N 86  
DMS C1  H12  sing N N 87  
DMS C1  H13  sing N N 88  
DMS C2  H21  sing N N 89  
DMS C2  H22  sing N N 90  
DMS C2  H23  sing N N 91  
GLN N   CA   sing N N 92  
GLN N   H    sing N N 93  
GLN N   H2   sing N N 94  
GLN CA  C    sing N N 95  
GLN CA  CB   sing N N 96  
GLN CA  HA   sing N N 97  
GLN C   O    doub N N 98  
GLN C   OXT  sing N N 99  
GLN CB  CG   sing N N 100 
GLN CB  HB2  sing N N 101 
GLN CB  HB3  sing N N 102 
GLN CG  CD   sing N N 103 
GLN CG  HG2  sing N N 104 
GLN CG  HG3  sing N N 105 
GLN CD  OE1  doub N N 106 
GLN CD  NE2  sing N N 107 
GLN NE2 HE21 sing N N 108 
GLN NE2 HE22 sing N N 109 
GLN OXT HXT  sing N N 110 
GLU N   CA   sing N N 111 
GLU N   H    sing N N 112 
GLU N   H2   sing N N 113 
GLU CA  C    sing N N 114 
GLU CA  CB   sing N N 115 
GLU CA  HA   sing N N 116 
GLU C   O    doub N N 117 
GLU C   OXT  sing N N 118 
GLU CB  CG   sing N N 119 
GLU CB  HB2  sing N N 120 
GLU CB  HB3  sing N N 121 
GLU CG  CD   sing N N 122 
GLU CG  HG2  sing N N 123 
GLU CG  HG3  sing N N 124 
GLU CD  OE1  doub N N 125 
GLU CD  OE2  sing N N 126 
GLU OE2 HE2  sing N N 127 
GLU OXT HXT  sing N N 128 
GLY N   CA   sing N N 129 
GLY N   H    sing N N 130 
GLY N   H2   sing N N 131 
GLY CA  C    sing N N 132 
GLY CA  HA2  sing N N 133 
GLY CA  HA3  sing N N 134 
GLY C   O    doub N N 135 
GLY C   OXT  sing N N 136 
GLY OXT HXT  sing N N 137 
HIS N   CA   sing N N 138 
HIS N   H    sing N N 139 
HIS N   H2   sing N N 140 
HIS CA  C    sing N N 141 
HIS CA  CB   sing N N 142 
HIS CA  HA   sing N N 143 
HIS C   O    doub N N 144 
HIS C   OXT  sing N N 145 
HIS CB  CG   sing N N 146 
HIS CB  HB2  sing N N 147 
HIS CB  HB3  sing N N 148 
HIS CG  ND1  sing Y N 149 
HIS CG  CD2  doub Y N 150 
HIS ND1 CE1  doub Y N 151 
HIS ND1 HD1  sing N N 152 
HIS CD2 NE2  sing Y N 153 
HIS CD2 HD2  sing N N 154 
HIS CE1 NE2  sing Y N 155 
HIS CE1 HE1  sing N N 156 
HIS NE2 HE2  sing N N 157 
HIS OXT HXT  sing N N 158 
HOH O   H1   sing N N 159 
HOH O   H2   sing N N 160 
ILE N   CA   sing N N 161 
ILE N   H    sing N N 162 
ILE N   H2   sing N N 163 
ILE CA  C    sing N N 164 
ILE CA  CB   sing N N 165 
ILE CA  HA   sing N N 166 
ILE C   O    doub N N 167 
ILE C   OXT  sing N N 168 
ILE CB  CG1  sing N N 169 
ILE CB  CG2  sing N N 170 
ILE CB  HB   sing N N 171 
ILE CG1 CD1  sing N N 172 
ILE CG1 HG12 sing N N 173 
ILE CG1 HG13 sing N N 174 
ILE CG2 HG21 sing N N 175 
ILE CG2 HG22 sing N N 176 
ILE CG2 HG23 sing N N 177 
ILE CD1 HD11 sing N N 178 
ILE CD1 HD12 sing N N 179 
ILE CD1 HD13 sing N N 180 
ILE OXT HXT  sing N N 181 
LEU N   CA   sing N N 182 
LEU N   H    sing N N 183 
LEU N   H2   sing N N 184 
LEU CA  C    sing N N 185 
LEU CA  CB   sing N N 186 
LEU CA  HA   sing N N 187 
LEU C   O    doub N N 188 
LEU C   OXT  sing N N 189 
LEU CB  CG   sing N N 190 
LEU CB  HB2  sing N N 191 
LEU CB  HB3  sing N N 192 
LEU CG  CD1  sing N N 193 
LEU CG  CD2  sing N N 194 
LEU CG  HG   sing N N 195 
LEU CD1 HD11 sing N N 196 
LEU CD1 HD12 sing N N 197 
LEU CD1 HD13 sing N N 198 
LEU CD2 HD21 sing N N 199 
LEU CD2 HD22 sing N N 200 
LEU CD2 HD23 sing N N 201 
LEU OXT HXT  sing N N 202 
LYS N   CA   sing N N 203 
LYS N   H    sing N N 204 
LYS N   H2   sing N N 205 
LYS CA  C    sing N N 206 
LYS CA  CB   sing N N 207 
LYS CA  HA   sing N N 208 
LYS C   O    doub N N 209 
LYS C   OXT  sing N N 210 
LYS CB  CG   sing N N 211 
LYS CB  HB2  sing N N 212 
LYS CB  HB3  sing N N 213 
LYS CG  CD   sing N N 214 
LYS CG  HG2  sing N N 215 
LYS CG  HG3  sing N N 216 
LYS CD  CE   sing N N 217 
LYS CD  HD2  sing N N 218 
LYS CD  HD3  sing N N 219 
LYS CE  NZ   sing N N 220 
LYS CE  HE2  sing N N 221 
LYS CE  HE3  sing N N 222 
LYS NZ  HZ1  sing N N 223 
LYS NZ  HZ2  sing N N 224 
LYS NZ  HZ3  sing N N 225 
LYS OXT HXT  sing N N 226 
MET N   CA   sing N N 227 
MET N   H    sing N N 228 
MET N   H2   sing N N 229 
MET CA  C    sing N N 230 
MET CA  CB   sing N N 231 
MET CA  HA   sing N N 232 
MET C   O    doub N N 233 
MET C   OXT  sing N N 234 
MET CB  CG   sing N N 235 
MET CB  HB2  sing N N 236 
MET CB  HB3  sing N N 237 
MET CG  SD   sing N N 238 
MET CG  HG2  sing N N 239 
MET CG  HG3  sing N N 240 
MET SD  CE   sing N N 241 
MET CE  HE1  sing N N 242 
MET CE  HE2  sing N N 243 
MET CE  HE3  sing N N 244 
MET OXT HXT  sing N N 245 
PHE N   CA   sing N N 246 
PHE N   H    sing N N 247 
PHE N   H2   sing N N 248 
PHE CA  C    sing N N 249 
PHE CA  CB   sing N N 250 
PHE CA  HA   sing N N 251 
PHE C   O    doub N N 252 
PHE C   OXT  sing N N 253 
PHE CB  CG   sing N N 254 
PHE CB  HB2  sing N N 255 
PHE CB  HB3  sing N N 256 
PHE CG  CD1  doub Y N 257 
PHE CG  CD2  sing Y N 258 
PHE CD1 CE1  sing Y N 259 
PHE CD1 HD1  sing N N 260 
PHE CD2 CE2  doub Y N 261 
PHE CD2 HD2  sing N N 262 
PHE CE1 CZ   doub Y N 263 
PHE CE1 HE1  sing N N 264 
PHE CE2 CZ   sing Y N 265 
PHE CE2 HE2  sing N N 266 
PHE CZ  HZ   sing N N 267 
PHE OXT HXT  sing N N 268 
PRO N   CA   sing N N 269 
PRO N   CD   sing N N 270 
PRO N   H    sing N N 271 
PRO CA  C    sing N N 272 
PRO CA  CB   sing N N 273 
PRO CA  HA   sing N N 274 
PRO C   O    doub N N 275 
PRO C   OXT  sing N N 276 
PRO CB  CG   sing N N 277 
PRO CB  HB2  sing N N 278 
PRO CB  HB3  sing N N 279 
PRO CG  CD   sing N N 280 
PRO CG  HG2  sing N N 281 
PRO CG  HG3  sing N N 282 
PRO CD  HD2  sing N N 283 
PRO CD  HD3  sing N N 284 
PRO OXT HXT  sing N N 285 
RZJ C04 C05  sing N N 286 
RZJ C04 C03  sing N N 287 
RZJ C07 C08  doub Y N 288 
RZJ C07 C06  sing Y N 289 
RZJ C08 C09  sing Y N 290 
RZJ C05 C06  sing N N 291 
RZJ C06 C11  doub Y N 292 
RZJ O14 S12  doub N N 293 
RZJ N15 S12  sing N N 294 
RZJ C03 N02  sing N N 295 
RZJ C09 S12  sing N N 296 
RZJ C09 C10  doub Y N 297 
RZJ C11 C10  sing Y N 298 
RZJ C11 N02  sing N N 299 
RZJ S12 O13  doub N N 300 
RZJ N02 C01  sing N N 301 
RZJ C10 H1   sing N N 302 
RZJ C01 H2   sing N N 303 
RZJ C01 H3   sing N N 304 
RZJ C01 H4   sing N N 305 
RZJ C03 H5   sing N N 306 
RZJ C03 H6   sing N N 307 
RZJ C04 H7   sing N N 308 
RZJ C04 H8   sing N N 309 
RZJ C05 H9   sing N N 310 
RZJ C05 H10  sing N N 311 
RZJ C07 H11  sing N N 312 
RZJ C08 H12  sing N N 313 
RZJ N15 H13  sing N N 314 
RZJ N15 H14  sing N N 315 
SER N   CA   sing N N 316 
SER N   H    sing N N 317 
SER N   H2   sing N N 318 
SER CA  C    sing N N 319 
SER CA  CB   sing N N 320 
SER CA  HA   sing N N 321 
SER C   O    doub N N 322 
SER C   OXT  sing N N 323 
SER CB  OG   sing N N 324 
SER CB  HB2  sing N N 325 
SER CB  HB3  sing N N 326 
SER OG  HG   sing N N 327 
SER OXT HXT  sing N N 328 
SO4 S   O1   doub N N 329 
SO4 S   O2   doub N N 330 
SO4 S   O3   sing N N 331 
SO4 S   O4   sing N N 332 
THR N   CA   sing N N 333 
THR N   H    sing N N 334 
THR N   H2   sing N N 335 
THR CA  C    sing N N 336 
THR CA  CB   sing N N 337 
THR CA  HA   sing N N 338 
THR C   O    doub N N 339 
THR C   OXT  sing N N 340 
THR CB  OG1  sing N N 341 
THR CB  CG2  sing N N 342 
THR CB  HB   sing N N 343 
THR OG1 HG1  sing N N 344 
THR CG2 HG21 sing N N 345 
THR CG2 HG22 sing N N 346 
THR CG2 HG23 sing N N 347 
THR OXT HXT  sing N N 348 
TRP N   CA   sing N N 349 
TRP N   H    sing N N 350 
TRP N   H2   sing N N 351 
TRP CA  C    sing N N 352 
TRP CA  CB   sing N N 353 
TRP CA  HA   sing N N 354 
TRP C   O    doub N N 355 
TRP C   OXT  sing N N 356 
TRP CB  CG   sing N N 357 
TRP CB  HB2  sing N N 358 
TRP CB  HB3  sing N N 359 
TRP CG  CD1  doub Y N 360 
TRP CG  CD2  sing Y N 361 
TRP CD1 NE1  sing Y N 362 
TRP CD1 HD1  sing N N 363 
TRP CD2 CE2  doub Y N 364 
TRP CD2 CE3  sing Y N 365 
TRP NE1 CE2  sing Y N 366 
TRP NE1 HE1  sing N N 367 
TRP CE2 CZ2  sing Y N 368 
TRP CE3 CZ3  doub Y N 369 
TRP CE3 HE3  sing N N 370 
TRP CZ2 CH2  doub Y N 371 
TRP CZ2 HZ2  sing N N 372 
TRP CZ3 CH2  sing Y N 373 
TRP CZ3 HZ3  sing N N 374 
TRP CH2 HH2  sing N N 375 
TRP OXT HXT  sing N N 376 
TYR N   CA   sing N N 377 
TYR N   H    sing N N 378 
TYR N   H2   sing N N 379 
TYR CA  C    sing N N 380 
TYR CA  CB   sing N N 381 
TYR CA  HA   sing N N 382 
TYR C   O    doub N N 383 
TYR C   OXT  sing N N 384 
TYR CB  CG   sing N N 385 
TYR CB  HB2  sing N N 386 
TYR CB  HB3  sing N N 387 
TYR CG  CD1  doub Y N 388 
TYR CG  CD2  sing Y N 389 
TYR CD1 CE1  sing Y N 390 
TYR CD1 HD1  sing N N 391 
TYR CD2 CE2  doub Y N 392 
TYR CD2 HD2  sing N N 393 
TYR CE1 CZ   doub Y N 394 
TYR CE1 HE1  sing N N 395 
TYR CE2 CZ   sing Y N 396 
TYR CE2 HE2  sing N N 397 
TYR CZ  OH   sing N N 398 
TYR OH  HH   sing N N 399 
TYR OXT HXT  sing N N 400 
VAL N   CA   sing N N 401 
VAL N   H    sing N N 402 
VAL N   H2   sing N N 403 
VAL CA  C    sing N N 404 
VAL CA  CB   sing N N 405 
VAL CA  HA   sing N N 406 
VAL C   O    doub N N 407 
VAL C   OXT  sing N N 408 
VAL CB  CG1  sing N N 409 
VAL CB  CG2  sing N N 410 
VAL CB  HB   sing N N 411 
VAL CG1 HG11 sing N N 412 
VAL CG1 HG12 sing N N 413 
VAL CG1 HG13 sing N N 414 
VAL CG2 HG21 sing N N 415 
VAL CG2 HG22 sing N N 416 
VAL CG2 HG23 sing N N 417 
VAL OXT HXT  sing N N 418 
# 
_pdbx_audit_support.funding_organization   
'National Institutes of Health/National Institute Of Allergy and Infectious Diseases (NIH/NIAID)' 
_pdbx_audit_support.country                'United States' 
_pdbx_audit_support.grant_number           U19AI171399 
_pdbx_audit_support.ordinal                1 
# 
_pdbx_deposit_group.group_id            G_1002288 
_pdbx_deposit_group.group_description   'Crystallographic fragment screening of Coxsackievirus A16 (G-10) 2A protease' 
_pdbx_deposit_group.group_title         
'Group deposition for crystallographic fragment screening of Coxsackievirus A16 (G-10) 2A protease' 
_pdbx_deposit_group.group_type          'changed state' 
# 
_atom_sites.entry_id                    7H48 
_atom_sites.fract_transf_matrix[1][1]   -0.00368397 
_atom_sites.fract_transf_matrix[1][2]   -0.00381878 
_atom_sites.fract_transf_matrix[1][3]   0.01042113 
_atom_sites.fract_transf_matrix[2][1]   0.00042952 
_atom_sites.fract_transf_matrix[2][2]   0.01662868 
_atom_sites.fract_transf_matrix[2][3]   0.00624535 
_atom_sites.fract_transf_matrix[3][1]   -0.03015122 
_atom_sites.fract_transf_matrix[3][2]   0.00320562 
_atom_sites.fract_transf_matrix[3][3]   -0.00646155 
_atom_sites.fract_transf_vector[1]      0.187247 
_atom_sites.fract_transf_vector[2]      0.124542 
_atom_sites.fract_transf_vector[3]      0.448895 
# 
loop_
_atom_type.symbol 
C  
N  
O  
S  
ZN 
# 
loop_
_atom_site.group_PDB 
_atom_site.id 
_atom_site.type_symbol 
_atom_site.label_atom_id 
_atom_site.label_alt_id 
_atom_site.label_comp_id 
_atom_site.label_asym_id 
_atom_site.label_entity_id 
_atom_site.label_seq_id 
_atom_site.pdbx_PDB_ins_code 
_atom_site.Cartn_x 
_atom_site.Cartn_y 
_atom_site.Cartn_z 
_atom_site.occupancy 
_atom_site.B_iso_or_equiv 
_atom_site.pdbx_formal_charge 
_atom_site.auth_seq_id 
_atom_site.auth_comp_id 
_atom_site.auth_asym_id 
_atom_site.auth_atom_id 
_atom_site.pdbx_PDB_model_num 
ATOM   1    N  N   . SER A 1 7   ? -10.677 -0.425  0.812   1.00 21.92  ? 7   SER A N   1 
ATOM   2    C  CA  . SER A 1 7   ? -10.156 -0.861  2.106   1.00 22.38  ? 7   SER A CA  1 
ATOM   3    C  C   . SER A 1 7   ? -9.218  -2.051  1.914   1.00 21.22  ? 7   SER A C   1 
ATOM   4    O  O   . SER A 1 7   ? -9.221  -2.675  0.802   1.00 23.31  ? 7   SER A O   1 
ATOM   5    C  CB  . SER A 1 7   ? -11.284 -1.217  3.044   1.00 24.97  ? 7   SER A CB  1 
ATOM   6    O  OG  . SER A 1 7   ? -12.026 -2.259  2.472   1.00 27.13  ? 7   SER A OG  1 
ATOM   7    N  N   . GLY A 1 8   ? -8.468  -2.363  2.956   1.00 19.90  ? 8   GLY A N   1 
ATOM   8    C  CA  . GLY A 1 8   ? -7.515  -3.462  2.947   1.00 19.01  ? 8   GLY A CA  1 
ATOM   9    C  C   . GLY A 1 8   ? -6.281  -3.159  3.747   1.00 17.01  ? 8   GLY A C   1 
ATOM   10   O  O   . GLY A 1 8   ? -5.906  -2.008  3.904   1.00 17.69  ? 8   GLY A O   1 
ATOM   11   N  N   . ALA A 1 9   ? -5.677  -4.202  4.237   1.00 16.31  ? 9   ALA A N   1 
ATOM   12   C  CA  . ALA A 1 9   ? -4.456  -4.112  5.031   1.00 16.68  ? 9   ALA A CA  1 
ATOM   13   C  C   . ALA A 1 9   ? -3.497  -5.235  4.697   1.00 16.46  ? 9   ALA A C   1 
ATOM   14   O  O   . ALA A 1 9   ? -3.937  -6.290  4.183   1.00 17.10  ? 9   ALA A O   1 
ATOM   15   C  CB  . ALA A 1 9   ? -4.809  -4.153  6.486   1.00 17.45  ? 9   ALA A CB  1 
ATOM   16   N  N   . ILE A 1 10  ? -2.264  -5.059  5.125   1.00 17.49  ? 10  ILE A N   1 
ATOM   17   C  CA  . ILE A 1 10  ? -1.243  -6.135  5.177   1.00 17.53  ? 10  ILE A CA  1 
ATOM   18   C  C   . ILE A 1 10  ? -1.106  -6.559  6.625   1.00 19.89  ? 10  ILE A C   1 
ATOM   19   O  O   . ILE A 1 10  ? -0.972  -5.675  7.501   1.00 21.25  ? 10  ILE A O   1 
ATOM   20   C  CB  . ILE A 1 10  ? 0.132   -5.695  4.635   1.00 17.27  ? 10  ILE A CB  1 
ATOM   21   C  CG1 . ILE A 1 10  ? 0.011   -5.019  3.267   1.00 17.91  ? 10  ILE A CG1 1 
ATOM   22   C  CG2 . ILE A 1 10  ? 1.103   -6.883  4.585   1.00 17.53  ? 10  ILE A CG2 1 
ATOM   23   C  CD1 . ILE A 1 10  ? 1.242   -4.264  2.864   1.00 16.70  ? 10  ILE A CD1 1 
ATOM   24   N  N   . TYR A 1 11  ? -1.100  -7.862  6.855   1.00 21.25  ? 11  TYR A N   1 
ATOM   25   C  CA  . TYR A 1 11  ? -0.985  -8.475  8.202   1.00 23.27  ? 11  TYR A CA  1 
ATOM   26   C  C   . TYR A 1 11  ? 0.285   -9.298  8.193   1.00 24.89  ? 11  TYR A C   1 
ATOM   27   O  O   . TYR A 1 11  ? 0.232   -10.426 7.637   1.00 23.54  ? 11  TYR A O   1 
ATOM   28   C  CB  . TYR A 1 11  ? -2.222  -9.294  8.553   1.00 23.82  ? 11  TYR A CB  1 
ATOM   29   C  CG  . TYR A 1 11  ? -3.435  -8.426  8.709   1.00 21.93  ? 11  TYR A CG  1 
ATOM   30   C  CD1 . TYR A 1 11  ? -3.621  -7.703  9.876   1.00 24.96  ? 11  TYR A CD1 1 
ATOM   31   C  CD2 . TYR A 1 11  ? -4.372  -8.318  7.714   1.00 22.80  ? 11  TYR A CD2 1 
ATOM   32   C  CE1 . TYR A 1 11  ? -4.713  -6.873  10.025  1.00 21.22  ? 11  TYR A CE1 1 
ATOM   33   C  CE2 . TYR A 1 11  ? -5.479  -7.493  7.841   1.00 23.53  ? 11  TYR A CE2 1 
ATOM   34   C  CZ  . TYR A 1 11  ? -5.642  -6.759  9.010   1.00 22.57  ? 11  TYR A CZ  1 
ATOM   35   O  OH  . TYR A 1 11  ? -6.743  -5.980  9.143   1.00 24.11  ? 11  TYR A OH  1 
ATOM   36   N  N   . VAL A 1 12  ? 1.350   -8.696  8.687   1.00 23.35  ? 12  VAL A N   1 
ATOM   37   C  CA  . VAL A 1 12  ? 2.717   -9.295  8.720   1.00 25.16  ? 12  VAL A CA  1 
ATOM   38   C  C   . VAL A 1 12  ? 3.169   -9.334  10.180  1.00 27.60  ? 12  VAL A C   1 
ATOM   39   O  O   . VAL A 1 12  ? 3.243   -8.279  10.838  1.00 26.82  ? 12  VAL A O   1 
ATOM   40   C  CB  . VAL A 1 12  ? 3.716   -8.582  7.779   1.00 25.43  ? 12  VAL A CB  1 
ATOM   41   C  CG1 . VAL A 1 12  ? 3.847   -7.093  8.003   1.00 24.70  ? 12  VAL A CG1 1 
ATOM   42   C  CG2 . VAL A 1 12  ? 5.090   -9.235  7.828   1.00 25.05  ? 12  VAL A CG2 1 
ATOM   43   N  N   . GLY A 1 13  ? 3.466   -10.529 10.697  1.00 28.48  ? 13  GLY A N   1 
ATOM   44   C  CA  . GLY A 1 13  ? 3.796   -10.670 12.122  1.00 28.79  ? 13  GLY A CA  1 
ATOM   45   C  C   . GLY A 1 13  ? 2.691   -10.091 12.984  1.00 24.70  ? 13  GLY A C   1 
ATOM   46   O  O   . GLY A 1 13  ? 1.517   -10.483 12.779  1.00 26.06  ? 13  GLY A O   1 
ATOM   47   N  N   . ASN A 1 14  ? 3.074   -9.223  13.917  1.00 28.35  ? 14  ASN A N   1 
ATOM   48   C  CA  . ASN A 1 14  ? 2.138   -8.570  14.860  1.00 30.85  ? 14  ASN A CA  1 
ATOM   49   C  C   . ASN A 1 14  ? 1.869   -7.143  14.378  1.00 30.59  ? 14  ASN A C   1 
ATOM   50   O  O   . ASN A 1 14  ? 1.562   -6.272  15.225  1.00 28.87  ? 14  ASN A O   1 
ATOM   51   C  CB  . ASN A 1 14  ? 2.606   -8.700  16.314  1.00 33.35  ? 14  ASN A CB  1 
ATOM   52   C  CG  . ASN A 1 14  ? 2.347   -10.107 16.814  1.00 33.19  ? 14  ASN A CG  1 
ATOM   53   O  OD1 . ASN A 1 14  ? 1.249   -10.438 17.260  1.00 35.03  ? 14  ASN A OD1 1 
ATOM   54   N  ND2 . ASN A 1 14  ? 3.312   -10.975 16.601  1.00 31.65  ? 14  ASN A ND2 1 
ATOM   55   N  N   . TYR A 1 15  ? 1.919   -6.922  13.056  1.00 26.82  ? 15  TYR A N   1 
ATOM   56   C  CA  . TYR A 1 15  ? 1.770   -5.573  12.451  1.00 24.42  ? 15  TYR A CA  1 
ATOM   57   C  C   . TYR A 1 15  ? 0.607   -5.582  11.473  1.00 22.58  ? 15  TYR A C   1 
ATOM   58   O  O   . TYR A 1 15  ? 0.307   -6.583  10.776  1.00 23.68  ? 15  TYR A O   1 
ATOM   59   C  CB  . TYR A 1 15  ? 3.019   -5.098  11.715  1.00 25.25  ? 15  TYR A CB  1 
ATOM   60   C  CG  . TYR A 1 15  ? 4.258   -4.933  12.543  1.00 25.42  ? 15  TYR A CG  1 
ATOM   61   C  CD1 . TYR A 1 15  ? 4.268   -4.099  13.650  1.00 28.41  ? 15  TYR A CD1 1 
ATOM   62   C  CD2 . TYR A 1 15  ? 5.433   -5.603  12.225  1.00 28.49  ? 15  TYR A CD2 1 
ATOM   63   C  CE1 . TYR A 1 15  ? 5.408   -3.914  14.406  1.00 29.58  ? 15  TYR A CE1 1 
ATOM   64   C  CE2 . TYR A 1 15  ? 6.594   -5.410  12.961  1.00 29.06  ? 15  TYR A CE2 1 
ATOM   65   C  CZ  . TYR A 1 15  ? 6.581   -4.568  14.065  1.00 32.31  ? 15  TYR A CZ  1 
ATOM   66   O  OH  . TYR A 1 15  ? 7.713   -4.380  14.807  1.00 36.58  ? 15  TYR A OH  1 
ATOM   67   N  N   . ARG A 1 16  ? -0.059  -4.433  11.437  1.00 21.27  ? 16  ARG A N   1 
ATOM   68   C  CA  . ARG A 1 16  ? -1.178  -4.171  10.522  1.00 19.28  ? 16  ARG A CA  1 
ATOM   69   C  C   . ARG A 1 16  ? -0.768  -2.961  9.708   1.00 17.76  ? 16  ARG A C   1 
ATOM   70   O  O   . ARG A 1 16  ? -0.501  -1.898  10.324  1.00 17.37  ? 16  ARG A O   1 
ATOM   71   C  CB  . ARG A 1 16  ? -2.468  -3.834  11.264  1.00 18.94  ? 16  ARG A CB  1 
ATOM   72   C  CG  . ARG A 1 16  ? -3.616  -3.365  10.383  1.00 21.30  ? 16  ARG A CG  1 
ATOM   73   C  CD  . ARG A 1 16  ? -4.920  -3.332  11.162  1.00 21.00  ? 16  ARG A CD  1 
ATOM   74   N  NE  . ARG A 1 16  ? -5.724  -2.158  10.899  1.00 18.82  ? 16  ARG A NE  1 
ATOM   75   C  CZ  . ARG A 1 16  ? -6.674  -2.033  10.012  1.00 18.81  ? 16  ARG A CZ  1 
ATOM   76   N  NH1 . ARG A 1 16  ? -6.999  -3.039  9.201   1.00 23.30  ? 16  ARG A NH1 1 
ATOM   77   N  NH2 . ARG A 1 16  ? -7.299  -0.886  9.910   1.00 19.29  ? 16  ARG A NH2 1 
ATOM   78   N  N   . VAL A 1 17  ? -0.638  -3.093  8.378   1.00 15.68  ? 17  VAL A N   1 
ATOM   79   C  CA  . VAL A 1 17  ? -0.206  -1.974  7.502   1.00 14.39  ? 17  VAL A CA  1 
ATOM   80   C  C   . VAL A 1 17  ? -1.408  -1.515  6.690   1.00 14.63  ? 17  VAL A C   1 
ATOM   81   O  O   . VAL A 1 17  ? -2.020  -2.311  5.976   1.00 15.25  ? 17  VAL A O   1 
ATOM   82   C  CB  . VAL A 1 17  ? 0.903   -2.399  6.528   1.00 14.95  ? 17  VAL A CB  1 
ATOM   83   C  CG1 . VAL A 1 17  ? 1.420   -1.168  5.833   1.00 16.22  ? 17  VAL A CG1 1 
ATOM   84   C  CG2 . VAL A 1 17  ? 1.978   -3.166  7.252   1.00 14.77  ? 17  VAL A CG2 1 
ATOM   85   N  N   . VAL A 1 18  ? -1.762  -0.254  6.854   1.00 14.21  ? 18  VAL A N   1 
ATOM   86   C  CA  . VAL A 1 18  ? -2.952  0.336   6.227   1.00 13.72  ? 18  VAL A CA  1 
ATOM   87   C  C   . VAL A 1 18  ? -2.600  1.650   5.573   1.00 12.79  ? 18  VAL A C   1 
ATOM   88   O  O   . VAL A 1 18  ? -1.566  2.246   5.876   1.00 14.66  ? 18  VAL A O   1 
ATOM   89   C  CB  . VAL A 1 18  ? -4.104  0.569   7.210   1.00 14.33  ? 18  VAL A CB  1 
ATOM   90   C  CG1 . VAL A 1 18  ? -4.677  -0.761  7.609   1.00 15.96  ? 18  VAL A CG1 1 
ATOM   91   C  CG2 . VAL A 1 18  ? -3.725  1.438   8.415   1.00 15.09  ? 18  VAL A CG2 1 
ATOM   92   N  N   . ASN A 1 19  ? -3.455  2.071   4.665   1.00 13.22  ? 19  ASN A N   1 
ATOM   93   C  CA  . ASN A 1 19  ? -3.356  3.457   4.169   1.00 12.35  ? 19  ASN A CA  1 
ATOM   94   C  C   . ASN A 1 19  ? -3.530  4.420   5.351   1.00 14.44  ? 19  ASN A C   1 
ATOM   95   O  O   . ASN A 1 19  ? -4.518  4.265   6.109   1.00 14.42  ? 19  ASN A O   1 
ATOM   96   C  CB  . ASN A 1 19  ? -4.454  3.756   3.137   1.00 12.99  ? 19  ASN A CB  1 
ATOM   97   C  CG  . ASN A 1 19  ? -4.354  2.877   1.912   1.00 12.68  ? 19  ASN A CG  1 
ATOM   98   O  OD1 . ASN A 1 19  ? -4.974  1.820   1.843   1.00 14.10  ? 19  ASN A OD1 1 
ATOM   99   N  ND2 . ASN A 1 19  ? -3.586  3.337   0.950   1.00 13.69  ? 19  ASN A ND2 1 
ATOM   100  N  N   . ARG A 1 20  ? -2.636  5.384   5.512   1.00 14.21  ? 20  ARG A N   1 
ATOM   101  C  CA  . ARG A 1 20  ? -2.749  6.357   6.633   1.00 14.75  ? 20  ARG A CA  1 
ATOM   102  C  C   . ARG A 1 20  ? -4.152  6.990   6.648   1.00 15.70  ? 20  ARG A C   1 
ATOM   103  O  O   . ARG A 1 20  ? -4.749  7.176   7.752   1.00 15.07  ? 20  ARG A O   1 
ATOM   104  C  CB  . ARG A 1 20  ? -1.677  7.427   6.538   1.00 14.53  ? 20  ARG A CB  1 
ATOM   105  C  CG  . ARG A 1 20  ? -1.552  8.289   7.797   1.00 15.56  ? 20  ARG A CG  1 
ATOM   106  C  CD  . ARG A 1 20  ? -0.412  9.261   7.591   1.00 18.28  ? 20  ARG A CD  1 
ATOM   107  N  NE  . ARG A 1 20  ? -0.221  10.196  8.714   1.00 20.34  ? 20  ARG A NE  1 
ATOM   108  C  CZ  . ARG A 1 20  ? -0.971  11.261  8.973   1.00 20.86  ? 20  ARG A CZ  1 
ATOM   109  N  NH1 . ARG A 1 20  ? -2.071  11.524  8.291   1.00 22.14  ? 20  ARG A NH1 1 
ATOM   110  N  NH2 . ARG A 1 20  ? -0.624  12.065  9.975   1.00 22.90  ? 20  ARG A NH2 1 
ATOM   111  N  N   . HIS A 1 21  ? -4.706  7.286   5.483   1.00 15.37  ? 21  HIS A N   1 
ATOM   112  C  CA  . HIS A 1 21  ? -5.981  8.036   5.365   1.00 15.54  ? 21  HIS A CA  1 
ATOM   113  C  C   . HIS A 1 21  ? -7.153  7.161   5.766   1.00 16.20  ? 21  HIS A C   1 
ATOM   114  O  O   . HIS A 1 21  ? -8.237  7.737   5.969   1.00 18.28  ? 21  HIS A O   1 
ATOM   115  C  CB  . HIS A 1 21  ? -6.154  8.697   3.986   1.00 16.26  ? 21  HIS A CB  1 
ATOM   116  C  CG  . HIS A 1 21  ? -6.499  7.760   2.880   1.00 17.31  ? 21  HIS A CG  1 
ATOM   117  N  ND1 . HIS A 1 21  ? -5.523  7.192   2.125   1.00 17.11  ? 21  HIS A ND1 1 
ATOM   118  C  CD2 . HIS A 1 21  ? -7.690  7.398   2.338   1.00 17.86  ? 21  HIS A CD2 1 
ATOM   119  C  CE1 . HIS A 1 21  ? -6.082  6.470   1.188   1.00 17.44  ? 21  HIS A CE1 1 
ATOM   120  N  NE2 . HIS A 1 21  ? -7.414  6.573   1.278   1.00 18.75  ? 21  HIS A NE2 1 
ATOM   121  N  N   . LEU A 1 22  ? -7.006  5.857   5.858   1.00 14.16  ? 22  LEU A N   1 
ATOM   122  C  CA  . LEU A 1 22  ? -8.056  4.905   6.285   1.00 15.02  ? 22  LEU A CA  1 
ATOM   123  C  C   . LEU A 1 22  ? -7.787  4.357   7.680   1.00 14.59  ? 22  LEU A C   1 
ATOM   124  O  O   . LEU A 1 22  ? -8.573  3.498   8.134   1.00 16.65  ? 22  LEU A O   1 
ATOM   125  C  CB  . LEU A 1 22  ? -8.155  3.772   5.254   1.00 15.79  ? 22  LEU A CB  1 
ATOM   126  C  CG  . LEU A 1 22  ? -8.525  4.229   3.853   1.00 17.41  ? 22  LEU A CG  1 
ATOM   127  C  CD1 . LEU A 1 22  ? -8.638  3.023   2.900   1.00 17.91  ? 22  LEU A CD1 1 
ATOM   128  C  CD2 . LEU A 1 22  ? -9.838  5.056   3.844   1.00 17.90  ? 22  LEU A CD2 1 
ATOM   129  N  N   . ALA A 1 23  ? -6.702  4.769   8.337   1.00 14.57  ? 23  ALA A N   1 
ATOM   130  C  CA  . ALA A 1 23  ? -6.407  4.256   9.681   1.00 15.14  ? 23  ALA A CA  1 
ATOM   131  C  C   . ALA A 1 23  ? -7.558  4.629   10.637  1.00 16.09  ? 23  ALA A C   1 
ATOM   132  O  O   . ALA A 1 23  ? -8.128  5.748   10.532  1.00 16.32  ? 23  ALA A O   1 
ATOM   133  C  CB  . ALA A 1 23  ? -5.090  4.771   10.181  1.00 15.20  ? 23  ALA A CB  1 
ATOM   134  N  N   . THR A 1 24  ? -7.878  3.701   11.503  1.00 16.28  ? 24  THR A N   1 
ATOM   135  C  CA  . THR A 1 24  ? -8.983  3.845   12.482  1.00 18.00  ? 24  THR A CA  1 
ATOM   136  C  C   . THR A 1 24  ? -8.465  4.477   13.764  1.00 18.17  ? 24  THR A C   1 
ATOM   137  O  O   . THR A 1 24  ? -7.238  4.598   13.975  1.00 17.02  ? 24  THR A O   1 
ATOM   138  C  CB  . THR A 1 24  ? -9.571  2.469   12.778  1.00 16.87  ? 24  THR A CB  1 
ATOM   139  O  OG1 . THR A 1 24  ? -8.595  1.691   13.459  1.00 19.36  ? 24  THR A OG1 1 
ATOM   140  C  CG2 . THR A 1 24  ? -10.037 1.762   11.523  1.00 17.66  ? 24  THR A CG2 1 
ATOM   141  N  N   . HIS A 1 25  ? -9.374  4.855   14.665  1.00 19.27  ? 25  HIS A N   1 
ATOM   142  C  CA  . HIS A 1 25  ? -8.929  5.302   15.999  1.00 20.90  ? 25  HIS A CA  1 
ATOM   143  C  C   . HIS A 1 25  ? -8.101  4.188   16.656  1.00 18.84  ? 25  HIS A C   1 
ATOM   144  O  O   . HIS A 1 25  ? -7.071  4.499   17.253  1.00 19.47  ? 25  HIS A O   1 
ATOM   145  C  CB  . HIS A 1 25  ? -10.099 5.770   16.879  1.00 22.52  ? 25  HIS A CB  1 
ATOM   146  C  CG  . HIS A 1 25  ? -9.690  5.805   18.318  1.00 26.14  ? 25  HIS A CG  1 
ATOM   147  N  ND1 . HIS A 1 25  ? -9.071  6.900   18.878  1.00 25.06  ? 25  HIS A ND1 1 
ATOM   148  C  CD2 . HIS A 1 25  ? -9.702  4.841   19.276  1.00 28.08  ? 25  HIS A CD2 1 
ATOM   149  C  CE1 . HIS A 1 25  ? -8.790  6.652   20.132  1.00 24.64  ? 25  HIS A CE1 1 
ATOM   150  N  NE2 . HIS A 1 25  ? -9.163  5.387   20.412  1.00 27.52  ? 25  HIS A NE2 1 
ATOM   151  N  N   . ASN A 1 26  ? -8.525  2.917   16.558  1.00 18.84  ? 26  ASN A N   1 
ATOM   152  C  CA  . ASN A 1 26  ? -7.771  1.810   17.187  1.00 21.41  ? 26  ASN A CA  1 
ATOM   153  C  C   . ASN A 1 26  ? -6.357  1.732   16.584  1.00 19.52  ? 26  ASN A C   1 
ATOM   154  O  O   . ASN A 1 26  ? -5.355  1.525   17.299  1.00 19.30  ? 26  ASN A O   1 
ATOM   155  C  CB  . ASN A 1 26  ? -8.466  0.454   17.062  1.00 24.88  ? 26  ASN A CB  1 
ATOM   156  C  CG  . ASN A 1 26  ? -7.686  -0.630  17.778  1.00 31.02  ? 26  ASN A CG  1 
ATOM   157  O  OD1 . ASN A 1 26  ? -7.710  -0.718  19.008  1.00 35.46  ? 26  ASN A OD1 1 
ATOM   158  N  ND2 . ASN A 1 26  ? -6.921  -1.417  17.034  1.00 30.80  ? 26  ASN A ND2 1 
ATOM   159  N  N   . ASP A 1 27  ? -6.243  1.947   15.271  1.00 19.03  ? 27  ASP A N   1 
ATOM   160  C  CA  . ASP A 1 27  ? -4.886  1.970   14.668  1.00 17.51  ? 27  ASP A CA  1 
ATOM   161  C  C   . ASP A 1 27  ? -4.028  3.047   15.333  1.00 15.84  ? 27  ASP A C   1 
ATOM   162  O  O   . ASP A 1 27  ? -2.835  2.797   15.636  1.00 15.70  ? 27  ASP A O   1 
ATOM   163  C  CB  . ASP A 1 27  ? -4.938  2.227   13.161  1.00 16.75  ? 27  ASP A CB  1 
ATOM   164  C  CG  . ASP A 1 27  ? -5.418  1.053   12.334  1.00 17.87  ? 27  ASP A CG  1 
ATOM   165  O  OD1 . ASP A 1 27  ? -5.100  -0.070  12.715  1.00 19.30  ? 27  ASP A OD1 1 
ATOM   166  O  OD2 . ASP A 1 27  ? -6.202  1.284   11.405  1.00 17.58  ? 27  ASP A OD2 1 
ATOM   167  N  N   . TRP A 1 28  ? -4.533  4.287   15.439  1.00 16.73  ? 28  TRP A N   1 
ATOM   168  C  CA  . TRP A 1 28  ? -3.778  5.424   16.022  1.00 16.51  ? 28  TRP A CA  1 
ATOM   169  C  C   . TRP A 1 28  ? -3.506  5.194   17.513  1.00 16.26  ? 28  TRP A C   1 
ATOM   170  O  O   . TRP A 1 28  ? -2.455  5.569   17.938  1.00 16.59  ? 28  TRP A O   1 
ATOM   171  C  CB  . TRP A 1 28  ? -4.565  6.723   15.828  1.00 15.77  ? 28  TRP A CB  1 
ATOM   172  C  CG  . TRP A 1 28  ? -4.440  7.278   14.447  1.00 14.86  ? 28  TRP A CG  1 
ATOM   173  C  CD1 . TRP A 1 28  ? -5.351  7.244   13.435  1.00 15.97  ? 28  TRP A CD1 1 
ATOM   174  C  CD2 . TRP A 1 28  ? -3.332  8.036   13.968  1.00 15.65  ? 28  TRP A CD2 1 
ATOM   175  N  NE1 . TRP A 1 28  ? -4.889  7.962   12.362  1.00 14.76  ? 28  TRP A NE1 1 
ATOM   176  C  CE2 . TRP A 1 28  ? -3.620  8.413   12.640  1.00 14.61  ? 28  TRP A CE2 1 
ATOM   177  C  CE3 . TRP A 1 28  ? -2.109  8.421   14.521  1.00 15.14  ? 28  TRP A CE3 1 
ATOM   178  C  CZ2 . TRP A 1 28  ? -2.746  9.186   11.882  1.00 15.76  ? 28  TRP A CZ2 1 
ATOM   179  C  CZ3 . TRP A 1 28  ? -1.249  9.157   13.754  1.00 15.68  ? 28  TRP A CZ3 1 
ATOM   180  C  CH2 . TRP A 1 28  ? -1.547  9.525   12.437  1.00 15.23  ? 28  TRP A CH2 1 
ATOM   181  N  N   . ALA A 1 29  ? -4.380  4.463   18.199  1.00 18.06  ? 29  ALA A N   1 
ATOM   182  C  CA  . ALA A 1 29  ? -4.231  4.181   19.645  1.00 19.18  ? 29  ALA A CA  1 
ATOM   183  C  C   . ALA A 1 29  ? -3.206  3.066   19.880  1.00 22.88  ? 29  ALA A C   1 
ATOM   184  O  O   . ALA A 1 29  ? -2.758  2.871   21.030  1.00 22.61  ? 29  ALA A O   1 
ATOM   185  C  CB  . ALA A 1 29  ? -5.567  3.828   20.230  1.00 18.56  ? 29  ALA A CB  1 
ATOM   186  N  N   . ASN A 1 30  ? -2.846  2.346   18.813  1.00 24.93  ? 30  ASN A N   1 
ATOM   187  C  CA  . ASN A 1 30  ? -1.906  1.201   18.861  1.00 23.87  ? 30  ASN A CA  1 
ATOM   188  C  C   . ASN A 1 30  ? -0.849  1.443   17.793  1.00 23.48  ? 30  ASN A C   1 
ATOM   189  O  O   . ASN A 1 30  ? -0.457  0.471   17.130  1.00 24.40  ? 30  ASN A O   1 
ATOM   190  C  CB  . ASN A 1 30  ? -2.658  -0.108  18.668  1.00 24.33  ? 30  ASN A CB  1 
ATOM   191  C  CG  . ASN A 1 30  ? -3.580  -0.398  19.836  1.00 25.77  ? 30  ASN A CG  1 
ATOM   192  O  OD1 . ASN A 1 30  ? -3.129  -0.873  20.871  1.00 31.42  ? 30  ASN A OD1 1 
ATOM   193  N  ND2 . ASN A 1 30  ? -4.848  -0.077  19.697  1.00 26.77  ? 30  ASN A ND2 1 
ATOM   194  N  N   . LEU A 1 31  ? -0.410  2.682   17.634  1.00 23.02  ? 31  LEU A N   1 
ATOM   195  C  CA  . LEU A 1 31  ? 0.448   3.130   16.519  1.00 21.82  ? 31  LEU A CA  1 
ATOM   196  C  C   . LEU A 1 31  ? 1.845   2.541   16.689  1.00 22.49  ? 31  LEU A C   1 
ATOM   197  O  O   . LEU A 1 31  ? 2.428   2.641   17.780  1.00 25.47  ? 31  LEU A O   1 
ATOM   198  C  CB  . LEU A 1 31  ? 0.541   4.650   16.500  1.00 20.01  ? 31  LEU A CB  1 
ATOM   199  C  CG  . LEU A 1 31  ? 1.392   5.236   15.383  1.00 19.79  ? 31  LEU A CG  1 
ATOM   200  C  CD1 . LEU A 1 31  ? 0.802   4.881   14.030  1.00 20.30  ? 31  LEU A CD1 1 
ATOM   201  C  CD2 . LEU A 1 31  ? 1.533   6.726   15.509  1.00 20.63  ? 31  LEU A CD2 1 
ATOM   202  N  N   . VAL A 1 32  ? 2.400   1.983   15.609  1.00 21.90  ? 32  VAL A N   1 
ATOM   203  C  CA  . VAL A 1 32  ? 3.839   1.614   15.556  1.00 22.50  ? 32  VAL A CA  1 
ATOM   204  C  C   . VAL A 1 32  ? 4.607   2.692   14.782  1.00 21.71  ? 32  VAL A C   1 
ATOM   205  O  O   . VAL A 1 32  ? 5.686   3.114   15.232  1.00 27.07  ? 32  VAL A O   1 
ATOM   206  C  CB  . VAL A 1 32  ? 3.957   0.203   14.965  1.00 22.75  ? 32  VAL A CB  1 
ATOM   207  C  CG1 . VAL A 1 32  ? 5.402   -0.177  14.724  1.00 24.55  ? 32  VAL A CG1 1 
ATOM   208  C  CG2 . VAL A 1 32  ? 3.215   -0.825  15.804  1.00 25.64  ? 32  VAL A CG2 1 
ATOM   209  N  N   . TRP A 1 33  ? 4.079   3.168   13.641  1.00 20.14  ? 33  TRP A N   1 
ATOM   210  C  CA  . TRP A 1 33  ? 4.799   4.079   12.721  1.00 21.38  ? 33  TRP A CA  1 
ATOM   211  C  C   . TRP A 1 33  ? 3.797   4.655   11.713  1.00 19.06  ? 33  TRP A C   1 
ATOM   212  O  O   . TRP A 1 33  ? 2.882   3.917   11.344  1.00 18.65  ? 33  TRP A O   1 
ATOM   213  C  CB  . TRP A 1 33  ? 5.958   3.318   12.036  1.00 23.18  ? 33  TRP A CB  1 
ATOM   214  C  CG  . TRP A 1 33  ? 6.607   4.009   10.879  1.00 22.67  ? 33  TRP A CG  1 
ATOM   215  C  CD1 . TRP A 1 33  ? 7.635   4.898   10.934  1.00 26.46  ? 33  TRP A CD1 1 
ATOM   216  C  CD2 . TRP A 1 33  ? 6.308   3.855   9.473   1.00 22.21  ? 33  TRP A CD2 1 
ATOM   217  N  NE1 . TRP A 1 33  ? 7.988   5.318   9.677   1.00 28.13  ? 33  TRP A NE1 1 
ATOM   218  C  CE2 . TRP A 1 33  ? 7.173   4.712   8.756   1.00 23.78  ? 33  TRP A CE2 1 
ATOM   219  C  CE3 . TRP A 1 33  ? 5.362   3.131   8.748   1.00 21.51  ? 33  TRP A CE3 1 
ATOM   220  C  CZ2 . TRP A 1 33  ? 7.195   4.777   7.364   1.00 23.82  ? 33  TRP A CZ2 1 
ATOM   221  C  CZ3 . TRP A 1 33  ? 5.372   3.205   7.366   1.00 22.65  ? 33  TRP A CZ3 1 
ATOM   222  C  CH2 . TRP A 1 33  ? 6.258   4.032   6.691   1.00 21.39  ? 33  TRP A CH2 1 
ATOM   223  N  N   . GLU A 1 34  ? 3.962   5.903   11.313  1.00 18.93  ? 34  GLU A N   1 
ATOM   224  C  CA  . GLU A 1 34  ? 3.119   6.510   10.260  1.00 19.47  ? 34  GLU A CA  1 
ATOM   225  C  C   . GLU A 1 34  ? 3.922   7.558   9.501   1.00 20.38  ? 34  GLU A C   1 
ATOM   226  O  O   . GLU A 1 34  ? 4.861   8.167   10.090  1.00 22.21  ? 34  GLU A O   1 
ATOM   227  C  CB  . GLU A 1 34  ? 1.816   7.114   10.788  1.00 19.03  ? 34  GLU A CB  1 
ATOM   228  C  CG  . GLU A 1 34  ? 2.018   8.172   11.865  1.00 19.10  ? 34  GLU A CG  1 
ATOM   229  C  CD  . GLU A 1 34  ? 2.356   9.582   11.412  1.00 18.53  ? 34  GLU A CD  1 
ATOM   230  O  OE1 . GLU A 1 34  ? 2.983   10.293  12.234  1.00 23.34  ? 34  GLU A OE1 1 
ATOM   231  O  OE2 . GLU A 1 34  ? 2.032   9.954   10.298  1.00 19.89  ? 34  GLU A OE2 1 
ATOM   232  N  N   . ASP A 1 35  ? 3.597   7.736   8.227   1.00 20.39  ? 35  ASP A N   1 
ATOM   233  C  CA  . ASP A 1 35  ? 4.258   8.697   7.307   1.00 20.86  ? 35  ASP A CA  1 
ATOM   234  C  C   . ASP A 1 35  ? 3.210   9.212   6.318   1.00 21.77  ? 35  ASP A C   1 
ATOM   235  O  O   . ASP A 1 35  ? 2.761   8.436   5.449   1.00 20.47  ? 35  ASP A O   1 
ATOM   236  C  CB  . ASP A 1 35  ? 5.414   7.962   6.611   1.00 21.72  ? 35  ASP A CB  1 
ATOM   237  C  CG  . ASP A 1 35  ? 6.309   8.818   5.748   1.00 22.52  ? 35  ASP A CG  1 
ATOM   238  O  OD1 . ASP A 1 35  ? 5.799   9.676   5.020   1.00 27.60  ? 35  ASP A OD1 1 
ATOM   239  O  OD2 . ASP A 1 35  ? 7.533   8.565   5.818   1.00 28.49  ? 35  ASP A OD2 1 
ATOM   240  N  N   A SER A 1 36  ? 2.791   10.472  6.462   0.25 21.93  ? 36  SER A N   1 
ATOM   241  N  N   B SER A 1 36  ? 2.796   10.477  6.459   0.25 22.53  ? 36  SER A N   1 
ATOM   242  C  CA  A SER A 1 36  ? 1.791   11.135  5.590   0.25 21.94  ? 36  SER A CA  1 
ATOM   243  C  CA  B SER A 1 36  ? 1.792   11.151  5.597   0.25 22.94  ? 36  SER A CA  1 
ATOM   244  C  C   A SER A 1 36  ? 2.311   11.200  4.151   0.25 21.90  ? 36  SER A C   1 
ATOM   245  C  C   B SER A 1 36  ? 2.304   11.236  4.155   0.25 22.43  ? 36  SER A C   1 
ATOM   246  O  O   A SER A 1 36  ? 1.505   11.017  3.227   0.25 22.26  ? 36  SER A O   1 
ATOM   247  O  O   B SER A 1 36  ? 1.482   11.111  3.233   0.25 22.62  ? 36  SER A O   1 
ATOM   248  C  CB  A SER A 1 36  ? 1.445   12.515  6.071   0.25 22.34  ? 36  SER A CB  1 
ATOM   249  C  CB  B SER A 1 36  ? 1.439   12.529  6.105   0.25 24.08  ? 36  SER A CB  1 
ATOM   250  O  OG  A SER A 1 36  ? 0.615   13.170  5.128   0.25 22.45  ? 36  SER A OG  1 
ATOM   251  O  OG  B SER A 1 36  ? 2.600   13.228  6.532   0.25 25.76  ? 36  SER A OG  1 
ATOM   252  N  N   . SER A 1 37  ? 3.610   11.467  3.984   1.00 22.81  ? 37  SER A N   1 
ATOM   253  C  CA  . SER A 1 37  ? 4.240   11.545  2.642   1.00 22.77  ? 37  SER A CA  1 
ATOM   254  C  C   . SER A 1 37  ? 4.011   10.247  1.864   1.00 22.24  ? 37  SER A C   1 
ATOM   255  O  O   . SER A 1 37  ? 3.859   10.320  0.637   1.00 24.01  ? 37  SER A O   1 
ATOM   256  C  CB  . SER A 1 37  ? 5.710   11.887  2.703   1.00 22.46  ? 37  SER A CB  1 
ATOM   257  O  OG  . SER A 1 37  ? 6.489   10.829  3.201   1.00 29.57  ? 37  SER A OG  1 
ATOM   258  N  N   . ARG A 1 38  ? 3.887   9.113   2.543   0.50 20.29  ? 38  ARG A N   1 
ATOM   259  C  CA  . ARG A 1 38  ? 3.776   7.804   1.848   0.50 18.51  ? 38  ARG A CA  1 
ATOM   260  C  C   . ARG A 1 38  ? 2.402   7.177   2.047   0.50 18.61  ? 38  ARG A C   1 
ATOM   261  O  O   . ARG A 1 38  ? 2.241   5.999   1.647   0.50 17.92  ? 38  ARG A O   1 
ATOM   262  C  CB  . ARG A 1 38  ? 4.819   6.855   2.406   0.50 17.37  ? 38  ARG A CB  1 
ATOM   263  C  CG  . ARG A 1 38  ? 6.226   7.408   2.340   0.50 16.78  ? 38  ARG A CG  1 
ATOM   264  C  CD  . ARG A 1 38  ? 7.060   6.434   3.107   0.50 15.84  ? 38  ARG A CD  1 
ATOM   265  N  NE  . ARG A 1 38  ? 6.930   5.103   2.533   0.50 15.69  ? 38  ARG A NE  1 
ATOM   266  C  CZ  . ARG A 1 38  ? 7.937   4.235   2.507   0.50 16.40  ? 38  ARG A CZ  1 
ATOM   267  N  NH1 . ARG A 1 38  ? 9.100   4.589   3.026   0.50 16.44  ? 38  ARG A NH1 1 
ATOM   268  N  NH2 . ARG A 1 38  ? 7.802   3.048   1.942   0.50 16.40  ? 38  ARG A NH2 1 
ATOM   269  N  N   . ASP A 1 39  ? 1.490   7.904   2.695   1.00 18.78  ? 39  ASP A N   1 
ATOM   270  C  CA  . ASP A 1 39  ? 0.111   7.410   2.920   1.00 17.18  ? 39  ASP A CA  1 
ATOM   271  C  C   . ASP A 1 39  ? 0.156   6.072   3.663   1.00 15.24  ? 39  ASP A C   1 
ATOM   272  O  O   . ASP A 1 39  ? -0.671  5.203   3.341   1.00 15.73  ? 39  ASP A O   1 
ATOM   273  C  CB  . ASP A 1 39  ? -0.704  7.304   1.616   1.00 17.55  ? 39  ASP A CB  1 
ATOM   274  C  CG  . ASP A 1 39  ? -2.166  6.938   1.836   1.00 19.40  ? 39  ASP A CG  1 
ATOM   275  O  OD1 . ASP A 1 39  ? -2.716  7.336   2.901   1.00 17.97  ? 39  ASP A OD1 1 
ATOM   276  O  OD2 . ASP A 1 39  ? -2.745  6.170   1.019   1.00 18.24  ? 39  ASP A OD2 1 
ATOM   277  N  N   . LEU A 1 40  ? 1.116   5.820   4.590   1.00 14.35  ? 40  LEU A N   1 
ATOM   278  C  CA  . LEU A 1 40  ? 1.164   4.551   5.297   1.00 14.63  ? 40  LEU A CA  1 
ATOM   279  C  C   . LEU A 1 40  ? 1.034   4.771   6.796   1.00 14.47  ? 40  LEU A C   1 
ATOM   280  O  O   . LEU A 1 40  ? 1.600   5.750   7.331   1.00 15.15  ? 40  LEU A O   1 
ATOM   281  C  CB  . LEU A 1 40  ? 2.481   3.821   5.031   1.00 15.42  ? 40  LEU A CB  1 
ATOM   282  C  CG  . LEU A 1 40  ? 2.635   3.178   3.669   1.00 16.38  ? 40  LEU A CG  1 
ATOM   283  C  CD1 . LEU A 1 40  ? 3.990   2.482   3.605   1.00 16.70  ? 40  LEU A CD1 1 
ATOM   284  C  CD2 . LEU A 1 40  ? 1.519   2.183   3.406   1.00 15.41  ? 40  LEU A CD2 1 
ATOM   285  N  N   . LEU A 1 41  ? 0.417   3.811   7.431   1.00 13.08  ? 41  LEU A N   1 
ATOM   286  C  CA  . LEU A 1 41  ? 0.388   3.734   8.894   1.00 13.87  ? 41  LEU A CA  1 
ATOM   287  C  C   . LEU A 1 41  ? 0.468   2.273   9.284   1.00 13.99  ? 41  LEU A C   1 
ATOM   288  O  O   . LEU A 1 41  ? -0.162  1.432   8.617   1.00 14.95  ? 41  LEU A O   1 
ATOM   289  C  CB  . LEU A 1 41  ? -0.882  4.411   9.414   1.00 14.38  ? 41  LEU A CB  1 
ATOM   290  C  CG  . LEU A 1 41  ? -1.009  4.453   10.940  1.00 14.63  ? 41  LEU A CG  1 
ATOM   291  C  CD1 . LEU A 1 41  ? -1.718  5.702   11.425  1.00 14.54  ? 41  LEU A CD1 1 
ATOM   292  C  CD2 . LEU A 1 41  ? -1.741  3.251   11.439  1.00 15.06  ? 41  LEU A CD2 1 
ATOM   293  N  N   . VAL A 1 42  ? 1.238   1.988   10.332  1.00 15.66  ? 42  VAL A N   1 
ATOM   294  C  CA  . VAL A 1 42  ? 1.359   0.630   10.884  1.00 16.50  ? 42  VAL A CA  1 
ATOM   295  C  C   . VAL A 1 42  ? 0.957   0.662   12.352  1.00 17.47  ? 42  VAL A C   1 
ATOM   296  O  O   . VAL A 1 42  ? 1.462   1.542   13.053  1.00 18.82  ? 42  VAL A O   1 
ATOM   297  C  CB  . VAL A 1 42  ? 2.786   0.090   10.714  1.00 17.65  ? 42  VAL A CB  1 
ATOM   298  C  CG1 . VAL A 1 42  ? 2.862   -1.319  11.273  1.00 19.58  ? 42  VAL A CG1 1 
ATOM   299  C  CG2 . VAL A 1 42  ? 3.218   0.156   9.238   1.00 17.98  ? 42  VAL A CG2 1 
ATOM   300  N  N   . SER A 1 43  ? 0.094   -0.258  12.726  1.00 18.04  ? 43  SER A N   1 
ATOM   301  C  CA  . SER A 1 43  ? -0.408  -0.501  14.109  1.00 19.51  ? 43  SER A CA  1 
ATOM   302  C  C   . SER A 1 43  ? -0.093  -1.946  14.548  1.00 24.44  ? 43  SER A C   1 
ATOM   303  O  O   . SER A 1 43  ? 0.239   -2.812  13.688  1.00 22.93  ? 43  SER A O   1 
ATOM   304  C  CB  . SER A 1 43  ? -1.890  -0.185  14.168  1.00 18.08  ? 43  SER A CB  1 
ATOM   305  O  OG  . SER A 1 43  ? -2.692  -1.076  13.391  1.00 19.38  ? 43  SER A OG  1 
ATOM   306  N  N   A SER A 1 44  ? -0.201  -2.204  15.855  0.25 24.29  ? 44  SER A N   1 
ATOM   307  N  N   B SER A 1 44  ? -0.200  -2.198  15.857  0.25 23.37  ? 44  SER A N   1 
ATOM   308  C  CA  A SER A 1 44  ? 0.078   -3.517  16.499  0.25 25.45  ? 44  SER A CA  1 
ATOM   309  C  CA  B SER A 1 44  ? 0.100   -3.497  16.523  0.25 23.92  ? 44  SER A CA  1 
ATOM   310  C  C   A SER A 1 44  ? -1.167  -4.405  16.469  0.25 27.26  ? 44  SER A C   1 
ATOM   311  C  C   B SER A 1 44  ? -1.143  -4.393  16.530  0.25 26.06  ? 44  SER A C   1 
ATOM   312  O  O   A SER A 1 44  ? -2.287  -3.868  16.538  0.25 28.06  ? 44  SER A O   1 
ATOM   313  O  O   B SER A 1 44  ? -2.258  -3.853  16.660  0.25 26.45  ? 44  SER A O   1 
ATOM   314  C  CB  A SER A 1 44  ? 0.573   -3.341  17.907  0.25 26.04  ? 44  SER A CB  1 
ATOM   315  C  CB  B SER A 1 44  ? 0.626   -3.276  17.919  0.25 23.76  ? 44  SER A CB  1 
ATOM   316  O  OG  A SER A 1 44  ? -0.344  -2.564  18.660  0.25 25.28  ? 44  SER A OG  1 
ATOM   317  O  OG  B SER A 1 44  ? 1.773   -2.434  17.904  0.25 21.39  ? 44  SER A OG  1 
ATOM   318  N  N   . THR A 1 45  ? -0.957  -5.724  16.427  0.50 27.98  ? 45  THR A N   1 
ATOM   319  C  CA  . THR A 1 45  ? -2.025  -6.754  16.375  0.50 29.94  ? 45  THR A CA  1 
ATOM   320  C  C   . THR A 1 45  ? -1.829  -7.770  17.508  0.50 30.83  ? 45  THR A C   1 
ATOM   321  O  O   . THR A 1 45  ? -0.680  -7.968  17.949  0.50 29.31  ? 45  THR A O   1 
ATOM   322  C  CB  . THR A 1 45  ? -2.040  -7.450  15.009  0.50 30.37  ? 45  THR A CB  1 
ATOM   323  O  OG1 . THR A 1 45  ? -0.918  -8.330  14.957  0.50 31.00  ? 45  THR A OG1 1 
ATOM   324  C  CG2 . THR A 1 45  ? -1.973  -6.477  13.852  0.50 29.78  ? 45  THR A CG2 1 
ATOM   325  N  N   . THR A 1 46  ? -2.923  -8.384  17.962  0.50 33.60  ? 46  THR A N   1 
ATOM   326  C  CA  . THR A 1 46  ? -2.918  -9.465  18.981  0.50 35.15  ? 46  THR A CA  1 
ATOM   327  C  C   . THR A 1 46  ? -2.431  -10.749 18.300  0.50 36.53  ? 46  THR A C   1 
ATOM   328  O  O   . THR A 1 46  ? -1.359  -11.255 18.685  0.50 38.81  ? 46  THR A O   1 
ATOM   329  C  CB  . THR A 1 46  ? -4.300  -9.600  19.635  0.50 35.03  ? 46  THR A CB  1 
ATOM   330  O  OG1 . THR A 1 46  ? -5.251  -9.998  18.642  0.50 36.98  ? 46  THR A OG1 1 
ATOM   331  C  CG2 . THR A 1 46  ? -4.761  -8.315  20.290  0.50 33.96  ? 46  THR A CG2 1 
ATOM   332  N  N   . ALA A 1 47  ? -3.179  -11.207 17.291  1.00 37.64  ? 47  ALA A N   1 
ATOM   333  C  CA  . ALA A 1 47  ? -2.871  -12.419 16.488  1.00 35.44  ? 47  ALA A CA  1 
ATOM   334  C  C   . ALA A 1 47  ? -1.810  -12.090 15.421  1.00 33.71  ? 47  ALA A C   1 
ATOM   335  O  O   . ALA A 1 47  ? -1.743  -10.919 14.950  1.00 32.52  ? 47  ALA A O   1 
ATOM   336  C  CB  . ALA A 1 47  ? -4.140  -12.934 15.853  1.00 36.64  ? 47  ALA A CB  1 
ATOM   337  N  N   . GLN A 1 48  ? -0.995  -13.083 15.046  0.50 33.28  ? 48  GLN A N   1 
ATOM   338  C  CA  . GLN A 1 48  ? 0.041   -12.947 13.986  0.50 32.09  ? 48  GLN A CA  1 
ATOM   339  C  C   . GLN A 1 48  ? -0.632  -13.062 12.612  0.50 30.71  ? 48  GLN A C   1 
ATOM   340  O  O   . GLN A 1 48  ? -1.643  -13.779 12.501  0.50 30.90  ? 48  GLN A O   1 
ATOM   341  C  CB  . GLN A 1 48  ? 1.157   -13.973 14.183  0.50 33.09  ? 48  GLN A CB  1 
ATOM   342  C  CG  . GLN A 1 48  ? 1.891   -13.805 15.507  0.50 34.26  ? 48  GLN A CG  1 
ATOM   343  C  CD  . GLN A 1 48  ? 3.367   -14.108 15.419  0.50 35.74  ? 48  GLN A CD  1 
ATOM   344  O  OE1 . GLN A 1 48  ? 3.892   -14.954 16.136  0.50 36.62  ? 48  GLN A OE1 1 
ATOM   345  N  NE2 . GLN A 1 48  ? 4.057   -13.402 14.535  0.50 36.63  ? 48  GLN A NE2 1 
ATOM   346  N  N   . GLY A 1 49  ? -0.076  -12.368 11.611  1.00 29.55  ? 49  GLY A N   1 
ATOM   347  C  CA  . GLY A 1 49  ? -0.684  -12.231 10.272  1.00 29.97  ? 49  GLY A CA  1 
ATOM   348  C  C   . GLY A 1 49  ? -0.192  -13.261 9.271   1.00 29.35  ? 49  GLY A C   1 
ATOM   349  O  O   . GLY A 1 49  ? 0.932   -13.777 9.482   1.00 28.53  ? 49  GLY A O   1 
ATOM   350  N  N   . CYS A 1 50  ? -0.960  -13.442 8.181   1.00 28.02  ? 50  CYS A N   1 
ATOM   351  C  CA  . CYS A 1 50  ? -0.728  -14.482 7.146   1.00 28.39  ? 50  CYS A CA  1 
ATOM   352  C  C   . CYS A 1 50  ? 0.209   -13.989 6.027   1.00 29.16  ? 50  CYS A C   1 
ATOM   353  O  O   . CYS A 1 50  ? 0.611   -14.858 5.240   1.00 28.94  ? 50  CYS A O   1 
ATOM   354  C  CB  . CYS A 1 50  ? -2.034  -14.958 6.491   1.00 31.07  ? 50  CYS A CB  1 
ATOM   355  S  SG  . CYS A 1 50  ? -3.149  -15.948 7.539   1.00 38.19  ? 50  CYS A SG  1 
ATOM   356  N  N   . ASP A 1 51  ? 0.527   -12.691 5.921   1.00 25.66  ? 51  ASP A N   1 
ATOM   357  C  CA  . ASP A 1 51  ? 1.283   -12.129 4.755   1.00 23.01  ? 51  ASP A CA  1 
ATOM   358  C  C   . ASP A 1 51  ? 2.804   -12.132 4.987   1.00 22.72  ? 51  ASP A C   1 
ATOM   359  O  O   . ASP A 1 51  ? 3.256   -11.935 6.119   1.00 25.97  ? 51  ASP A O   1 
ATOM   360  C  CB  . ASP A 1 51  ? 0.786   -10.722 4.393   1.00 22.42  ? 51  ASP A CB  1 
ATOM   361  C  CG  . ASP A 1 51  ? -0.689  -10.640 4.081   1.00 23.35  ? 51  ASP A CG  1 
ATOM   362  O  OD1 . ASP A 1 51  ? -1.203  -11.458 3.262   1.00 27.55  ? 51  ASP A OD1 1 
ATOM   363  O  OD2 . ASP A 1 51  ? -1.330  -9.722  4.611   1.00 24.49  ? 51  ASP A OD2 1 
ATOM   364  N  N   . THR A 1 52  ? 3.554   -12.356 3.893   1.00 22.00  ? 52  THR A N   1 
ATOM   365  C  CA  . THR A 1 52  ? 5.018   -12.239 3.744   1.00 21.93  ? 52  THR A CA  1 
ATOM   366  C  C   . THR A 1 52  ? 5.308   -10.991 2.897   1.00 18.73  ? 52  THR A C   1 
ATOM   367  O  O   . THR A 1 52  ? 4.651   -10.806 1.842   1.00 19.74  ? 52  THR A O   1 
ATOM   368  C  CB  . THR A 1 52  ? 5.599   -13.482 3.040   1.00 24.19  ? 52  THR A CB  1 
ATOM   369  O  OG1 . THR A 1 52  ? 5.328   -14.612 3.878   1.00 27.72  ? 52  THR A OG1 1 
ATOM   370  C  CG2 . THR A 1 52  ? 7.089   -13.387 2.777   1.00 26.71  ? 52  THR A CG2 1 
ATOM   371  N  N   . ILE A 1 53  ? 6.269   -10.185 3.301   1.00 19.49  ? 53  ILE A N   1 
ATOM   372  C  CA  . ILE A 1 53  ? 6.659   -8.974  2.538   1.00 17.99  ? 53  ILE A CA  1 
ATOM   373  C  C   . ILE A 1 53  ? 7.722   -9.393  1.521   1.00 19.83  ? 53  ILE A C   1 
ATOM   374  O  O   . ILE A 1 53  ? 8.706   -10.049 1.914   1.00 18.96  ? 53  ILE A O   1 
ATOM   375  C  CB  . ILE A 1 53  ? 7.142   -7.839  3.455   1.00 19.61  ? 53  ILE A CB  1 
ATOM   376  C  CG1 . ILE A 1 53  ? 6.132   -7.550  4.584   1.00 19.12  ? 53  ILE A CG1 1 
ATOM   377  C  CG2 . ILE A 1 53  ? 7.452   -6.602  2.641   1.00 19.44  ? 53  ILE A CG2 1 
ATOM   378  C  CD1 . ILE A 1 53  ? 4.734   -7.195  4.128   1.00 18.77  ? 53  ILE A CD1 1 
ATOM   379  N  N   . ALA A 1 54  ? 7.543   -9.021  0.267   1.00 17.62  ? 54  ALA A N   1 
ATOM   380  C  CA  . ALA A 1 54  ? 8.556   -9.133  -0.792  1.00 19.02  ? 54  ALA A CA  1 
ATOM   381  C  C   . ALA A 1 54  ? 9.797   -8.333  -0.416  1.00 17.36  ? 54  ALA A C   1 
ATOM   382  O  O   . ALA A 1 54  ? 9.696   -7.161  0.084   1.00 17.28  ? 54  ALA A O   1 
ATOM   383  C  CB  . ALA A 1 54  ? 7.946   -8.587  -2.057  1.00 17.76  ? 54  ALA A CB  1 
ATOM   384  N  N   . ARG A 1 55  ? 10.963  -8.933  -0.638  1.00 18.35  ? 55  ARG A N   1 
ATOM   385  C  CA  . ARG A 1 55  ? 12.240  -8.208  -0.489  1.00 18.36  ? 55  ARG A CA  1 
ATOM   386  C  C   . ARG A 1 55  ? 12.971  -8.345  -1.816  1.00 17.90  ? 55  ARG A C   1 
ATOM   387  O  O   . ARG A 1 55  ? 13.623  -9.360  -2.030  1.00 20.26  ? 55  ARG A O   1 
ATOM   388  C  CB  . ARG A 1 55  ? 13.055  -8.745  0.691   1.00 20.96  ? 55  ARG A CB  1 
ATOM   389  C  CG  . ARG A 1 55  ? 12.356  -8.671  2.045   1.00 21.54  ? 55  ARG A CG  1 
ATOM   390  C  CD  . ARG A 1 55  ? 12.079  -7.265  2.558   1.00 22.00  ? 55  ARG A CD  1 
ATOM   391  N  NE  . ARG A 1 55  ? 11.249  -7.317  3.770   1.00 23.66  ? 55  ARG A NE  1 
ATOM   392  C  CZ  . ARG A 1 55  ? 10.562  -6.289  4.242   1.00 22.27  ? 55  ARG A CZ  1 
ATOM   393  N  NH1 . ARG A 1 55  ? 10.594  -5.136  3.626   1.00 20.74  ? 55  ARG A NH1 1 
ATOM   394  N  NH2 . ARG A 1 55  ? 9.824   -6.413  5.330   1.00 26.59  ? 55  ARG A NH2 1 
ATOM   395  N  N   . CYS A 1 56  ? 12.878  -7.339  -2.667  1.00 16.50  ? 56  CYS A N   1 
ATOM   396  C  CA  . CYS A 1 56  ? 13.154  -7.494  -4.117  1.00 17.56  ? 56  CYS A CA  1 
ATOM   397  C  C   . CYS A 1 56  ? 13.018  -6.171  -4.846  1.00 17.43  ? 56  CYS A C   1 
ATOM   398  O  O   . CYS A 1 56  ? 12.573  -5.150  -4.240  1.00 18.77  ? 56  CYS A O   1 
ATOM   399  C  CB  . CYS A 1 56  ? 12.195  -8.518  -4.693  1.00 15.50  ? 56  CYS A CB  1 
ATOM   400  S  SG  . CYS A 1 56  ? 10.516  -7.846  -4.908  1.00 16.90  ? 56  CYS A SG  1 
ATOM   401  N  N   A ASP A 1 57  ? 13.397  -6.126  -6.130  0.25 18.08  ? 57  ASP A N   1 
ATOM   402  N  N   B ASP A 1 57  ? 13.335  -6.248  -6.143  0.23 18.83  ? 57  ASP A N   1 
ATOM   403  C  CA  A ASP A 1 57  ? 13.150  -4.957  -7.019  0.25 18.56  ? 57  ASP A CA  1 
ATOM   404  C  CA  B ASP A 1 57  ? 13.366  -5.149  -7.136  0.23 19.49  ? 57  ASP A CA  1 
ATOM   405  C  C   A ASP A 1 57  ? 12.283  -5.394  -8.209  0.25 18.52  ? 57  ASP A C   1 
ATOM   406  C  C   B ASP A 1 57  ? 12.283  -5.381  -8.205  0.23 19.08  ? 57  ASP A C   1 
ATOM   407  O  O   A ASP A 1 57  ? 12.439  -4.829  -9.291  0.25 19.31  ? 57  ASP A O   1 
ATOM   408  O  O   B ASP A 1 57  ? 12.290  -4.643  -9.202  0.23 19.72  ? 57  ASP A O   1 
ATOM   409  C  CB  A ASP A 1 57  ? 14.451  -4.270  -7.458  0.25 19.05  ? 57  ASP A CB  1 
ATOM   410  C  CB  B ASP A 1 57  ? 14.762  -5.089  -7.769  0.23 20.90  ? 57  ASP A CB  1 
ATOM   411  C  CG  A ASP A 1 57  ? 15.273  -5.046  -8.473  0.25 20.25  ? 57  ASP A CG  1 
ATOM   412  C  CG  B ASP A 1 57  ? 15.147  -3.741  -8.356  0.23 21.95  ? 57  ASP A CG  1 
ATOM   413  O  OD1 A ASP A 1 57  ? 14.973  -6.227  -8.685  0.25 21.26  ? 57  ASP A OD1 1 
ATOM   414  O  OD1 B ASP A 1 57  ? 14.611  -2.724  -7.883  0.23 24.11  ? 57  ASP A OD1 1 
ATOM   415  O  OD2 A ASP A 1 57  ? 16.219  -4.458  -9.025  0.25 23.14  ? 57  ASP A OD2 1 
ATOM   416  O  OD2 B ASP A 1 57  ? 15.985  -3.719  -9.287  0.23 22.89  ? 57  ASP A OD2 1 
ATOM   417  N  N   . CYS A 1 58  ? 11.371  -6.338  -8.002  1.00 18.29  ? 58  CYS A N   1 
ATOM   418  C  CA  . CYS A 1 58  ? 10.370  -6.688  -9.051  1.00 16.52  ? 58  CYS A CA  1 
ATOM   419  C  C   . CYS A 1 58  ? 9.610   -5.447  -9.507  1.00 15.30  ? 58  CYS A C   1 
ATOM   420  O  O   . CYS A 1 58  ? 9.309   -4.565  -8.658  1.00 15.28  ? 58  CYS A O   1 
ATOM   421  C  CB  . CYS A 1 58  ? 9.320   -7.649  -8.552  1.00 17.37  ? 58  CYS A CB  1 
ATOM   422  S  SG  . CYS A 1 58  ? 9.976   -9.314  -8.364  1.00 18.07  ? 58  CYS A SG  1 
ATOM   423  N  N   . GLN A 1 59  ? 9.273   -5.445  -10.786 1.00 16.85  ? 59  GLN A N   1 
ATOM   424  C  CA  . GLN A 1 59  ? 8.429   -4.426  -11.442 1.00 15.83  ? 59  GLN A CA  1 
ATOM   425  C  C   . GLN A 1 59  ? 7.306   -5.140  -12.172 1.00 14.10  ? 59  GLN A C   1 
ATOM   426  O  O   . GLN A 1 59  ? 6.634   -4.485  -12.938 1.00 14.68  ? 59  GLN A O   1 
ATOM   427  C  CB  . GLN A 1 59  ? 9.181   -3.520  -12.430 1.00 18.30  ? 59  GLN A CB  1 
ATOM   428  C  CG  . GLN A 1 59  ? 10.064  -2.494  -11.775 1.00 20.13  ? 59  GLN A CG  1 
ATOM   429  C  CD  . GLN A 1 59  ? 10.691  -1.573  -12.795 1.00 19.78  ? 59  GLN A CD  1 
ATOM   430  O  OE1 . GLN A 1 59  ? 11.888  -1.697  -13.079 1.00 24.10  ? 59  GLN A OE1 1 
ATOM   431  N  NE2 . GLN A 1 59  ? 9.905   -0.691  -13.396 1.00 21.39  ? 59  GLN A NE2 1 
ATOM   432  N  N   . THR A 1 60  ? 7.060   -6.400  -11.843 1.00 14.09  ? 60  THR A N   1 
ATOM   433  C  CA  . THR A 1 60  ? 5.835   -7.077  -12.355 1.00 14.47  ? 60  THR A CA  1 
ATOM   434  C  C   . THR A 1 60  ? 5.149   -7.819  -11.213 1.00 12.78  ? 60  THR A C   1 
ATOM   435  O  O   . THR A 1 60  ? 5.797   -8.290  -10.304 1.00 15.03  ? 60  THR A O   1 
ATOM   436  C  CB  . THR A 1 60  ? 6.085   -7.989  -13.544 1.00 16.75  ? 60  THR A CB  1 
ATOM   437  O  OG1 . THR A 1 60  ? 6.873   -9.076  -13.099 1.00 23.76  ? 60  THR A OG1 1 
ATOM   438  C  CG2 . THR A 1 60  ? 6.676   -7.209  -14.693 1.00 17.75  ? 60  THR A CG2 1 
ATOM   439  N  N   . GLY A 1 61  ? 3.831   -7.773  -11.214 1.00 12.34  ? 61  GLY A N   1 
ATOM   440  C  CA  . GLY A 1 61  ? 3.070   -8.425  -10.154 1.00 11.75  ? 61  GLY A CA  1 
ATOM   441  C  C   . GLY A 1 61  ? 1.594   -8.396  -10.458 1.00 10.66  ? 61  GLY A C   1 
ATOM   442  O  O   . GLY A 1 61  ? 1.231   -8.261  -11.619 1.00 12.23  ? 61  GLY A O   1 
ATOM   443  N  N   . VAL A 1 62  ? 0.824   -8.603  -9.413  1.00 9.81   ? 62  VAL A N   1 
ATOM   444  C  CA  . VAL A 1 62  ? -0.662  -8.685  -9.558  1.00 10.37  ? 62  VAL A CA  1 
ATOM   445  C  C   . VAL A 1 62  ? -1.238  -7.853  -8.427  1.00 11.29  ? 62  VAL A C   1 
ATOM   446  O  O   . VAL A 1 62  ? -0.800  -8.014  -7.272  1.00 13.37  ? 62  VAL A O   1 
ATOM   447  C  CB  . VAL A 1 62  ? -1.110  -10.152 -9.506  1.00 11.97  ? 62  VAL A CB  1 
ATOM   448  C  CG1 . VAL A 1 62  ? -2.614  -10.271 -9.453  1.00 12.79  ? 62  VAL A CG1 1 
ATOM   449  C  CG2 . VAL A 1 62  ? -0.563  -10.936 -10.687 1.00 12.26  ? 62  VAL A CG2 1 
ATOM   450  N  N   . TYR A 1 63  ? -2.296  -7.099  -8.707  1.00 11.63  ? 63  TYR A N   1 
ATOM   451  C  CA  . TYR A 1 63  ? -2.955  -6.313  -7.633  1.00 9.45   ? 63  TYR A CA  1 
ATOM   452  C  C   . TYR A 1 63  ? -4.454  -6.602  -7.606  1.00 11.43  ? 63  TYR A C   1 
ATOM   453  O  O   . TYR A 1 63  ? -5.053  -6.940  -8.646  1.00 12.93  ? 63  TYR A O   1 
ATOM   454  C  CB  . TYR A 1 63  ? -2.735  -4.797  -7.773  1.00 11.49  ? 63  TYR A CB  1 
ATOM   455  C  CG  . TYR A 1 63  ? -3.638  -4.059  -8.729  1.00 11.83  ? 63  TYR A CG  1 
ATOM   456  C  CD1 . TYR A 1 63  ? -3.428  -4.099  -10.101 1.00 12.70  ? 63  TYR A CD1 1 
ATOM   457  C  CD2 . TYR A 1 63  ? -4.676  -3.278  -8.252  1.00 12.37  ? 63  TYR A CD2 1 
ATOM   458  C  CE1 . TYR A 1 63  ? -4.219  -3.384  -10.977 1.00 13.62  ? 63  TYR A CE1 1 
ATOM   459  C  CE2 . TYR A 1 63  ? -5.485  -2.573  -9.114  1.00 13.86  ? 63  TYR A CE2 1 
ATOM   460  C  CZ  . TYR A 1 63  ? -5.254  -2.630  -10.474 1.00 13.66  ? 63  TYR A CZ  1 
ATOM   461  O  OH  . TYR A 1 63  ? -6.046  -1.948  -11.344 1.00 16.42  ? 63  TYR A OH  1 
ATOM   462  N  N   . TYR A 1 64  ? -5.028  -6.454  -6.437  1.00 11.73  ? 64  TYR A N   1 
ATOM   463  C  CA  . TYR A 1 64  ? -6.466  -6.614  -6.264  1.00 12.71  ? 64  TYR A CA  1 
ATOM   464  C  C   . TYR A 1 64  ? -7.129  -5.267  -6.419  1.00 12.68  ? 64  TYR A C   1 
ATOM   465  O  O   . TYR A 1 64  ? -6.847  -4.302  -5.719  1.00 12.44  ? 64  TYR A O   1 
ATOM   466  C  CB  . TYR A 1 64  ? -6.786  -7.205  -4.910  1.00 14.07  ? 64  TYR A CB  1 
ATOM   467  C  CG  . TYR A 1 64  ? -8.264  -7.400  -4.782  1.00 15.47  ? 64  TYR A CG  1 
ATOM   468  C  CD1 . TYR A 1 64  ? -8.913  -8.270  -5.642  1.00 17.63  ? 64  TYR A CD1 1 
ATOM   469  C  CD2 . TYR A 1 64  ? -8.986  -6.738  -3.812  1.00 16.23  ? 64  TYR A CD2 1 
ATOM   470  C  CE1 . TYR A 1 64  ? -10.281 -8.480  -5.536  1.00 19.15  ? 64  TYR A CE1 1 
ATOM   471  C  CE2 . TYR A 1 64  ? -10.367 -6.919  -3.718  1.00 18.60  ? 64  TYR A CE2 1 
ATOM   472  C  CZ  . TYR A 1 64  ? -10.997 -7.807  -4.562  1.00 21.09  ? 64  TYR A CZ  1 
ATOM   473  O  OH  . TYR A 1 64  ? -12.364 -7.961  -4.518  1.00 21.72  ? 64  TYR A OH  1 
ATOM   474  N  N   . CYS A 1 65  ? -8.170  -5.267  -7.255  1.00 12.93  ? 65  CYS A N   1 
ATOM   475  C  CA  . CYS A 1 65  ? -9.012  -4.110  -7.587  1.00 14.06  ? 65  CYS A CA  1 
ATOM   476  C  C   . CYS A 1 65  ? -10.443 -4.378  -7.076  1.00 14.67  ? 65  CYS A C   1 
ATOM   477  O  O   . CYS A 1 65  ? -11.235 -5.085  -7.793  1.00 16.23  ? 65  CYS A O   1 
ATOM   478  C  CB  . CYS A 1 65  ? -8.973  -3.814  -9.069  1.00 14.14  ? 65  CYS A CB  1 
ATOM   479  S  SG  . CYS A 1 65  ? -10.072 -2.469  -9.535  1.00 15.94  ? 65  CYS A SG  1 
ATOM   480  N  N   . SER A 1 66  ? -10.781 -3.864  -5.883  1.00 15.19  ? 66  SER A N   1 
ATOM   481  C  CA  . SER A 1 66  ? -12.127 -4.110  -5.291  1.00 16.49  ? 66  SER A CA  1 
ATOM   482  C  C   . SER A 1 66  ? -13.236 -3.592  -6.203  1.00 15.34  ? 66  SER A C   1 
ATOM   483  O  O   . SER A 1 66  ? -14.304 -4.274  -6.239  1.00 18.22  ? 66  SER A O   1 
ATOM   484  C  CB  . SER A 1 66  ? -12.248 -3.537  -3.914  1.00 18.37  ? 66  SER A CB  1 
ATOM   485  O  OG  . SER A 1 66  ? -12.288 -2.123  -3.899  1.00 22.59  ? 66  SER A OG  1 
ATOM   486  N  N   . SER A 1 67  ? -13.029 -2.496  -6.906  1.00 14.57  ? 67  SER A N   1 
ATOM   487  C  CA  . SER A 1 67  ? -14.113 -1.882  -7.732  1.00 16.28  ? 67  SER A CA  1 
ATOM   488  C  C   . SER A 1 67  ? -14.349 -2.713  -9.002  1.00 17.34  ? 67  SER A C   1 
ATOM   489  O  O   . SER A 1 67  ? -15.255 -2.334  -9.831  1.00 17.90  ? 67  SER A O   1 
ATOM   490  C  CB  . SER A 1 67  ? -13.839 -0.484  -8.070  1.00 16.74  ? 67  SER A CB  1 
ATOM   491  O  OG  . SER A 1 67  ? -12.663 -0.325  -8.859  1.00 16.44  ? 67  SER A OG  1 
ATOM   492  N  N   . ARG A 1 68  ? -13.620 -3.811  -9.196  1.00 16.39  ? 68  ARG A N   1 
ATOM   493  C  CA  . ARG A 1 68  ? -13.822 -4.752  -10.327 1.00 16.29  ? 68  ARG A CA  1 
ATOM   494  C  C   . ARG A 1 68  ? -13.973 -6.155  -9.781  1.00 14.70  ? 68  ARG A C   1 
ATOM   495  O  O   . ARG A 1 68  ? -14.141 -7.069  -10.620 1.00 18.35  ? 68  ARG A O   1 
ATOM   496  C  CB  . ARG A 1 68  ? -12.701 -4.662  -11.367 1.00 15.71  ? 68  ARG A CB  1 
ATOM   497  C  CG  . ARG A 1 68  ? -12.562 -3.330  -12.049 1.00 16.12  ? 68  ARG A CG  1 
ATOM   498  C  CD  . ARG A 1 68  ? -13.677 -3.208  -13.094 1.00 17.16  ? 68  ARG A CD  1 
ATOM   499  N  NE  . ARG A 1 68  ? -13.585 -1.951  -13.795 1.00 18.89  ? 68  ARG A NE  1 
ATOM   500  C  CZ  . ARG A 1 68  ? -14.130 -0.806  -13.393 1.00 18.52  ? 68  ARG A CZ  1 
ATOM   501  N  NH1 . ARG A 1 68  ? -14.871 -0.781  -12.296 1.00 18.98  ? 68  ARG A NH1 1 
ATOM   502  N  NH2 . ARG A 1 68  ? -13.953 0.295   -14.098 1.00 19.35  ? 68  ARG A NH2 1 
ATOM   503  N  N   . ARG A 1 69  ? -13.782 -6.409  -8.480  1.00 15.60  ? 69  ARG A N   1 
ATOM   504  C  CA  . ARG A 1 69  ? -13.711 -7.770  -7.923  1.00 17.45  ? 69  ARG A CA  1 
ATOM   505  C  C   . ARG A 1 69  ? -12.737 -8.606  -8.757  1.00 17.90  ? 69  ARG A C   1 
ATOM   506  O  O   . ARG A 1 69  ? -13.026 -9.757  -9.031  1.00 20.45  ? 69  ARG A O   1 
ATOM   507  C  CB  . ARG A 1 69  ? -15.105 -8.413  -7.906  1.00 18.87  ? 69  ARG A CB  1 
ATOM   508  C  CG  . ARG A 1 69  ? -16.063 -7.725  -6.951  1.00 21.18  ? 69  ARG A CG  1 
ATOM   509  C  CD  . ARG A 1 69  ? -17.322 -8.540  -6.711  1.00 22.42  ? 69  ARG A CD  1 
ATOM   510  N  NE  . ARG A 1 69  ? -18.298 -7.851  -5.847  1.00 26.28  ? 69  ARG A NE  1 
ATOM   511  C  CZ  . ARG A 1 69  ? -19.492 -7.373  -6.236  1.00 25.99  ? 69  ARG A CZ  1 
ATOM   512  N  NH1 . ARG A 1 69  ? -19.865 -7.421  -7.507  1.00 26.28  ? 69  ARG A NH1 1 
ATOM   513  N  NH2 . ARG A 1 69  ? -20.287 -6.773  -5.353  1.00 27.25  ? 69  ARG A NH2 1 
ATOM   514  N  N   . LYS A 1 70  ? -11.548 -8.065  -9.057  1.00 19.38  ? 70  LYS A N   1 
ATOM   515  C  CA  . LYS A 1 70  ? -10.605 -8.729  -9.997  1.00 18.60  ? 70  LYS A CA  1 
ATOM   516  C  C   . LYS A 1 70  ? -9.181  -8.452  -9.519  1.00 16.46  ? 70  LYS A C   1 
ATOM   517  O  O   . LYS A 1 70  ? -8.909  -7.337  -9.080  1.00 17.15  ? 70  LYS A O   1 
ATOM   518  C  CB  . LYS A 1 70  ? -10.747 -8.237  -11.441 1.00 20.71  ? 70  LYS A CB  1 
ATOM   519  C  CG  . LYS A 1 70  ? -11.974 -8.808  -12.145 1.00 26.51  ? 70  LYS A CG  1 
ATOM   520  C  CD  . LYS A 1 70  ? -11.840 -8.907  -13.645 1.00 31.46  ? 70  LYS A CD  1 
ATOM   521  C  CE  . LYS A 1 70  ? -13.116 -9.418  -14.289 1.00 37.21  ? 70  LYS A CE  1 
ATOM   522  N  NZ  . LYS A 1 70  ? -14.303 -8.615  -13.895 1.00 42.17  ? 70  LYS A NZ  1 
ATOM   523  N  N   . HIS A 1 71  ? -8.339  -9.444  -9.702  1.00 15.38  ? 71  HIS A N   1 
ATOM   524  C  CA  . HIS A 1 71  ? -6.868  -9.300  -9.612  1.00 14.53  ? 71  HIS A CA  1 
ATOM   525  C  C   . HIS A 1 71  ? -6.339  -9.088  -11.010 1.00 15.87  ? 71  HIS A C   1 
ATOM   526  O  O   . HIS A 1 71  ? -6.699  -9.886  -11.926 1.00 18.62  ? 71  HIS A O   1 
ATOM   527  C  CB  . HIS A 1 71  ? -6.252  -10.522 -8.961  1.00 15.20  ? 71  HIS A CB  1 
ATOM   528  C  CG  . HIS A 1 71  ? -6.645  -10.741 -7.547  1.00 15.63  ? 71  HIS A CG  1 
ATOM   529  N  ND1 . HIS A 1 71  ? -5.863  -10.405 -6.466  1.00 16.04  ? 71  HIS A ND1 1 
ATOM   530  C  CD2 . HIS A 1 71  ? -7.753  -11.298 -7.034  1.00 17.52  ? 71  HIS A CD2 1 
ATOM   531  C  CE1 . HIS A 1 71  ? -6.469  -10.725 -5.361  1.00 15.20  ? 71  HIS A CE1 1 
ATOM   532  N  NE2 . HIS A 1 71  ? -7.603  -11.305 -5.670  1.00 19.63  ? 71  HIS A NE2 1 
ATOM   533  N  N   . TYR A 1 72  ? -5.526  -8.062  -11.223 1.00 13.59  ? 72  TYR A N   1 
ATOM   534  C  CA  . TYR A 1 72  ? -4.926  -7.742  -12.539 1.00 12.87  ? 72  TYR A CA  1 
ATOM   535  C  C   . TYR A 1 72  ? -3.414  -7.869  -12.508 1.00 12.73  ? 72  TYR A C   1 
ATOM   536  O  O   . TYR A 1 72  ? -2.762  -7.307  -11.626 1.00 13.45  ? 72  TYR A O   1 
ATOM   537  C  CB  . TYR A 1 72  ? -5.244  -6.304  -12.962 1.00 14.61  ? 72  TYR A CB  1 
ATOM   538  C  CG  . TYR A 1 72  ? -6.700  -6.023  -13.233 1.00 15.72  ? 72  TYR A CG  1 
ATOM   539  C  CD1 . TYR A 1 72  ? -7.269  -6.392  -14.443 1.00 18.25  ? 72  TYR A CD1 1 
ATOM   540  C  CD2 . TYR A 1 72  ? -7.506  -5.419  -12.289 1.00 16.20  ? 72  TYR A CD2 1 
ATOM   541  C  CE1 . TYR A 1 72  ? -8.610  -6.134  -14.723 1.00 17.29  ? 72  TYR A CE1 1 
ATOM   542  C  CE2 . TYR A 1 72  ? -8.835  -5.105  -12.577 1.00 17.85  ? 72  TYR A CE2 1 
ATOM   543  C  CZ  . TYR A 1 72  ? -9.379  -5.486  -13.786 1.00 19.54  ? 72  TYR A CZ  1 
ATOM   544  O  OH  . TYR A 1 72  ? -10.697 -5.198  -14.033 1.00 20.16  ? 72  TYR A OH  1 
ATOM   545  N  N   . PRO A 1 73  ? -2.817  -8.495  -13.538 1.00 12.69  ? 73  PRO A N   1 
ATOM   546  C  CA  . PRO A 1 73  ? -1.359  -8.486  -13.661 1.00 12.69  ? 73  PRO A CA  1 
ATOM   547  C  C   . PRO A 1 73  ? -0.938  -7.126  -14.210 1.00 14.38  ? 73  PRO A C   1 
ATOM   548  O  O   . PRO A 1 73  ? -1.554  -6.623  -15.146 1.00 15.69  ? 73  PRO A O   1 
ATOM   549  C  CB  . PRO A 1 73  ? -1.066  -9.667  -14.635 1.00 12.86  ? 73  PRO A CB  1 
ATOM   550  C  CG  . PRO A 1 73  ? -2.336  -9.828  -15.407 1.00 16.28  ? 73  PRO A CG  1 
ATOM   551  C  CD  . PRO A 1 73  ? -3.479  -9.341  -14.537 1.00 15.33  ? 73  PRO A CD  1 
ATOM   552  N  N   . VAL A 1 74  ? 0.117   -6.566  -13.609 1.00 12.84  ? 74  VAL A N   1 
ATOM   553  C  CA  . VAL A 1 74  ? 0.628   -5.240  -14.016 1.00 12.64  ? 74  VAL A CA  1 
ATOM   554  C  C   . VAL A 1 74  ? 2.130   -5.203  -13.972 1.00 12.37  ? 74  VAL A C   1 
ATOM   555  O  O   . VAL A 1 74  ? 2.770   -5.881  -13.188 1.00 13.24  ? 74  VAL A O   1 
ATOM   556  C  CB  . VAL A 1 74  ? 0.073   -4.150  -13.101 1.00 14.00  ? 74  VAL A CB  1 
ATOM   557  C  CG1 . VAL A 1 74  ? -1.392  -3.912  -13.402 1.00 14.76  ? 74  VAL A CG1 1 
ATOM   558  C  CG2 . VAL A 1 74  ? 0.332   -4.401  -11.641 1.00 14.87  ? 74  VAL A CG2 1 
ATOM   559  N  N   . SER A 1 75  ? 2.660   -4.320  -14.805 1.00 12.94  ? 75  SER A N   1 
ATOM   560  C  CA  . SER A 1 75  ? 4.019   -3.763  -14.672 1.00 13.60  ? 75  SER A CA  1 
ATOM   561  C  C   . SER A 1 75  ? 3.912   -2.427  -13.928 1.00 13.49  ? 75  SER A C   1 
ATOM   562  O  O   . SER A 1 75  ? 2.965   -1.705  -14.123 1.00 14.38  ? 75  SER A O   1 
ATOM   563  C  CB  . SER A 1 75  ? 4.621   -3.540  -16.016 1.00 16.89  ? 75  SER A CB  1 
ATOM   564  O  OG  . SER A 1 75  ? 4.660   -4.744  -16.715 1.00 21.46  ? 75  SER A OG  1 
ATOM   565  N  N   . PHE A 1 76  ? 4.864   -2.173  -13.039 1.00 13.30  ? 76  PHE A N   1 
ATOM   566  C  CA  . PHE A 1 76  ? 4.820   -0.957  -12.211 1.00 13.59  ? 76  PHE A CA  1 
ATOM   567  C  C   . PHE A 1 76  ? 6.202   -0.351  -12.140 1.00 14.62  ? 76  PHE A C   1 
ATOM   568  O  O   . PHE A 1 76  ? 7.225   -1.073  -12.232 1.00 16.36  ? 76  PHE A O   1 
ATOM   569  C  CB  . PHE A 1 76  ? 4.190   -1.230  -10.833 1.00 13.19  ? 76  PHE A CB  1 
ATOM   570  C  CG  . PHE A 1 76  ? 4.785   -2.369  -10.032 1.00 12.80  ? 76  PHE A CG  1 
ATOM   571  C  CD1 . PHE A 1 76  ? 4.385   -3.658  -10.216 1.00 12.07  ? 76  PHE A CD1 1 
ATOM   572  C  CD2 . PHE A 1 76  ? 5.830   -2.165  -9.119  1.00 13.80  ? 76  PHE A CD2 1 
ATOM   573  C  CE1 . PHE A 1 76  ? 4.918   -4.719  -9.510  1.00 12.67  ? 76  PHE A CE1 1 
ATOM   574  C  CE2 . PHE A 1 76  ? 6.373   -3.220  -8.417  1.00 12.94  ? 76  PHE A CE2 1 
ATOM   575  C  CZ  . PHE A 1 76  ? 5.918   -4.500  -8.602  1.00 13.29  ? 76  PHE A CZ  1 
ATOM   576  N  N   . SER A 1 77  ? 6.278   0.948   -11.868 0.48 14.78  ? 77  SER A N   1 
ATOM   577  C  CA  . SER A 1 77  ? 7.589   1.629   -11.691 0.48 15.04  ? 77  SER A CA  1 
ATOM   578  C  C   . SER A 1 77  ? 8.240   1.241   -10.358 0.48 15.29  ? 77  SER A C   1 
ATOM   579  O  O   . SER A 1 77  ? 7.566   0.768   -9.457  0.48 16.67  ? 77  SER A O   1 
ATOM   580  C  CB  . SER A 1 77  ? 7.439   3.108   -11.810 0.48 14.86  ? 77  SER A CB  1 
ATOM   581  O  OG  . SER A 1 77  ? 6.564   3.604   -10.816 0.48 14.81  ? 77  SER A OG  1 
ATOM   582  N  N   . LYS A 1 78  ? 9.541   1.471   -10.226 0.48 14.98  ? 78  LYS A N   1 
ATOM   583  C  CA  . LYS A 1 78  ? 10.184  1.507   -8.891  0.48 15.58  ? 78  LYS A CA  1 
ATOM   584  C  C   . LYS A 1 78  ? 9.645   2.754   -8.171  0.48 15.49  ? 78  LYS A C   1 
ATOM   585  O  O   . LYS A 1 78  ? 9.195   3.717   -8.797  0.48 16.10  ? 78  LYS A O   1 
ATOM   586  C  CB  . LYS A 1 78  ? 11.707  1.400   -9.040  0.48 16.26  ? 78  LYS A CB  1 
ATOM   587  C  CG  . LYS A 1 78  ? 12.163  0.216   -9.891  0.48 16.73  ? 78  LYS A CG  1 
ATOM   588  C  CD  . LYS A 1 78  ? 13.656  -0.078  -9.860  0.48 17.25  ? 78  LYS A CD  1 
ATOM   589  C  CE  . LYS A 1 78  ? 14.044  -1.305  -10.665 0.48 17.89  ? 78  LYS A CE  1 
ATOM   590  N  NZ  . LYS A 1 78  ? 15.514  -1.506  -10.681 0.48 19.00  ? 78  LYS A NZ  1 
ATOM   591  N  N   . PRO A 1 79  ? 9.575   2.712   -6.825  0.48 16.27  ? 79  PRO A N   1 
ATOM   592  C  CA  . PRO A 1 79  ? 8.989   3.784   -6.011  0.48 15.59  ? 79  PRO A CA  1 
ATOM   593  C  C   . PRO A 1 79  ? 9.592   5.176   -6.276  0.48 15.78  ? 79  PRO A C   1 
ATOM   594  O  O   . PRO A 1 79  ? 10.796  5.271   -6.372  0.48 16.42  ? 79  PRO A O   1 
ATOM   595  C  CB  . PRO A 1 79  ? 9.298   3.351   -4.569  0.48 15.52  ? 79  PRO A CB  1 
ATOM   596  C  CG  . PRO A 1 79  ? 9.485   1.855   -4.634  0.48 15.61  ? 79  PRO A CG  1 
ATOM   597  C  CD  . PRO A 1 79  ? 10.026  1.578   -6.019  0.48 15.46  ? 79  PRO A CD  1 
ATOM   598  N  N   . SER A 1 80  ? 8.761   6.221   -6.398  0.48 15.69  ? 80  SER A N   1 
ATOM   599  C  CA  . SER A 1 80  ? 9.220   7.608   -6.698  0.48 16.85  ? 80  SER A CA  1 
ATOM   600  C  C   . SER A 1 80  ? 8.324   8.673   -6.046  0.48 16.12  ? 80  SER A C   1 
ATOM   601  O  O   . SER A 1 80  ? 7.280   8.330   -5.445  0.48 14.08  ? 80  SER A O   1 
ATOM   602  C  CB  . SER A 1 80  ? 9.326   7.856   -8.191  0.48 18.28  ? 80  SER A CB  1 
ATOM   603  O  OG  . SER A 1 80  ? 9.428   6.652   -8.933  0.48 21.60  ? 80  SER A OG  1 
ATOM   604  N  N   . LEU A 1 81  ? 8.748   9.936   -6.145  0.48 15.44  ? 81  LEU A N   1 
ATOM   605  C  CA  . LEU A 1 81  ? 7.981   11.122  -5.687  0.48 17.28  ? 81  LEU A CA  1 
ATOM   606  C  C   . LEU A 1 81  ? 7.138   11.621  -6.860  0.48 18.34  ? 81  LEU A C   1 
ATOM   607  O  O   . LEU A 1 81  ? 7.706   12.242  -7.775  0.48 18.46  ? 81  LEU A O   1 
ATOM   608  C  CB  . LEU A 1 81  ? 8.930   12.219  -5.189  0.48 17.67  ? 81  LEU A CB  1 
ATOM   609  C  CG  . LEU A 1 81  ? 8.247   13.513  -4.743  0.48 18.51  ? 81  LEU A CG  1 
ATOM   610  C  CD1 . LEU A 1 81  ? 7.249   13.254  -3.625  0.48 18.90  ? 81  LEU A CD1 1 
ATOM   611  C  CD2 . LEU A 1 81  ? 9.270   14.552  -4.311  0.48 18.72  ? 81  LEU A CD2 1 
ATOM   612  N  N   . ILE A 1 82  ? 5.834   11.378  -6.798  0.48 18.93  ? 82  ILE A N   1 
ATOM   613  C  CA  . ILE A 1 82  ? 4.873   11.547  -7.922  0.48 20.56  ? 82  ILE A CA  1 
ATOM   614  C  C   . ILE A 1 82  ? 3.869   12.615  -7.522  0.48 21.54  ? 82  ILE A C   1 
ATOM   615  O  O   . ILE A 1 82  ? 3.262   12.477  -6.444  0.48 19.22  ? 82  ILE A O   1 
ATOM   616  C  CB  . ILE A 1 82  ? 4.174   10.209  -8.231  0.48 20.41  ? 82  ILE A CB  1 
ATOM   617  C  CG1 . ILE A 1 82  ? 5.162   9.184   -8.795  0.48 21.18  ? 82  ILE A CG1 1 
ATOM   618  C  CG2 . ILE A 1 82  ? 2.978   10.403  -9.151  0.48 21.29  ? 82  ILE A CG2 1 
ATOM   619  C  CD1 . ILE A 1 82  ? 5.897   9.654   -10.025 0.48 21.56  ? 82  ILE A CD1 1 
ATOM   620  N  N   . PHE A 1 83  ? 3.694   13.624  -8.367  0.48 23.26  ? 83  PHE A N   1 
ATOM   621  C  CA  . PHE A 1 83  ? 2.593   14.589  -8.188  0.48 24.98  ? 83  PHE A CA  1 
ATOM   622  C  C   . PHE A 1 83  ? 1.289   13.831  -8.405  0.48 24.80  ? 83  PHE A C   1 
ATOM   623  O  O   . PHE A 1 83  ? 0.962   13.401  -9.540  0.48 23.64  ? 83  PHE A O   1 
ATOM   624  C  CB  . PHE A 1 83  ? 2.725   15.828  -9.071  0.48 26.33  ? 83  PHE A CB  1 
ATOM   625  C  CG  . PHE A 1 83  ? 2.114   17.024  -8.395  0.48 27.21  ? 83  PHE A CG  1 
ATOM   626  C  CD1 . PHE A 1 83  ? 2.757   17.604  -7.313  0.48 28.06  ? 83  PHE A CD1 1 
ATOM   627  C  CD2 . PHE A 1 83  ? 0.863   17.495  -8.755  0.48 28.16  ? 83  PHE A CD2 1 
ATOM   628  C  CE1 . PHE A 1 83  ? 2.193   18.680  -6.648  0.48 27.81  ? 83  PHE A CE1 1 
ATOM   629  C  CE2 . PHE A 1 83  ? 0.297   18.569  -8.086  0.48 29.20  ? 83  PHE A CE2 1 
ATOM   630  C  CZ  . PHE A 1 83  ? 0.967   19.164  -7.041  0.48 28.56  ? 83  PHE A CZ  1 
ATOM   631  N  N   . VAL A 1 84  ? 0.561   13.652  -7.311  1.00 24.22  ? 84  VAL A N   1 
ATOM   632  C  CA  . VAL A 1 84  ? -0.754  12.969  -7.373  1.00 24.82  ? 84  VAL A CA  1 
ATOM   633  C  C   . VAL A 1 84  ? -1.828  14.060  -7.482  1.00 24.58  ? 84  VAL A C   1 
ATOM   634  O  O   . VAL A 1 84  ? -1.923  14.923  -6.584  1.00 29.30  ? 84  VAL A O   1 
ATOM   635  C  CB  . VAL A 1 84  ? -0.933  12.042  -6.144  1.00 23.63  ? 84  VAL A CB  1 
ATOM   636  C  CG1 . VAL A 1 84  ? -2.245  11.302  -6.214  1.00 23.77  ? 84  VAL A CG1 1 
ATOM   637  C  CG2 . VAL A 1 84  ? 0.256   11.102  -5.991  1.00 24.73  ? 84  VAL A CG2 1 
ATOM   638  N  N   . GLU A 1 85  ? -2.688  14.007  -8.479  1.00 26.95  ? 85  GLU A N   1 
ATOM   639  C  CA  . GLU A 1 85  ? -3.822  14.956  -8.612  1.00 30.07  ? 85  GLU A CA  1 
ATOM   640  C  C   . GLU A 1 85  ? -4.826  14.760  -7.463  1.00 33.08  ? 85  GLU A C   1 
ATOM   641  O  O   . GLU A 1 85  ? -4.746  13.721  -6.720  1.00 30.08  ? 85  GLU A O   1 
ATOM   642  C  CB  . GLU A 1 85  ? -4.497  14.797  -9.975  1.00 35.86  ? 85  GLU A CB  1 
ATOM   643  C  CG  . GLU A 1 85  ? -3.619  15.250  -11.133 1.00 37.05  ? 85  GLU A CG  1 
ATOM   644  C  CD  . GLU A 1 85  ? -3.024  16.653  -11.033 1.00 41.56  ? 85  GLU A CD  1 
ATOM   645  O  OE1 . GLU A 1 85  ? -3.643  17.536  -10.385 1.00 40.15  ? 85  GLU A OE1 1 
ATOM   646  O  OE2 . GLU A 1 85  ? -1.926  16.855  -11.588 1.00 37.06  ? 85  GLU A OE2 1 
ATOM   647  N  N   . ALA A 1 86  ? -5.729  15.722  -7.290  1.00 32.13  ? 86  ALA A N   1 
ATOM   648  C  CA  . ALA A 1 86  ? -6.644  15.757  -6.133  1.00 33.31  ? 86  ALA A CA  1 
ATOM   649  C  C   . ALA A 1 86  ? -7.500  14.497  -6.146  1.00 35.63  ? 86  ALA A C   1 
ATOM   650  O  O   . ALA A 1 86  ? -8.058  14.127  -7.223  1.00 34.04  ? 86  ALA A O   1 
ATOM   651  C  CB  . ALA A 1 86  ? -7.516  16.995  -6.172  1.00 35.41  ? 86  ALA A CB  1 
ATOM   652  N  N   . SER A 1 87  ? -7.610  13.852  -4.981  0.36 36.00  ? 87  SER A N   1 
ATOM   653  C  CA  . SER A 1 87  ? -8.498  12.692  -4.709  0.36 36.09  ? 87  SER A CA  1 
ATOM   654  C  C   . SER A 1 87  ? -9.573  13.125  -3.708  0.36 37.02  ? 87  SER A C   1 
ATOM   655  O  O   . SER A 1 87  ? -9.444  14.236  -3.152  0.36 37.46  ? 87  SER A O   1 
ATOM   656  C  CB  . SER A 1 87  ? -7.707  11.518  -4.192  0.36 35.72  ? 87  SER A CB  1 
ATOM   657  O  OG  . SER A 1 87  ? -7.042  11.850  -2.982  0.36 34.65  ? 87  SER A OG  1 
ATOM   658  N  N   . GLU A 1 88  ? -10.581 12.277  -3.481  1.00 37.06  ? 88  GLU A N   1 
ATOM   659  C  CA  . GLU A 1 88  ? -11.648 12.560  -2.489  1.00 37.97  ? 88  GLU A CA  1 
ATOM   660  C  C   . GLU A 1 88  ? -11.036 12.566  -1.082  1.00 36.34  ? 88  GLU A C   1 
ATOM   661  O  O   . GLU A 1 88  ? -11.625 13.218  -0.232  1.00 32.06  ? 88  GLU A O   1 
ATOM   662  C  CB  . GLU A 1 88  ? -12.814 11.584  -2.663  1.00 39.58  ? 88  GLU A CB  1 
ATOM   663  C  CG  . GLU A 1 88  ? -12.676 10.281  -1.919  1.00 41.42  ? 88  GLU A CG  1 
ATOM   664  C  CD  . GLU A 1 88  ? -13.908 9.398   -2.058  1.00 45.85  ? 88  GLU A CD  1 
ATOM   665  O  OE1 . GLU A 1 88  ? -14.637 9.569   -3.066  1.00 43.09  ? 88  GLU A OE1 1 
ATOM   666  O  OE2 . GLU A 1 88  ? -14.126 8.534   -1.164  1.00 50.26  ? 88  GLU A OE2 1 
ATOM   667  N  N   . TYR A 1 89  ? -9.872  11.931  -0.863  1.00 31.46  ? 89  TYR A N   1 
ATOM   668  C  CA  . TYR A 1 89  ? -9.236  11.784  0.475   1.00 29.30  ? 89  TYR A CA  1 
ATOM   669  C  C   . TYR A 1 89  ? -7.904  12.544  0.581   1.00 29.33  ? 89  TYR A C   1 
ATOM   670  O  O   . TYR A 1 89  ? -7.375  12.681  1.720   1.00 27.19  ? 89  TYR A O   1 
ATOM   671  C  CB  . TYR A 1 89  ? -9.074  10.300  0.813   1.00 28.66  ? 89  TYR A CB  1 
ATOM   672  C  CG  . TYR A 1 89  ? -8.365  9.498   -0.257  1.00 28.37  ? 89  TYR A CG  1 
ATOM   673  C  CD1 . TYR A 1 89  ? -9.079  8.887   -1.274  1.00 27.40  ? 89  TYR A CD1 1 
ATOM   674  C  CD2 . TYR A 1 89  ? -6.980  9.394   -0.275  1.00 29.11  ? 89  TYR A CD2 1 
ATOM   675  C  CE1 . TYR A 1 89  ? -8.438  8.164   -2.272  1.00 24.96  ? 89  TYR A CE1 1 
ATOM   676  C  CE2 . TYR A 1 89  ? -6.325  8.695   -1.275  1.00 28.91  ? 89  TYR A CE2 1 
ATOM   677  C  CZ  . TYR A 1 89  ? -7.055  8.053   -2.257  1.00 27.49  ? 89  TYR A CZ  1 
ATOM   678  O  OH  . TYR A 1 89  ? -6.425  7.341   -3.239  1.00 22.79  ? 89  TYR A OH  1 
ATOM   679  N  N   . TYR A 1 90  ? -7.349  13.081  -0.514  1.00 30.93  ? 90  TYR A N   1 
ATOM   680  C  CA  . TYR A 1 90  ? -6.122  13.918  -0.412  1.00 29.71  ? 90  TYR A CA  1 
ATOM   681  C  C   . TYR A 1 90  ? -6.150  15.063  -1.426  1.00 29.19  ? 90  TYR A C   1 
ATOM   682  O  O   . TYR A 1 90  ? -6.735  14.951  -2.499  1.00 32.10  ? 90  TYR A O   1 
ATOM   683  C  CB  . TYR A 1 90  ? -4.839  13.109  -0.653  1.00 29.89  ? 90  TYR A CB  1 
ATOM   684  C  CG  . TYR A 1 90  ? -4.311  12.281  0.494   1.00 29.61  ? 90  TYR A CG  1 
ATOM   685  C  CD1 . TYR A 1 90  ? -4.150  12.781  1.782   1.00 29.29  ? 90  TYR A CD1 1 
ATOM   686  C  CD2 . TYR A 1 90  ? -3.869  10.988  0.267   1.00 27.95  ? 90  TYR A CD2 1 
ATOM   687  C  CE1 . TYR A 1 90  ? -3.606  12.008  2.801   1.00 29.83  ? 90  TYR A CE1 1 
ATOM   688  C  CE2 . TYR A 1 90  ? -3.319  10.207  1.275   1.00 27.66  ? 90  TYR A CE2 1 
ATOM   689  C  CZ  . TYR A 1 90  ? -3.205  10.699  2.561   1.00 28.33  ? 90  TYR A CZ  1 
ATOM   690  O  OH  . TYR A 1 90  ? -2.649  9.913   3.553   1.00 27.40  ? 90  TYR A OH  1 
ATOM   691  N  N   . PRO A 1 91  ? -5.468  16.195  -1.126  1.00 29.49  ? 91  PRO A N   1 
ATOM   692  C  CA  . PRO A 1 91  ? -5.344  17.283  -2.094  1.00 31.15  ? 91  PRO A CA  1 
ATOM   693  C  C   . PRO A 1 91  ? -4.443  16.799  -3.231  1.00 34.27  ? 91  PRO A C   1 
ATOM   694  O  O   . PRO A 1 91  ? -3.670  15.886  -2.984  1.00 30.90  ? 91  PRO A O   1 
ATOM   695  C  CB  . PRO A 1 91  ? -4.619  18.386  -1.306  1.00 29.21  ? 91  PRO A CB  1 
ATOM   696  C  CG  . PRO A 1 91  ? -3.777  17.612  -0.293  1.00 29.04  ? 91  PRO A CG  1 
ATOM   697  C  CD  . PRO A 1 91  ? -4.653  16.433  0.076   1.00 28.92  ? 91  PRO A CD  1 
ATOM   698  N  N   . ALA A 1 92  ? -4.491  17.444  -4.400  1.00 35.19  ? 92  ALA A N   1 
ATOM   699  C  CA  . ALA A 1 92  ? -3.339  17.409  -5.319  1.00 34.44  ? 92  ALA A CA  1 
ATOM   700  C  C   . ALA A 1 92  ? -2.081  17.600  -4.451  1.00 34.39  ? 92  ALA A C   1 
ATOM   701  O  O   . ALA A 1 92  ? -2.002  18.601  -3.693  1.00 39.67  ? 92  ALA A O   1 
ATOM   702  C  CB  . ALA A 1 92  ? -3.472  18.466  -6.374  1.00 34.07  ? 92  ALA A CB  1 
ATOM   703  N  N   . ARG A 1 93  ? -1.155  16.645  -4.456  1.00 32.22  ? 93  ARG A N   1 
ATOM   704  C  CA  . ARG A 1 93  ? 0.068   16.735  -3.625  1.00 33.00  ? 93  ARG A CA  1 
ATOM   705  C  C   . ARG A 1 93  ? 1.124   15.753  -4.126  1.00 34.67  ? 93  ARG A C   1 
ATOM   706  O  O   . ARG A 1 93  ? 0.800   14.890  -4.986  1.00 31.03  ? 93  ARG A O   1 
ATOM   707  C  CB  . ARG A 1 93  ? -0.290  16.465  -2.156  1.00 32.78  ? 93  ARG A CB  1 
ATOM   708  C  CG  . ARG A 1 93  ? -0.655  15.012  -1.891  1.00 32.44  ? 93  ARG A CG  1 
ATOM   709  C  CD  . ARG A 1 93  ? -0.935  14.661  -0.446  1.00 35.57  ? 93  ARG A CD  1 
ATOM   710  N  NE  . ARG A 1 93  ? -0.709  13.229  -0.331  1.00 32.51  ? 93  ARG A NE  1 
ATOM   711  C  CZ  . ARG A 1 93  ? -0.186  12.592  0.714   1.00 36.16  ? 93  ARG A CZ  1 
ATOM   712  N  NH1 . ARG A 1 93  ? 0.174   13.241  1.817   1.00 33.33  ? 93  ARG A NH1 1 
ATOM   713  N  NH2 . ARG A 1 93  ? -0.022  11.283  0.630   1.00 33.30  ? 93  ARG A NH2 1 
ATOM   714  N  N   . TYR A 1 94  ? 2.338   15.889  -3.600  1.00 31.44  ? 94  TYR A N   1 
ATOM   715  C  CA  . TYR A 1 94  ? 3.476   14.977  -3.816  1.00 30.83  ? 94  TYR A CA  1 
ATOM   716  C  C   . TYR A 1 94  ? 3.348   13.810  -2.839  1.00 29.54  ? 94  TYR A C   1 
ATOM   717  O  O   . TYR A 1 94  ? 3.127   14.058  -1.619  1.00 29.70  ? 94  TYR A O   1 
ATOM   718  C  CB  . TYR A 1 94  ? 4.792   15.729  -3.625  1.00 34.78  ? 94  TYR A CB  1 
ATOM   719  C  CG  . TYR A 1 94  ? 5.326   16.328  -4.904  1.00 39.27  ? 94  TYR A CG  1 
ATOM   720  C  CD1 . TYR A 1 94  ? 5.817   15.511  -5.910  1.00 39.42  ? 94  TYR A CD1 1 
ATOM   721  C  CD2 . TYR A 1 94  ? 5.316   17.697  -5.135  1.00 45.16  ? 94  TYR A CD2 1 
ATOM   722  C  CE1 . TYR A 1 94  ? 6.299   16.022  -7.101  1.00 43.27  ? 94  TYR A CE1 1 
ATOM   723  C  CE2 . TYR A 1 94  ? 5.802   18.230  -6.322  1.00 45.43  ? 94  TYR A CE2 1 
ATOM   724  C  CZ  . TYR A 1 94  ? 6.292   17.389  -7.311  1.00 46.87  ? 94  TYR A CZ  1 
ATOM   725  O  OH  . TYR A 1 94  ? 6.789   17.878  -8.485  1.00 44.85  ? 94  TYR A OH  1 
ATOM   726  N  N   . GLN A 1 95  ? 3.458   12.572  -3.337  1.00 24.82  ? 95  GLN A N   1 
ATOM   727  C  CA  . GLN A 1 95  ? 3.514   11.368  -2.460  1.00 22.16  ? 95  GLN A CA  1 
ATOM   728  C  C   . GLN A 1 95  ? 4.814   10.645  -2.738  1.00 21.38  ? 95  GLN A C   1 
ATOM   729  O  O   . GLN A 1 95  ? 5.106   10.505  -3.988  1.00 22.33  ? 95  GLN A O   1 
ATOM   730  C  CB  . GLN A 1 95  ? 2.333   10.453  -2.748  1.00 21.39  ? 95  GLN A CB  1 
ATOM   731  C  CG  . GLN A 1 95  ? 2.318   9.222   -1.872  1.00 22.56  ? 95  GLN A CG  1 
ATOM   732  C  CD  . GLN A 1 95  ? 0.925   8.657   -1.799  1.00 21.77  ? 95  GLN A CD  1 
ATOM   733  O  OE1 . GLN A 1 95  ? -0.059  9.364   -1.833  1.00 21.45  ? 95  GLN A OE1 1 
ATOM   734  N  NE2 . GLN A 1 95  ? 0.847   7.343   -1.740  1.00 21.64  ? 95  GLN A NE2 1 
ATOM   735  N  N   . SER A 1 96  ? 5.522   10.176  -1.712  1.00 20.23  ? 96  SER A N   1 
ATOM   736  C  CA  . SER A 1 96  ? 6.815   9.467   -1.776  1.00 20.96  ? 96  SER A CA  1 
ATOM   737  C  C   . SER A 1 96  ? 6.620   7.945   -1.809  1.00 22.86  ? 96  SER A C   1 
ATOM   738  O  O   . SER A 1 96  ? 5.546   7.461   -1.365  1.00 19.09  ? 96  SER A O   1 
ATOM   739  C  CB  . SER A 1 96  ? 7.737   9.843   -0.659  1.00 24.17  ? 96  SER A CB  1 
ATOM   740  O  OG  . SER A 1 96  ? 7.197   9.490   0.601   1.00 25.88  ? 96  SER A OG  1 
ATOM   741  N  N   . HIS A 1 97  ? 7.668   7.215   -2.202  1.00 19.82  ? 97  HIS A N   1 
ATOM   742  C  CA  . HIS A 1 97  ? 7.705   5.729   -2.249  1.00 21.05  ? 97  HIS A CA  1 
ATOM   743  C  C   . HIS A 1 97  ? 6.474   5.188   -3.002  1.00 18.02  ? 97  HIS A C   1 
ATOM   744  O  O   . HIS A 1 97  ? 5.972   4.127   -2.577  1.00 18.61  ? 97  HIS A O   1 
ATOM   745  C  CB  . HIS A 1 97  ? 7.804   5.206   -0.834  1.00 22.35  ? 97  HIS A CB  1 
ATOM   746  C  CG  . HIS A 1 97  ? 9.028   5.636   -0.112  1.00 24.74  ? 97  HIS A CG  1 
ATOM   747  N  ND1 . HIS A 1 97  ? 10.087  4.791   0.056   1.00 23.97  ? 97  HIS A ND1 1 
ATOM   748  C  CD2 . HIS A 1 97  ? 9.313   6.780   0.562   1.00 24.88  ? 97  HIS A CD2 1 
ATOM   749  C  CE1 . HIS A 1 97  ? 11.010  5.392   0.812   1.00 27.31  ? 97  HIS A CE1 1 
ATOM   750  N  NE2 . HIS A 1 97  ? 10.578  6.623   1.094   1.00 26.90  ? 97  HIS A NE2 1 
ATOM   751  N  N   . LEU A 1 98  ? 6.067   5.871   -4.036  1.00 18.38  ? 98  LEU A N   1 
ATOM   752  C  CA  . LEU A 1 98  ? 4.877   5.511   -4.810  1.00 17.00  ? 98  LEU A CA  1 
ATOM   753  C  C   . LEU A 1 98  ? 5.327   4.813   -6.106  1.00 17.92  ? 98  LEU A C   1 
ATOM   754  O  O   . LEU A 1 98  ? 6.184   5.346   -6.813  1.00 18.56  ? 98  LEU A O   1 
ATOM   755  C  CB  . LEU A 1 98  ? 4.034   6.739   -5.129  1.00 18.56  ? 98  LEU A CB  1 
ATOM   756  C  CG  . LEU A 1 98  ? 2.702   6.478   -5.817  1.00 19.99  ? 98  LEU A CG  1 
ATOM   757  C  CD1 . LEU A 1 98  ? 1.786   5.704   -4.902  1.00 16.86  ? 98  LEU A CD1 1 
ATOM   758  C  CD2 . LEU A 1 98  ? 2.040   7.740   -6.314  1.00 19.73  ? 98  LEU A CD2 1 
ATOM   759  N  N   . MET A 1 99  ? 4.587   3.775   -6.482  1.00 15.91  ? 99  MET A N   1 
ATOM   760  C  CA  . MET A 1 99  ? 4.796   2.993   -7.736  1.00 15.20  ? 99  MET A CA  1 
ATOM   761  C  C   . MET A 1 99  ? 3.551   3.145   -8.571  1.00 16.98  ? 99  MET A C   1 
ATOM   762  O  O   . MET A 1 99  ? 2.460   3.101   -8.017  1.00 17.41  ? 99  MET A O   1 
ATOM   763  C  CB  . MET A 1 99  ? 5.069   1.513   -7.447  1.00 14.33  ? 99  MET A CB  1 
ATOM   764  C  CG  . MET A 1 99  ? 6.315   1.248   -6.589  1.00 16.53  ? 99  MET A CG  1 
ATOM   765  S  SD  . MET A 1 99  ? 6.440   -0.341  -5.950  1.00 17.40  ? 99  MET A SD  1 
ATOM   766  C  CE  . MET A 1 99  ? 5.075   -0.438  -4.766  1.00 16.77  ? 99  MET A CE  1 
ATOM   767  N  N   . LEU A 1 100 ? 3.710   3.338   -9.878  1.00 15.33  ? 100 LEU A N   1 
ATOM   768  C  CA  . LEU A 1 100 ? 2.546   3.518   -10.741 1.00 14.67  ? 100 LEU A CA  1 
ATOM   769  C  C   . LEU A 1 100 ? 2.469   2.361   -11.733 1.00 15.17  ? 100 LEU A C   1 
ATOM   770  O  O   . LEU A 1 100 ? 3.477   1.843   -12.175 1.00 15.33  ? 100 LEU A O   1 
ATOM   771  C  CB  . LEU A 1 100 ? 2.653   4.823   -11.535 1.00 17.84  ? 100 LEU A CB  1 
ATOM   772  C  CG  . LEU A 1 100 ? 2.499   6.100   -10.727 1.00 20.63  ? 100 LEU A CG  1 
ATOM   773  C  CD1 . LEU A 1 100 ? 2.808   7.330   -11.567 1.00 23.51  ? 100 LEU A CD1 1 
ATOM   774  C  CD2 . LEU A 1 100 ? 1.117   6.182   -10.106 1.00 20.43  ? 100 LEU A CD2 1 
ATOM   775  N  N   . ALA A 1 101 ? 1.256   2.014   -12.064 1.00 14.04  ? 101 ALA A N   1 
ATOM   776  C  CA  . ALA A 1 101 ? 0.932   1.068   -13.132 1.00 13.30  ? 101 ALA A CA  1 
ATOM   777  C  C   . ALA A 1 101 ? -0.265  1.579   -13.916 1.00 14.44  ? 101 ALA A C   1 
ATOM   778  O  O   . ALA A 1 101 ? -1.044  2.410   -13.421 1.00 14.88  ? 101 ALA A O   1 
ATOM   779  C  CB  . ALA A 1 101 ? 0.626   -0.308  -12.571 1.00 13.41  ? 101 ALA A CB  1 
ATOM   780  N  N   . VAL A 1 102 ? -0.481  1.014   -15.087 1.00 14.55  ? 102 VAL A N   1 
ATOM   781  C  CA  . VAL A 1 102 ? -1.696  1.297   -15.872 1.00 14.58  ? 102 VAL A CA  1 
ATOM   782  C  C   . VAL A 1 102 ? -2.756  0.331   -15.387 1.00 14.61  ? 102 VAL A C   1 
ATOM   783  O  O   . VAL A 1 102 ? -2.582  -0.912  -15.490 1.00 15.74  ? 102 VAL A O   1 
ATOM   784  C  CB  . VAL A 1 102 ? -1.414  1.167   -17.374 1.00 14.30  ? 102 VAL A CB  1 
ATOM   785  C  CG1 . VAL A 1 102 ? -2.683  1.413   -18.151 1.00 14.81  ? 102 VAL A CG1 1 
ATOM   786  C  CG2 . VAL A 1 102 ? -0.310  2.123   -17.759 1.00 13.71  ? 102 VAL A CG2 1 
ATOM   787  N  N   . GLY A 1 103 ? -3.844  0.884   -14.875 1.00 15.45  ? 103 GLY A N   1 
ATOM   788  C  CA  . GLY A 1 103 ? -4.924  0.039   -14.355 1.00 15.54  ? 103 GLY A CA  1 
ATOM   789  C  C   . GLY A 1 103 ? -6.005  0.895   -13.720 1.00 15.40  ? 103 GLY A C   1 
ATOM   790  O  O   . GLY A 1 103 ? -5.839  2.101   -13.581 1.00 17.22  ? 103 GLY A O   1 
ATOM   791  N  N   . HIS A 1 104 ? -7.043  0.241   -13.270 1.00 15.88  ? 104 HIS A N   1 
ATOM   792  C  CA  . HIS A 1 104 ? -8.219  0.913   -12.707 1.00 17.30  ? 104 HIS A CA  1 
ATOM   793  C  C   . HIS A 1 104 ? -8.010  1.038   -11.209 1.00 17.20  ? 104 HIS A C   1 
ATOM   794  O  O   . HIS A 1 104 ? -7.763  -0.014  -10.546 1.00 15.95  ? 104 HIS A O   1 
ATOM   795  C  CB  . HIS A 1 104 ? -9.486  0.126   -13.041 1.00 17.45  ? 104 HIS A CB  1 
ATOM   796  C  CG  . HIS A 1 104 ? -10.677 0.831   -12.516 1.00 19.92  ? 104 HIS A CG  1 
ATOM   797  N  ND1 . HIS A 1 104 ? -11.031 2.061   -13.019 1.00 20.95  ? 104 HIS A ND1 1 
ATOM   798  C  CD2 . HIS A 1 104 ? -11.515 0.536   -11.499 1.00 19.70  ? 104 HIS A CD2 1 
ATOM   799  C  CE1 . HIS A 1 104 ? -12.093 2.489   -12.332 1.00 18.63  ? 104 HIS A CE1 1 
ATOM   800  N  NE2 . HIS A 1 104 ? -12.440 1.544   -11.452 1.00 19.95  ? 104 HIS A NE2 1 
ATOM   801  N  N   . SER A 1 105 ? -8.294  2.224   -10.670 1.00 17.08  ? 105 SER A N   1 
ATOM   802  C  CA  . SER A 1 105 ? -8.227  2.523   -9.228  1.00 16.28  ? 105 SER A CA  1 
ATOM   803  C  C   . SER A 1 105 ? -9.203  3.654   -8.941  1.00 19.25  ? 105 SER A C   1 
ATOM   804  O  O   . SER A 1 105 ? -8.974  4.782   -9.454  1.00 24.14  ? 105 SER A O   1 
ATOM   805  C  CB  . SER A 1 105 ? -6.811  2.867   -8.816  1.00 17.16  ? 105 SER A CB  1 
ATOM   806  O  OG  . SER A 1 105 ? -6.756  3.125   -7.411  1.00 19.15  ? 105 SER A OG  1 
ATOM   807  N  N   . GLU A 1 106 ? -10.119 3.353   -8.058  1.00 18.67  ? 106 GLU A N   1 
ATOM   808  C  CA  . GLU A 1 106 ? -11.043 4.326   -7.425  1.00 22.21  ? 106 GLU A CA  1 
ATOM   809  C  C   . GLU A 1 106 ? -10.697 4.408   -5.955  1.00 23.65  ? 106 GLU A C   1 
ATOM   810  O  O   . GLU A 1 106 ? -10.049 3.512   -5.397  1.00 23.21  ? 106 GLU A O   1 
ATOM   811  C  CB  . GLU A 1 106 ? -12.477 3.838   -7.547  1.00 24.90  ? 106 GLU A CB  1 
ATOM   812  C  CG  . GLU A 1 106 ? -12.940 3.767   -8.971  1.00 26.08  ? 106 GLU A CG  1 
ATOM   813  C  CD  . GLU A 1 106 ? -14.311 3.127   -9.146  1.00 25.63  ? 106 GLU A CD  1 
ATOM   814  O  OE1 . GLU A 1 106 ? -15.100 3.095   -8.194  1.00 30.44  ? 106 GLU A OE1 1 
ATOM   815  O  OE2 . GLU A 1 106 ? -14.524 2.584   -10.198 1.00 24.49  ? 106 GLU A OE2 1 
ATOM   816  N  N   . PRO A 1 107 ? -11.141 5.479   -5.262  1.00 23.95  ? 107 PRO A N   1 
ATOM   817  C  CA  . PRO A 1 107 ? -10.766 5.677   -3.859  1.00 23.58  ? 107 PRO A CA  1 
ATOM   818  C  C   . PRO A 1 107 ? -10.941 4.459   -2.942  1.00 21.51  ? 107 PRO A C   1 
ATOM   819  O  O   . PRO A 1 107 ? -10.055 4.159   -2.106  1.00 23.60  ? 107 PRO A O   1 
ATOM   820  C  CB  . PRO A 1 107 ? -11.718 6.825   -3.492  1.00 24.58  ? 107 PRO A CB  1 
ATOM   821  C  CG  . PRO A 1 107 ? -11.727 7.653   -4.753  1.00 24.74  ? 107 PRO A CG  1 
ATOM   822  C  CD  . PRO A 1 107 ? -11.929 6.596   -5.821  1.00 24.95  ? 107 PRO A CD  1 
ATOM   823  N  N   . GLY A 1 108 ? -12.054 3.746   -3.074  1.00 20.23  ? 108 GLY A N   1 
ATOM   824  C  CA  . GLY A 1 108 ? -12.325 2.572   -2.244  1.00 21.10  ? 108 GLY A CA  1 
ATOM   825  C  C   . GLY A 1 108 ? -11.409 1.388   -2.547  1.00 17.07  ? 108 GLY A C   1 
ATOM   826  O  O   . GLY A 1 108 ? -11.462 0.409   -1.826  1.00 16.54  ? 108 GLY A O   1 
ATOM   827  N  N   . ASP A 1 109 ? -10.683 1.430   -3.664  1.00 18.64  ? 109 ASP A N   1 
ATOM   828  C  CA  . ASP A 1 109 ? -9.704  0.373   -3.983  1.00 16.18  ? 109 ASP A CA  1 
ATOM   829  C  C   . ASP A 1 109 ? -8.459  0.489   -3.110  1.00 15.21  ? 109 ASP A C   1 
ATOM   830  O  O   . ASP A 1 109 ? -7.669  -0.473  -3.059  1.00 13.58  ? 109 ASP A O   1 
ATOM   831  C  CB  . ASP A 1 109 ? -9.299  0.455   -5.442  1.00 14.47  ? 109 ASP A CB  1 
ATOM   832  C  CG  . ASP A 1 109 ? -10.460 0.024   -6.334  1.00 13.85  ? 109 ASP A CG  1 
ATOM   833  O  OD1 . ASP A 1 109 ? -11.180 -0.909  -5.920  1.00 16.88  ? 109 ASP A OD1 1 
ATOM   834  O  OD2 . ASP A 1 109 ? -10.566 0.602   -7.438  1.00 16.93  ? 109 ASP A OD2 1 
ATOM   835  N  N   . CYS A 1 110 ? -8.277  1.595   -2.394  1.00 14.81  ? 110 CYS A N   1 
ATOM   836  C  CA  . CYS A 1 110 ? -7.105  1.714   -1.522  1.00 13.62  ? 110 CYS A CA  1 
ATOM   837  C  C   . CYS A 1 110 ? -7.077  0.536   -0.568  1.00 14.10  ? 110 CYS A C   1 
ATOM   838  O  O   . CYS A 1 110 ? -8.113  0.188   0.014   1.00 14.68  ? 110 CYS A O   1 
ATOM   839  C  CB  . CYS A 1 110 ? -7.130  3.031   -0.753  1.00 14.85  ? 110 CYS A CB  1 
ATOM   840  S  SG  . CYS A 1 110 ? -6.678  4.449   -1.765  1.00 18.18  ? 110 CYS A SG  1 
ATOM   841  N  N   . GLY A 1 111 ? -5.872  -0.014  -0.330  1.00 12.44  ? 111 GLY A N   1 
ATOM   842  C  CA  . GLY A 1 111 ? -5.642  -1.142  0.564   1.00 12.83  ? 111 GLY A CA  1 
ATOM   843  C  C   . GLY A 1 111 ? -5.543  -2.453  -0.184  1.00 12.11  ? 111 GLY A C   1 
ATOM   844  O  O   . GLY A 1 111 ? -5.153  -3.429  0.440   1.00 13.36  ? 111 GLY A O   1 
ATOM   845  N  N   . GLY A 1 112 ? -5.940  -2.510  -1.460  1.00 12.10  ? 112 GLY A N   1 
ATOM   846  C  CA  . GLY A 1 112 ? -5.753  -3.722  -2.264  1.00 11.38  ? 112 GLY A CA  1 
ATOM   847  C  C   . GLY A 1 112 ? -4.275  -4.088  -2.289  1.00 11.98  ? 112 GLY A C   1 
ATOM   848  O  O   . GLY A 1 112 ? -3.480  -3.184  -2.544  1.00 11.20  ? 112 GLY A O   1 
ATOM   849  N  N   . ILE A 1 113 ? -3.964  -5.339  -2.209  1.00 12.22  ? 113 ILE A N   1 
ATOM   850  C  CA  . ILE A 1 113 ? -2.532  -5.768  -2.220  1.00 11.72  ? 113 ILE A CA  1 
ATOM   851  C  C   . ILE A 1 113 ? -2.017  -5.844  -3.652  1.00 11.20  ? 113 ILE A C   1 
ATOM   852  O  O   . ILE A 1 113 ? -2.699  -6.426  -4.547  1.00 11.90  ? 113 ILE A O   1 
ATOM   853  C  CB  . ILE A 1 113 ? -2.422  -7.102  -1.497  1.00 13.70  ? 113 ILE A CB  1 
ATOM   854  C  CG1 . ILE A 1 113 ? -2.491  -6.766  -0.006  1.00 16.16  ? 113 ILE A CG1 1 
ATOM   855  C  CG2 . ILE A 1 113 ? -1.145  -7.883  -1.833  1.00 13.29  ? 113 ILE A CG2 1 
ATOM   856  C  CD1 . ILE A 1 113 ? -2.484  -7.959  0.917   1.00 18.38  ? 113 ILE A CD1 1 
ATOM   857  N  N   . LEU A 1 114 ? -0.782  -5.390  -3.829  1.00 11.11  ? 114 LEU A N   1 
ATOM   858  C  CA  . LEU A 1 114 ? 0.084   -5.732  -4.988  1.00 11.11  ? 114 LEU A CA  1 
ATOM   859  C  C   . LEU A 1 114 ? 1.071   -6.786  -4.493  1.00 11.44  ? 114 LEU A C   1 
ATOM   860  O  O   . LEU A 1 114 ? 1.727   -6.559  -3.454  1.00 12.06  ? 114 LEU A O   1 
ATOM   861  C  CB  . LEU A 1 114 ? 0.791   -4.456  -5.433  1.00 11.52  ? 114 LEU A CB  1 
ATOM   862  C  CG  . LEU A 1 114 ? 1.845   -4.612  -6.520  1.00 12.57  ? 114 LEU A CG  1 
ATOM   863  C  CD1 . LEU A 1 114 ? 1.250   -5.037  -7.842  1.00 12.77  ? 114 LEU A CD1 1 
ATOM   864  C  CD2 . LEU A 1 114 ? 2.604   -3.302  -6.681  1.00 13.96  ? 114 LEU A CD2 1 
ATOM   865  N  N   . ARG A 1 115 ? 1.181   -7.868  -5.250  1.00 11.41  ? 115 ARG A N   1 
ATOM   866  C  CA  . ARG A 1 115 ? 2.091   -8.988  -4.896  1.00 11.39  ? 115 ARG A CA  1 
ATOM   867  C  C   . ARG A 1 115 ? 2.890   -9.420  -6.106  1.00 12.34  ? 115 ARG A C   1 
ATOM   868  O  O   . ARG A 1 115 ? 2.489   -9.226  -7.247  1.00 11.93  ? 115 ARG A O   1 
ATOM   869  C  CB  . ARG A 1 115 ? 1.383   -10.204 -4.342  1.00 12.82  ? 115 ARG A CB  1 
ATOM   870  C  CG  . ARG A 1 115 ? 0.381   -10.807 -5.317  1.00 14.00  ? 115 ARG A CG  1 
ATOM   871  C  CD  . ARG A 1 115 ? -0.439  -11.886 -4.614  1.00 16.48  ? 115 ARG A CD  1 
ATOM   872  N  NE  . ARG A 1 115 ? -1.515  -11.371 -3.809  1.00 19.97  ? 115 ARG A NE  1 
ATOM   873  C  CZ  . ARG A 1 115 ? -1.743  -11.588 -2.493  1.00 22.90  ? 115 ARG A CZ  1 
ATOM   874  N  NH1 . ARG A 1 115 ? -0.894  -12.267 -1.719  1.00 24.57  ? 115 ARG A NH1 1 
ATOM   875  N  NH2 . ARG A 1 115 ? -2.842  -11.082 -1.960  1.00 26.74  ? 115 ARG A NH2 1 
ATOM   876  N  N   . CYS A 1 116 ? 4.094   -9.861  -5.793  1.00 12.99  ? 116 CYS A N   1 
ATOM   877  C  CA  . CYS A 1 116 ? 5.034   -10.466 -6.777  1.00 14.45  ? 116 CYS A CA  1 
ATOM   878  C  C   . CYS A 1 116 ? 5.369   -11.878 -6.316  1.00 15.10  ? 116 CYS A C   1 
ATOM   879  O  O   . CYS A 1 116 ? 4.852   -12.345 -5.336  1.00 17.14  ? 116 CYS A O   1 
ATOM   880  C  CB  . CYS A 1 116 ? 6.252   -9.572  -6.956  1.00 13.23  ? 116 CYS A CB  1 
ATOM   881  S  SG  . CYS A 1 116 ? 7.340   -9.597  -5.506  1.00 14.85  ? 116 CYS A SG  1 
ATOM   882  N  N   . GLN A 1 117 ? 6.274   -12.517 -7.046  1.00 17.20  ? 117 GLN A N   1 
ATOM   883  C  CA  . GLN A 1 117 ? 6.742   -13.865 -6.681  1.00 18.76  ? 117 GLN A CA  1 
ATOM   884  C  C   . GLN A 1 117 ? 7.362   -13.875 -5.282  1.00 20.25  ? 117 GLN A C   1 
ATOM   885  O  O   . GLN A 1 117 ? 7.402   -14.947 -4.674  1.00 24.75  ? 117 GLN A O   1 
ATOM   886  C  CB  . GLN A 1 117 ? 7.707   -14.337 -7.766  1.00 19.43  ? 117 GLN A CB  1 
ATOM   887  C  CG  . GLN A 1 117 ? 9.076   -13.660 -7.684  1.00 22.16  ? 117 GLN A CG  1 
ATOM   888  C  CD  . GLN A 1 117 ? 10.002  -14.114 -8.782  1.00 29.14  ? 117 GLN A CD  1 
ATOM   889  O  OE1 . GLN A 1 117 ? 10.007  -13.554 -9.874  1.00 33.79  ? 117 GLN A OE1 1 
ATOM   890  N  NE2 . GLN A 1 117 ? 10.798  -15.122 -8.473  1.00 34.94  ? 117 GLN A NE2 1 
ATOM   891  N  N   . HIS A 1 118 ? 7.805   -12.757 -4.733  1.00 19.20  ? 118 HIS A N   1 
ATOM   892  C  CA  . HIS A 1 118 ? 8.475   -12.767 -3.405  1.00 19.80  ? 118 HIS A CA  1 
ATOM   893  C  C   . HIS A 1 118 ? 7.489   -12.490 -2.254  1.00 22.62  ? 118 HIS A C   1 
ATOM   894  O  O   . HIS A 1 118 ? 7.923   -12.584 -1.101  1.00 25.51  ? 118 HIS A O   1 
ATOM   895  C  CB  . HIS A 1 118 ? 9.603   -11.745 -3.448  1.00 19.44  ? 118 HIS A CB  1 
ATOM   896  C  CG  . HIS A 1 118 ? 10.580  -11.985 -4.541  1.00 19.51  ? 118 HIS A CG  1 
ATOM   897  N  ND1 . HIS A 1 118 ? 10.625  -11.240 -5.693  1.00 19.30  ? 118 HIS A ND1 1 
ATOM   898  C  CD2 . HIS A 1 118 ? 11.627  -12.847 -4.593  1.00 21.06  ? 118 HIS A CD2 1 
ATOM   899  C  CE1 . HIS A 1 118 ? 11.603  -11.702 -6.465  1.00 22.23  ? 118 HIS A CE1 1 
ATOM   900  N  NE2 . HIS A 1 118 ? 12.227  -12.660 -5.794  1.00 21.62  ? 118 HIS A NE2 1 
ATOM   901  N  N   . GLY A 1 119 ? 6.218   -12.157 -2.537  1.00 20.47  ? 119 GLY A N   1 
ATOM   902  C  CA  . GLY A 1 119 ? 5.238   -11.793 -1.505  1.00 18.17  ? 119 GLY A CA  1 
ATOM   903  C  C   . GLY A 1 119 ? 4.601   -10.426 -1.759  1.00 16.20  ? 119 GLY A C   1 
ATOM   904  O  O   . GLY A 1 119 ? 4.514   -9.985  -2.915  1.00 15.14  ? 119 GLY A O   1 
ATOM   905  N  N   . VAL A 1 120 ? 4.181   -9.742  -0.693  1.00 14.86  ? 120 VAL A N   1 
ATOM   906  C  CA  . VAL A 1 120 ? 3.438   -8.463  -0.772  1.00 15.49  ? 120 VAL A CA  1 
ATOM   907  C  C   . VAL A 1 120 ? 4.415   -7.338  -1.069  1.00 14.07  ? 120 VAL A C   1 
ATOM   908  O  O   . VAL A 1 120 ? 5.443   -7.175  -0.333  1.00 15.90  ? 120 VAL A O   1 
ATOM   909  C  CB  . VAL A 1 120 ? 2.613   -8.190  0.497   1.00 16.32  ? 120 VAL A CB  1 
ATOM   910  C  CG1 . VAL A 1 120 ? 2.021   -6.774  0.459   1.00 15.65  ? 120 VAL A CG1 1 
ATOM   911  C  CG2 . VAL A 1 120 ? 1.586   -9.285  0.697   1.00 17.55  ? 120 VAL A CG2 1 
ATOM   912  N  N   . VAL A 1 121 ? 4.159   -6.570  -2.099  1.00 12.54  ? 121 VAL A N   1 
ATOM   913  C  CA  . VAL A 1 121 ? 4.978   -5.418  -2.529  1.00 13.75  ? 121 VAL A CA  1 
ATOM   914  C  C   . VAL A 1 121 ? 4.472   -4.138  -1.859  1.00 12.57  ? 121 VAL A C   1 
ATOM   915  O  O   . VAL A 1 121 ? 5.254   -3.258  -1.540  1.00 13.38  ? 121 VAL A O   1 
ATOM   916  C  CB  . VAL A 1 121 ? 4.953   -5.332  -4.057  1.00 12.77  ? 121 VAL A CB  1 
ATOM   917  C  CG1 . VAL A 1 121 ? 5.624   -4.092  -4.602  1.00 13.89  ? 121 VAL A CG1 1 
ATOM   918  C  CG2 . VAL A 1 121 ? 5.515   -6.614  -4.663  1.00 14.31  ? 121 VAL A CG2 1 
ATOM   919  N  N   . GLY A 1 122 ? 3.154   -3.931  -1.853  1.00 11.89  ? 122 GLY A N   1 
ATOM   920  C  CA  . GLY A 1 122 ? 2.557   -2.695  -1.359  1.00 13.24  ? 122 GLY A CA  1 
ATOM   921  C  C   . GLY A 1 122 ? 1.055   -2.743  -1.475  1.00 11.33  ? 122 GLY A C   1 
ATOM   922  O  O   . GLY A 1 122 ? 0.483   -3.830  -1.670  1.00 11.92  ? 122 GLY A O   1 
ATOM   923  N  N   . ILE A 1 123 ? 0.425   -1.600  -1.259  1.00 11.86  ? 123 ILE A N   1 
ATOM   924  C  CA  . ILE A 1 123 ? -1.059  -1.498  -1.241  1.00 11.07  ? 123 ILE A CA  1 
ATOM   925  C  C   . ILE A 1 123 ? -1.473  -0.327  -2.132  1.00 11.34  ? 123 ILE A C   1 
ATOM   926  O  O   . ILE A 1 123 ? -0.766  0.687   -2.230  1.00 11.19  ? 123 ILE A O   1 
ATOM   927  C  CB  . ILE A 1 123 ? -1.643  -1.350  0.187   1.00 12.28  ? 123 ILE A CB  1 
ATOM   928  C  CG1 . ILE A 1 123 ? -0.997  -0.216  1.005   1.00 12.71  ? 123 ILE A CG1 1 
ATOM   929  C  CG2 . ILE A 1 123 ? -1.638  -2.683  0.887   1.00 12.02  ? 123 ILE A CG2 1 
ATOM   930  C  CD1 . ILE A 1 123 ? -1.656  0.132   2.371   1.00 13.84  ? 123 ILE A CD1 1 
ATOM   931  N  N   . VAL A 1 124 ? -2.615  -0.483  -2.777  1.00 11.69  ? 124 VAL A N   1 
ATOM   932  C  CA  . VAL A 1 124 ? -3.216  0.581   -3.599  1.00 12.82  ? 124 VAL A CA  1 
ATOM   933  C  C   . VAL A 1 124 ? -3.337  1.821   -2.729  1.00 12.35  ? 124 VAL A C   1 
ATOM   934  O  O   . VAL A 1 124 ? -3.849  1.739   -1.581  1.00 12.51  ? 124 VAL A O   1 
ATOM   935  C  CB  . VAL A 1 124 ? -4.567  0.193   -4.170  1.00 12.29  ? 124 VAL A CB  1 
ATOM   936  C  CG1 . VAL A 1 124 ? -5.230  1.345   -4.888  1.00 12.58  ? 124 VAL A CG1 1 
ATOM   937  C  CG2 . VAL A 1 124 ? -4.436  -1.020  -5.063  1.00 12.13  ? 124 VAL A CG2 1 
ATOM   938  N  N   . SER A 1 125 ? -2.887  2.952   -3.263  1.00 12.55  ? 125 SER A N   1 
ATOM   939  C  CA  . SER A 1 125 ? -2.883  4.251   -2.555  1.00 13.45  ? 125 SER A CA  1 
ATOM   940  C  C   . SER A 1 125 ? -3.453  5.364   -3.434  1.00 15.53  ? 125 SER A C   1 
ATOM   941  O  O   . SER A 1 125 ? -3.984  6.366   -2.895  1.00 17.28  ? 125 SER A O   1 
ATOM   942  C  CB  . SER A 1 125 ? -1.515  4.588   -2.112  1.00 13.49  ? 125 SER A CB  1 
ATOM   943  O  OG  . SER A 1 125 ? -1.472  5.809   -1.361  1.00 16.47  ? 125 SER A OG  1 
ATOM   944  N  N   . THR A 1 126 ? -3.284  5.293   -4.745  1.00 16.33  ? 126 THR A N   1 
ATOM   945  C  CA  . THR A 1 126 ? -3.743  6.396   -5.633  1.00 16.48  ? 126 THR A CA  1 
ATOM   946  C  C   . THR A 1 126 ? -4.466  5.833   -6.859  1.00 17.15  ? 126 THR A C   1 
ATOM   947  O  O   . THR A 1 126 ? -4.390  4.620   -7.162  1.00 15.31  ? 126 THR A O   1 
ATOM   948  C  CB  . THR A 1 126 ? -2.595  7.328   -6.055  1.00 17.69  ? 126 THR A CB  1 
ATOM   949  O  OG1 . THR A 1 126 ? -1.844  6.671   -7.082  1.00 18.28  ? 126 THR A OG1 1 
ATOM   950  C  CG2 . THR A 1 126 ? -1.663  7.765   -4.949  1.00 17.93  ? 126 THR A CG2 1 
ATOM   951  N  N   . GLY A 1 127 ? -5.203  6.689   -7.571  1.00 17.57  ? 127 GLY A N   1 
ATOM   952  C  CA  . GLY A 1 127 ? -5.992  6.296   -8.743  1.00 19.97  ? 127 GLY A CA  1 
ATOM   953  C  C   . GLY A 1 127 ? -6.243  7.509   -9.617  1.00 21.43  ? 127 GLY A C   1 
ATOM   954  O  O   . GLY A 1 127 ? -5.769  8.589   -9.254  1.00 24.46  ? 127 GLY A O   1 
ATOM   955  N  N   . GLY A 1 128 ? -6.971  7.305   -10.695 1.00 25.59  ? 128 GLY A N   1 
ATOM   956  C  CA  . GLY A 1 128 ? -7.379  8.369   -11.637 1.00 26.51  ? 128 GLY A CA  1 
ATOM   957  C  C   . GLY A 1 128 ? -6.647  8.269   -12.964 1.00 27.69  ? 128 GLY A C   1 
ATOM   958  O  O   . GLY A 1 128 ? -5.507  7.787   -13.013 1.00 26.50  ? 128 GLY A O   1 
ATOM   959  N  N   . ASN A 1 129 ? -7.266  8.788   -14.021 1.00 29.71  ? 129 ASN A N   1 
ATOM   960  C  CA  . ASN A 1 129 ? -6.630  8.927   -15.359 1.00 30.03  ? 129 ASN A CA  1 
ATOM   961  C  C   . ASN A 1 129 ? -6.022  7.595   -15.795 1.00 24.94  ? 129 ASN A C   1 
ATOM   962  O  O   . ASN A 1 129 ? -4.939  7.619   -16.446 1.00 27.88  ? 129 ASN A O   1 
ATOM   963  C  CB  . ASN A 1 129 ? -5.497  9.958   -15.373 1.00 30.87  ? 129 ASN A CB  1 
ATOM   964  C  CG  . ASN A 1 129 ? -5.975  11.393  -15.419 1.00 37.35  ? 129 ASN A CG  1 
ATOM   965  O  OD1 . ASN A 1 129 ? -7.081  11.677  -15.872 1.00 41.42  ? 129 ASN A OD1 1 
ATOM   966  N  ND2 . ASN A 1 129 ? -5.129  12.303  -14.968 1.00 41.08  ? 129 ASN A ND2 1 
ATOM   967  N  N   . GLY A 1 130 ? -6.653  6.469   -15.461 1.00 22.24  ? 130 GLY A N   1 
ATOM   968  C  CA  . GLY A 1 130 ? -6.189  5.174   -15.978 1.00 19.91  ? 130 GLY A CA  1 
ATOM   969  C  C   . GLY A 1 130 ? -4.923  4.653   -15.308 1.00 18.32  ? 130 GLY A C   1 
ATOM   970  O  O   . GLY A 1 130 ? -4.389  3.704   -15.819 1.00 17.69  ? 130 GLY A O   1 
ATOM   971  N  N   . LEU A 1 131 ? -4.450  5.242   -14.208 1.00 19.09  ? 131 LEU A N   1 
ATOM   972  C  CA  . LEU A 1 131 ? -3.294  4.738   -13.463 1.00 18.19  ? 131 LEU A CA  1 
ATOM   973  C  C   . LEU A 1 131 ? -3.788  4.229   -12.101 1.00 17.99  ? 131 LEU A C   1 
ATOM   974  O  O   . LEU A 1 131 ? -4.785  4.719   -11.560 1.00 20.88  ? 131 LEU A O   1 
ATOM   975  C  CB  . LEU A 1 131 ? -2.220  5.812   -13.297 1.00 19.81  ? 131 LEU A CB  1 
ATOM   976  C  CG  . LEU A 1 131 ? -1.605  6.421   -14.569 1.00 20.33  ? 131 LEU A CG  1 
ATOM   977  C  CD1 . LEU A 1 131 ? -0.368  7.243   -14.222 1.00 22.77  ? 131 LEU A CD1 1 
ATOM   978  C  CD2 . LEU A 1 131 ? -1.224  5.349   -15.573 1.00 21.04  ? 131 LEU A CD2 1 
ATOM   979  N  N   . VAL A 1 132 ? -3.014  3.339   -11.534 1.00 16.00  ? 132 VAL A N   1 
ATOM   980  C  CA  . VAL A 1 132 ? -3.166  2.908   -10.123 1.00 14.40  ? 132 VAL A CA  1 
ATOM   981  C  C   . VAL A 1 132 ? -1.800  3.136   -9.503  1.00 14.85  ? 132 VAL A C   1 
ATOM   982  O  O   . VAL A 1 132 ? -0.757  2.747   -10.073 1.00 16.36  ? 132 VAL A O   1 
ATOM   983  C  CB  . VAL A 1 132 ? -3.654  1.455   -10.053 1.00 14.33  ? 132 VAL A CB  1 
ATOM   984  C  CG1 . VAL A 1 132 ? -2.816  0.499   -10.866 1.00 15.73  ? 132 VAL A CG1 1 
ATOM   985  C  CG2 . VAL A 1 132 ? -3.780  1.004   -8.629  1.00 13.95  ? 132 VAL A CG2 1 
ATOM   986  N  N   . GLY A 1 133 ? -1.768  3.780   -8.341  1.00 14.42  ? 133 GLY A N   1 
ATOM   987  C  CA  . GLY A 1 133 ? -0.543  3.938   -7.576  1.00 13.16  ? 133 GLY A CA  1 
ATOM   988  C  C   . GLY A 1 133 ? -0.563  3.055   -6.347  1.00 13.14  ? 133 GLY A C   1 
ATOM   989  O  O   . GLY A 1 133 ? -1.611  2.963   -5.710  1.00 14.49  ? 133 GLY A O   1 
ATOM   990  N  N   . PHE A 1 134 ? 0.598   2.549   -5.981  1.00 12.36  ? 134 PHE A N   1 
ATOM   991  C  CA  . PHE A 1 134 ? 0.805   1.613   -4.864  1.00 12.21  ? 134 PHE A CA  1 
ATOM   992  C  C   . PHE A 1 134 ? 1.844   2.203   -3.940  1.00 13.82  ? 134 PHE A C   1 
ATOM   993  O  O   . PHE A 1 134 ? 2.926   2.594   -4.375  1.00 15.14  ? 134 PHE A O   1 
ATOM   994  C  CB  . PHE A 1 134 ? 1.307   0.238   -5.299  1.00 11.87  ? 134 PHE A CB  1 
ATOM   995  C  CG  . PHE A 1 134 ? 0.498   -0.360  -6.407  1.00 11.97  ? 134 PHE A CG  1 
ATOM   996  C  CD1 . PHE A 1 134 ? -0.661  -1.072  -6.141  1.00 11.64  ? 134 PHE A CD1 1 
ATOM   997  C  CD2 . PHE A 1 134 ? 0.872   -0.186  -7.726  1.00 12.92  ? 134 PHE A CD2 1 
ATOM   998  C  CE1 . PHE A 1 134 ? -1.403  -1.633  -7.166  1.00 11.62  ? 134 PHE A CE1 1 
ATOM   999  C  CE2 . PHE A 1 134 ? 0.131   -0.778  -8.741  1.00 13.00  ? 134 PHE A CE2 1 
ATOM   1000 C  CZ  . PHE A 1 134 ? -1.001  -1.505  -8.456  1.00 13.03  ? 134 PHE A CZ  1 
ATOM   1001 N  N   . ALA A 1 135 ? 1.537   2.233   -2.660  1.00 12.35  ? 135 ALA A N   1 
ATOM   1002 C  CA  . ALA A 1 135 ? 2.535   2.580   -1.641  1.00 12.22  ? 135 ALA A CA  1 
ATOM   1003 C  C   . ALA A 1 135 ? 3.429   1.380   -1.409  1.00 12.71  ? 135 ALA A C   1 
ATOM   1004 O  O   . ALA A 1 135 ? 2.932   0.351   -0.952  1.00 13.17  ? 135 ALA A O   1 
ATOM   1005 C  CB  . ALA A 1 135 ? 1.839   2.968   -0.370  1.00 12.12  ? 135 ALA A CB  1 
ATOM   1006 N  N   . ASP A 1 136 ? 4.726   1.511   -1.668  1.00 13.01  ? 136 ASP A N   1 
ATOM   1007 C  CA  . ASP A 1 136 ? 5.668   0.413   -1.455  1.00 14.55  ? 136 ASP A CA  1 
ATOM   1008 C  C   . ASP A 1 136 ? 5.881   0.091   0.036   1.00 13.30  ? 136 ASP A C   1 
ATOM   1009 O  O   . ASP A 1 136 ? 5.856   1.058   0.855   1.00 15.76  ? 136 ASP A O   1 
ATOM   1010 C  CB  . ASP A 1 136 ? 7.013   0.779   -2.083  1.00 15.42  ? 136 ASP A CB  1 
ATOM   1011 C  CG  . ASP A 1 136 ? 8.030   -0.326  -1.998  1.00 16.99  ? 136 ASP A CG  1 
ATOM   1012 O  OD1 . ASP A 1 136 ? 7.771   -1.447  -2.421  1.00 16.60  ? 136 ASP A OD1 1 
ATOM   1013 O  OD2 . ASP A 1 136 ? 9.136   -0.057  -1.460  1.00 21.07  ? 136 ASP A OD2 1 
ATOM   1014 N  N   . VAL A 1 137 ? 6.061   -1.151  0.400   1.00 14.40  ? 137 VAL A N   1 
ATOM   1015 C  CA  . VAL A 1 137 ? 6.448   -1.522  1.792   1.00 15.87  ? 137 VAL A CA  1 
ATOM   1016 C  C   . VAL A 1 137 ? 7.768   -2.303  1.804   1.00 15.63  ? 137 VAL A C   1 
ATOM   1017 O  O   . VAL A 1 137 ? 8.178   -2.707  2.870   1.00 17.44  ? 137 VAL A O   1 
ATOM   1018 C  CB  . VAL A 1 137 ? 5.309   -2.276  2.489   1.00 14.52  ? 137 VAL A CB  1 
ATOM   1019 C  CG1 . VAL A 1 137 ? 4.096   -1.352  2.571   1.00 15.67  ? 137 VAL A CG1 1 
ATOM   1020 C  CG2 . VAL A 1 137 ? 4.965   -3.576  1.806   1.00 14.80  ? 137 VAL A CG2 1 
ATOM   1021 N  N   . ARG A 1 138 ? 8.372   -2.566  0.642   1.00 17.09  ? 138 ARG A N   1 
ATOM   1022 C  CA  . ARG A 1 138 ? 9.513   -3.517  0.575   1.00 16.15  ? 138 ARG A CA  1 
ATOM   1023 C  C   . ARG A 1 138 ? 10.749  -2.925  1.250   1.00 17.08  ? 138 ARG A C   1 
ATOM   1024 O  O   . ARG A 1 138 ? 11.648  -3.713  1.559   1.00 19.82  ? 138 ARG A O   1 
ATOM   1025 C  CB  . ARG A 1 138 ? 9.830   -3.849  -0.881  1.00 15.23  ? 138 ARG A CB  1 
ATOM   1026 C  CG  . ARG A 1 138 ? 8.711   -4.625  -1.571  1.00 14.44  ? 138 ARG A CG  1 
ATOM   1027 C  CD  . ARG A 1 138 ? 9.096   -4.877  -3.006  1.00 14.20  ? 138 ARG A CD  1 
ATOM   1028 N  NE  . ARG A 1 138 ? 9.084   -3.661  -3.731  1.00 16.15  ? 138 ARG A NE  1 
ATOM   1029 C  CZ  . ARG A 1 138 ? 9.256   -3.527  -5.031  1.00 13.68  ? 138 ARG A CZ  1 
ATOM   1030 N  NH1 . ARG A 1 138 ? 9.645   -4.576  -5.727  1.00 13.57  ? 138 ARG A NH1 1 
ATOM   1031 N  NH2 . ARG A 1 138 ? 9.034   -2.368  -5.592  1.00 14.26  ? 138 ARG A NH2 1 
ATOM   1032 N  N   . ASP A 1 139 ? 10.818  -1.621  1.395   1.00 17.44  ? 139 ASP A N   1 
ATOM   1033 C  CA  . ASP A 1 139 ? 11.974  -0.986  2.103   1.00 19.36  ? 139 ASP A CA  1 
ATOM   1034 C  C   . ASP A 1 139 ? 11.770  -1.040  3.627   1.00 21.98  ? 139 ASP A C   1 
ATOM   1035 O  O   . ASP A 1 139 ? 12.744  -0.647  4.301   1.00 23.55  ? 139 ASP A O   1 
ATOM   1036 C  CB  . ASP A 1 139 ? 12.190  0.443   1.652   1.00 20.86  ? 139 ASP A CB  1 
ATOM   1037 C  CG  . ASP A 1 139 ? 11.034  1.377   1.991   1.00 25.09  ? 139 ASP A CG  1 
ATOM   1038 O  OD1 . ASP A 1 139 ? 9.884   0.907   1.893   1.00 23.68  ? 139 ASP A OD1 1 
ATOM   1039 O  OD2 . ASP A 1 139 ? 11.272  2.552   2.338   1.00 25.35  ? 139 ASP A OD2 1 
ATOM   1040 N  N   . LEU A 1 140 ? 10.639  -1.543  4.155   1.00 20.05  ? 140 LEU A N   1 
ATOM   1041 C  CA  . LEU A 1 140 ? 10.334  -1.590  5.621   1.00 19.76  ? 140 LEU A CA  1 
ATOM   1042 C  C   . LEU A 1 140 ? 10.752  -2.944  6.185   1.00 18.56  ? 140 LEU A C   1 
ATOM   1043 O  O   . LEU A 1 140 ? 9.940   -3.787  6.554   1.00 20.67  ? 140 LEU A O   1 
ATOM   1044 C  CB  . LEU A 1 140 ? 8.838   -1.267  5.821   1.00 18.52  ? 140 LEU A CB  1 
ATOM   1045 C  CG  . LEU A 1 140 ? 8.351   0.057   5.246   1.00 21.80  ? 140 LEU A CG  1 
ATOM   1046 C  CD1 . LEU A 1 140 ? 6.841   0.225   5.448   1.00 21.16  ? 140 LEU A CD1 1 
ATOM   1047 C  CD2 . LEU A 1 140 ? 9.073   1.263   5.798   1.00 21.85  ? 140 LEU A CD2 1 
ATOM   1048 N  N   . LEU A 1 141 ? 12.098  -3.152  6.296   1.00 21.57  ? 141 LEU A N   1 
ATOM   1049 C  CA  . LEU A 1 141 ? 12.713  -4.438  6.701   1.00 25.33  ? 141 LEU A CA  1 
ATOM   1050 C  C   . LEU A 1 141 ? 12.284  -4.789  8.122   1.00 21.75  ? 141 LEU A C   1 
ATOM   1051 O  O   . LEU A 1 141 ? 12.043  -5.949  8.426   1.00 27.11  ? 141 LEU A O   1 
ATOM   1052 C  CB  . LEU A 1 141 ? 14.242  -4.303  6.619   1.00 26.10  ? 141 LEU A CB  1 
ATOM   1053 C  CG  . LEU A 1 141 ? 14.797  -3.784  5.294   1.00 26.62  ? 141 LEU A CG  1 
ATOM   1054 C  CD1 . LEU A 1 141 ? 16.299  -3.965  5.280   1.00 29.80  ? 141 LEU A CD1 1 
ATOM   1055 C  CD2 . LEU A 1 141 ? 14.208  -4.515  4.100   1.00 26.53  ? 141 LEU A CD2 1 
ATOM   1056 N  N   . TRP A 1 142 ? 12.086  -3.740  8.924   1.00 26.85  ? 142 TRP A N   1 
ATOM   1057 C  CA  . TRP A 1 142 ? 11.678  -3.862  10.338  1.00 25.07  ? 142 TRP A CA  1 
ATOM   1058 C  C   . TRP A 1 142 ? 10.308  -4.530  10.431  1.00 24.40  ? 142 TRP A C   1 
ATOM   1059 O  O   . TRP A 1 142 ? 9.993   -5.053  11.495  1.00 27.51  ? 142 TRP A O   1 
ATOM   1060 C  CB  . TRP A 1 142 ? 11.740  -2.508  11.058  1.00 23.38  ? 142 TRP A CB  1 
ATOM   1061 C  CG  . TRP A 1 142 ? 10.859  -1.438  10.486  1.00 22.60  ? 142 TRP A CG  1 
ATOM   1062 C  CD1 . TRP A 1 142 ? 11.253  -0.388  9.718   1.00 22.16  ? 142 TRP A CD1 1 
ATOM   1063 C  CD2 . TRP A 1 142 ? 9.438   -1.283  10.707  1.00 23.40  ? 142 TRP A CD2 1 
ATOM   1064 N  NE1 . TRP A 1 142 ? 10.174  0.404   9.414   1.00 23.43  ? 142 TRP A NE1 1 
ATOM   1065 C  CE2 . TRP A 1 142 ? 9.059   -0.135  10.005  1.00 23.75  ? 142 TRP A CE2 1 
ATOM   1066 C  CE3 . TRP A 1 142 ? 8.482   -2.000  11.438  1.00 21.41  ? 142 TRP A CE3 1 
ATOM   1067 C  CZ2 . TRP A 1 142 ? 7.732   0.324   10.029  1.00 22.02  ? 142 TRP A CZ2 1 
ATOM   1068 C  CZ3 . TRP A 1 142 ? 7.161   -1.560  11.439  1.00 23.65  ? 142 TRP A CZ3 1 
ATOM   1069 C  CH2 . TRP A 1 142 ? 6.805   -0.426  10.711  1.00 19.80  ? 142 TRP A CH2 1 
ATOM   1070 N  N   . LEU A 1 143 ? 9.493   -4.568  9.359   1.00 24.31  ? 143 LEU A N   1 
ATOM   1071 C  CA  . LEU A 1 143 ? 8.232   -5.348  9.401   1.00 27.15  ? 143 LEU A CA  1 
ATOM   1072 C  C   . LEU A 1 143 ? 8.469   -6.857  9.625   1.00 31.48  ? 143 LEU A C   1 
ATOM   1073 O  O   . LEU A 1 143 ? 7.546   -7.525  10.111  1.00 29.19  ? 143 LEU A O   1 
ATOM   1074 C  CB  . LEU A 1 143 ? 7.406   -5.150  8.124   1.00 24.35  ? 143 LEU A CB  1 
ATOM   1075 C  CG  . LEU A 1 143 ? 6.742   -3.797  7.892   1.00 23.11  ? 143 LEU A CG  1 
ATOM   1076 C  CD1 . LEU A 1 143 ? 6.249   -3.707  6.447   1.00 22.22  ? 143 LEU A CD1 1 
ATOM   1077 C  CD2 . LEU A 1 143 ? 5.583   -3.557  8.861   1.00 24.08  ? 143 LEU A CD2 1 
ATOM   1078 N  N   . ASP A 1 144 ? 9.668   -7.353  9.283   0.50 32.26  ? 144 ASP A N   1 
ATOM   1079 C  CA  . ASP A 1 144 ? 10.039  -8.796  9.301   0.50 34.96  ? 144 ASP A CA  1 
ATOM   1080 C  C   . ASP A 1 144 ? 10.583  -9.227  10.670  0.50 37.49  ? 144 ASP A C   1 
ATOM   1081 O  O   . ASP A 1 144 ? 10.761  -10.445 10.853  0.50 38.35  ? 144 ASP A O   1 
ATOM   1082 C  CB  . ASP A 1 144 ? 11.116  -9.117  8.260   0.50 34.54  ? 144 ASP A CB  1 
ATOM   1083 C  CG  . ASP A 1 144 ? 10.684  -8.927  6.817   0.50 33.94  ? 144 ASP A CG  1 
ATOM   1084 O  OD1 . ASP A 1 144 ? 9.493   -8.633  6.596   0.50 33.52  ? 144 ASP A OD1 1 
ATOM   1085 O  OD2 . ASP A 1 144 ? 11.551  -9.057  5.920   0.50 34.17  ? 144 ASP A OD2 1 
ATOM   1086 N  N   . GLU A 1 145 ? 10.857  -8.288  11.585  0.50 41.74  ? 145 GLU A N   1 
ATOM   1087 C  CA  . GLU A 1 145 ? 11.579  -8.578  12.858  0.50 45.98  ? 145 GLU A CA  1 
ATOM   1088 C  C   . GLU A 1 145 ? 10.877  -7.918  14.055  0.50 49.61  ? 145 GLU A C   1 
ATOM   1089 O  O   . GLU A 1 145 ? 9.939   -7.120  13.838  0.50 49.46  ? 145 GLU A O   1 
ATOM   1090 C  CB  . GLU A 1 145 ? 13.032  -8.111  12.745  0.50 47.61  ? 145 GLU A CB  1 
ATOM   1091 C  CG  . GLU A 1 145 ? 13.176  -6.617  12.534  0.50 47.67  ? 145 GLU A CG  1 
ATOM   1092 C  CD  . GLU A 1 145 ? 14.305  -6.223  11.597  0.50 47.62  ? 145 GLU A CD  1 
ATOM   1093 O  OE1 . GLU A 1 145 ? 14.740  -5.057  11.651  0.50 46.94  ? 145 GLU A OE1 1 
ATOM   1094 O  OE2 . GLU A 1 145 ? 14.735  -7.083  10.804  0.50 49.53  ? 145 GLU A OE2 1 
ATOM   1095 N  N   . GLU A 1 146 ? 11.328  -8.253  15.272  0.50 53.51  ? 146 GLU A N   1 
ATOM   1096 C  CA  . GLU A 1 146 ? 10.783  -7.749  16.564  0.50 54.54  ? 146 GLU A CA  1 
ATOM   1097 C  C   . GLU A 1 146 ? 9.360   -8.289  16.759  0.50 55.31  ? 146 GLU A C   1 
ATOM   1098 O  O   . GLU A 1 146 ? 9.088   -9.016  17.717  0.50 55.67  ? 146 GLU A O   1 
ATOM   1099 C  CB  . GLU A 1 146 ? 10.817  -6.220  16.597  0.50 54.41  ? 146 GLU A CB  1 
ATOM   1100 C  CG  . GLU A 1 146 ? 9.549   -5.584  17.148  0.50 55.27  ? 146 GLU A CG  1 
ATOM   1101 C  CD  . GLU A 1 146 ? 9.427   -5.550  18.664  0.50 55.26  ? 146 GLU A CD  1 
ATOM   1102 O  OE1 . GLU A 1 146 ? 9.682   -4.477  19.249  0.50 54.72  ? 146 GLU A OE1 1 
ATOM   1103 O  OE2 . GLU A 1 146 ? 9.058   -6.589  19.252  0.50 54.50  ? 146 GLU A OE2 1 
HETATM 1104 C  C10 . RZJ B 2 .   ? 13.086  7.712   -1.755  0.48 31.29  ? 201 RZJ A C10 1 
HETATM 1105 C  C01 . RZJ B 2 .   ? 14.916  6.801   0.560   0.48 34.13  ? 201 RZJ A C01 1 
HETATM 1106 C  C03 . RZJ B 2 .   ? 16.190  5.919   -1.362  0.48 34.37  ? 201 RZJ A C03 1 
HETATM 1107 C  C04 . RZJ B 2 .   ? 15.849  4.460   -1.617  0.48 34.12  ? 201 RZJ A C04 1 
HETATM 1108 C  C05 . RZJ B 2 .   ? 14.454  4.195   -2.197  0.48 33.50  ? 201 RZJ A C05 1 
HETATM 1109 C  C06 . RZJ B 2 .   ? 13.561  5.405   -2.318  0.48 32.58  ? 201 RZJ A C06 1 
HETATM 1110 C  C07 . RZJ B 2 .   ? 12.402  5.380   -3.091  0.48 32.27  ? 201 RZJ A C07 1 
HETATM 1111 C  C08 . RZJ B 2 .   ? 11.591  6.495   -3.204  0.48 31.13  ? 201 RZJ A C08 1 
HETATM 1112 C  C09 . RZJ B 2 .   ? 11.948  7.659   -2.545  0.48 30.01  ? 201 RZJ A C09 1 
HETATM 1113 C  C11 . RZJ B 2 .   ? 13.894  6.585   -1.645  0.48 32.29  ? 201 RZJ A C11 1 
HETATM 1114 N  N02 . RZJ B 2 .   ? 15.037  6.668   -0.887  0.48 34.31  ? 201 RZJ A N02 1 
HETATM 1115 N  N15 . RZJ B 2 .   ? 11.736  10.049  -3.866  0.48 28.68  ? 201 RZJ A N15 1 
HETATM 1116 O  O13 . RZJ B 2 .   ? 9.735   8.744   -3.323  0.48 26.10  ? 201 RZJ A O13 1 
HETATM 1117 O  O14 . RZJ B 2 .   ? 11.029  9.853   -1.535  0.48 29.34  ? 201 RZJ A O14 1 
HETATM 1118 S  S12 . RZJ B 2 .   ? 11.002  9.131   -2.774  0.48 29.52  ? 201 RZJ A S12 1 
HETATM 1119 ZN ZN  . ZN  C 3 .   ? 9.495   -9.590  -6.108  1.00 16.70  ? 202 ZN  A ZN  1 
HETATM 1120 S  S   . DMS D 4 .   ? 4.806   -15.265 -0.609  1.00 53.98  ? 203 DMS A S   1 
HETATM 1121 O  O   . DMS D 4 .   ? 4.813   -16.616 0.052   1.00 70.38  ? 203 DMS A O   1 
HETATM 1122 C  C1  . DMS D 4 .   ? 5.167   -15.580 -2.324  1.00 54.73  ? 203 DMS A C1  1 
HETATM 1123 C  C2  . DMS D 4 .   ? 3.094   -14.842 -0.781  1.00 51.72  ? 203 DMS A C2  1 
HETATM 1124 S  S   . DMS E 4 .   ? 5.994   12.327  6.807   1.00 37.65  ? 204 DMS A S   1 
HETATM 1125 O  O   . DMS E 4 .   ? 5.080   12.889  5.762   1.00 33.67  ? 204 DMS A O   1 
HETATM 1126 C  C1  . DMS E 4 .   ? 7.626   12.294  6.075   1.00 39.13  ? 204 DMS A C1  1 
HETATM 1127 C  C2  . DMS E 4 .   ? 6.277   13.662  7.961   1.00 39.21  ? 204 DMS A C2  1 
HETATM 1128 S  S   . DMS F 4 .   ? -10.693 -10.129 -1.465  1.00 77.07  ? 205 DMS A S   1 
HETATM 1129 O  O   . DMS F 4 .   ? -11.456 -10.826 -2.555  1.00 75.93  ? 205 DMS A O   1 
HETATM 1130 C  C1  . DMS F 4 .   ? -10.300 -11.379 -0.262  1.00 78.46  ? 205 DMS A C1  1 
HETATM 1131 C  C2  . DMS F 4 .   ? -9.051  -9.894  -2.093  1.00 71.29  ? 205 DMS A C2  1 
HETATM 1132 S  S   . DMS G 4 .   ? -5.135  -1.627  -18.436 1.00 49.54  ? 206 DMS A S   1 
HETATM 1133 O  O   . DMS G 4 .   ? -5.966  -0.501  -17.858 1.00 43.74  ? 206 DMS A O   1 
HETATM 1134 C  C1  . DMS G 4 .   ? -6.156  -3.081  -18.397 1.00 47.20  ? 206 DMS A C1  1 
HETATM 1135 C  C2  . DMS G 4 .   ? -5.120  -1.393  -20.198 1.00 46.62  ? 206 DMS A C2  1 
HETATM 1136 S  S   . DMS H 4 .   ? -9.394  15.537  1.762   1.00 64.72  ? 207 DMS A S   1 
HETATM 1137 O  O   . DMS H 4 .   ? -8.589  16.537  2.552   1.00 79.13  ? 207 DMS A O   1 
HETATM 1138 C  C1  . DMS H 4 .   ? -11.102 15.936  2.058   1.00 69.95  ? 207 DMS A C1  1 
HETATM 1139 C  C2  . DMS H 4 .   ? -9.316  16.066  0.075   1.00 71.22  ? 207 DMS A C2  1 
HETATM 1140 S  S   . DMS I 4 .   ? 9.975   1.662   13.139  1.00 64.96  ? 208 DMS A S   1 
HETATM 1141 O  O   . DMS I 4 .   ? 11.139  0.888   13.688  1.00 63.33  ? 208 DMS A O   1 
HETATM 1142 C  C1  . DMS I 4 .   ? 9.956   3.217   13.993  1.00 65.38  ? 208 DMS A C1  1 
HETATM 1143 C  C2  . DMS I 4 .   ? 8.536   0.951   13.888  1.00 63.17  ? 208 DMS A C2  1 
HETATM 1144 S  S   . SO4 J 5 .   ? 4.427   21.128  -8.512  1.00 129.10 ? 209 SO4 A S   1 
HETATM 1145 O  O1  . SO4 J 5 .   ? 5.687   21.771  -8.769  1.00 123.45 ? 209 SO4 A O1  1 
HETATM 1146 O  O2  . SO4 J 5 .   ? 4.518   19.731  -8.850  1.00 123.08 ? 209 SO4 A O2  1 
HETATM 1147 O  O3  . SO4 J 5 .   ? 3.403   21.750  -9.305  1.00 91.27  ? 209 SO4 A O3  1 
HETATM 1148 O  O4  . SO4 J 5 .   ? 4.095   21.260  -7.118  1.00 133.71 ? 209 SO4 A O4  1 
HETATM 1149 O  O   . HOH K 6 .   ? -0.479  -11.067 20.699  0.50 31.98  ? 301 HOH A O   1 
HETATM 1150 O  O   . HOH K 6 .   ? -13.666 -6.805  -2.766  1.00 29.81  ? 302 HOH A O   1 
HETATM 1151 O  O   . HOH K 6 .   ? 7.244   5.526   -9.391  1.00 26.68  ? 303 HOH A O   1 
HETATM 1152 O  O   . HOH K 6 .   ? 3.219   -12.854 8.442   1.00 28.97  ? 304 HOH A O   1 
HETATM 1153 O  O   . HOH K 6 .   ? 15.183  -2.804  12.642  1.00 49.07  ? 305 HOH A O   1 
HETATM 1154 O  O   . HOH K 6 .   ? 2.930   -5.326  17.119  1.00 43.62  ? 306 HOH A O   1 
HETATM 1155 O  O   . HOH K 6 .   ? 5.512   -8.684  14.363  1.00 38.30  ? 307 HOH A O   1 
HETATM 1156 O  O   . HOH K 6 .   ? -4.058  -3.264  14.804  1.00 36.78  ? 308 HOH A O   1 
HETATM 1157 O  O   . HOH K 6 .   ? -3.770  -9.087  4.192   1.00 25.05  ? 309 HOH A O   1 
HETATM 1158 O  O   . HOH K 6 .   ? 3.144   16.186  -0.169  1.00 37.73  ? 310 HOH A O   1 
HETATM 1159 O  O   . HOH K 6 .   ? -8.595  7.770   8.998   1.00 42.37  ? 311 HOH A O   1 
HETATM 1160 O  O   . HOH K 6 .   ? -5.971  0.575   3.922   1.00 15.63  ? 312 HOH A O   1 
HETATM 1161 O  O   . HOH K 6 .   ? -7.780  11.840  -8.405  0.36 58.38  ? 313 HOH A O   1 
HETATM 1162 O  O   . HOH K 6 .   ? 11.443  -5.019  13.660  0.50 31.95  ? 314 HOH A O   1 
HETATM 1163 O  O   . HOH K 6 .   ? 11.060  5.414   -10.529 1.00 39.98  ? 315 HOH A O   1 
HETATM 1164 O  O   . HOH K 6 .   ? -1.869  13.782  5.612   1.00 41.52  ? 316 HOH A O   1 
HETATM 1165 O  O   . HOH K 6 .   ? 12.546  -1.482  -6.870  1.00 28.66  ? 317 HOH A O   1 
HETATM 1166 O  O   . HOH K 6 .   ? 13.435  3.789   1.539   1.00 44.30  ? 318 HOH A O   1 
HETATM 1167 O  O   . HOH K 6 .   ? 9.355   -14.588 -0.181  1.00 41.19  ? 319 HOH A O   1 
HETATM 1168 O  O   . HOH K 6 .   ? -6.610  -1.780  14.446  1.00 29.99  ? 320 HOH A O   1 
HETATM 1169 O  O   . HOH K 6 .   ? 13.278  0.338   -14.020 1.00 43.23  ? 321 HOH A O   1 
HETATM 1170 O  O   . HOH K 6 .   ? 10.324  2.282   -1.122  1.00 24.57  ? 322 HOH A O   1 
HETATM 1171 O  O   . HOH K 6 .   ? 4.881   9.644   13.961  1.00 32.16  ? 323 HOH A O   1 
HETATM 1172 O  O   . HOH K 6 .   ? 3.508   11.746  9.017   1.00 25.02  ? 324 HOH A O   1 
HETATM 1173 O  O   . HOH K 6 .   ? -8.518  -6.318  7.202   1.00 33.91  ? 325 HOH A O   1 
HETATM 1174 O  O   . HOH K 6 .   ? -9.792  5.535   0.145   1.00 24.31  ? 326 HOH A O   1 
HETATM 1175 O  O   . HOH K 6 .   ? -7.982  11.824  4.157   1.00 31.00  ? 327 HOH A O   1 
HETATM 1176 O  O   . HOH K 6 .   ? -5.313  11.415  -7.915  1.00 29.40  ? 328 HOH A O   1 
HETATM 1177 O  O   . HOH K 6 .   ? -12.475 0.435   -16.308 1.00 33.55  ? 329 HOH A O   1 
HETATM 1178 O  O   . HOH K 6 .   ? -8.548  14.888  -9.730  0.36 52.66  ? 330 HOH A O   1 
HETATM 1179 O  O   . HOH K 6 .   ? 11.230  -16.295 -6.117  1.00 48.24  ? 331 HOH A O   1 
HETATM 1180 O  O   . HOH K 6 .   ? -1.927  -2.738  -17.320 1.00 24.60  ? 332 HOH A O   1 
HETATM 1181 O  O   . HOH K 6 .   ? -11.745 -5.827  -16.408 1.00 29.40  ? 333 HOH A O   1 
HETATM 1182 O  O   . HOH K 6 .   ? -3.779  -5.565  -16.190 1.00 28.55  ? 334 HOH A O   1 
HETATM 1183 O  O   . HOH K 6 .   ? 1.514   -0.814  -16.201 1.00 14.47  ? 335 HOH A O   1 
HETATM 1184 O  O   . HOH K 6 .   ? 9.027   -2.097  15.337  1.00 47.66  ? 336 HOH A O   1 
HETATM 1185 O  O   . HOH K 6 .   ? 12.415  -2.468  -4.366  1.00 20.14  ? 337 HOH A O   1 
HETATM 1186 O  O   . HOH K 6 .   ? -1.467  19.727  -1.309  1.00 35.56  ? 338 HOH A O   1 
HETATM 1187 O  O   . HOH K 6 .   ? 9.297   9.294   3.921   1.00 41.90  ? 339 HOH A O   1 
HETATM 1188 O  O   . HOH K 6 .   ? -1.564  -15.529 16.015  1.00 44.81  ? 340 HOH A O   1 
HETATM 1189 O  O   . HOH K 6 .   ? 12.930  -5.692  -11.799 1.00 43.61  ? 341 HOH A O   1 
HETATM 1190 O  O   . HOH K 6 .   ? -5.215  -9.672  15.961  1.00 38.70  ? 342 HOH A O   1 
HETATM 1191 O  O   . HOH K 6 .   ? -9.045  0.866   7.748   1.00 34.98  ? 343 HOH A O   1 
HETATM 1192 O  O   . HOH K 6 .   ? 5.932   -17.087 -5.424  1.00 33.73  ? 344 HOH A O   1 
HETATM 1193 O  O   . HOH K 6 .   ? -14.379 4.731   -4.060  1.00 30.01  ? 345 HOH A O   1 
HETATM 1194 O  O   . HOH K 6 .   ? -15.195 -10.771 -10.303 1.00 40.27  ? 346 HOH A O   1 
HETATM 1195 O  O   . HOH K 6 .   ? -11.275 -4.679  3.440   1.00 46.89  ? 347 HOH A O   1 
HETATM 1196 O  O   . HOH K 6 .   ? -10.397 6.138   -11.327 1.00 49.10  ? 348 HOH A O   1 
HETATM 1197 O  O   . HOH K 6 .   ? 14.447  -13.588 -7.056  1.00 42.75  ? 349 HOH A O   1 
HETATM 1198 O  O   . HOH K 6 .   ? -7.345  4.385   -12.412 1.00 23.65  ? 350 HOH A O   1 
HETATM 1199 O  O   . HOH K 6 .   ? 7.854   22.497  -10.257 1.00 44.49  ? 351 HOH A O   1 
HETATM 1200 O  O   . HOH K 6 .   ? -8.553  -2.837  -4.172  1.00 13.19  ? 352 HOH A O   1 
HETATM 1201 O  O   . HOH K 6 .   ? 16.166  -3.650  9.796   1.00 39.13  ? 353 HOH A O   1 
HETATM 1202 O  O   . HOH K 6 .   ? 2.340   -9.665  -13.682 1.00 35.74  ? 354 HOH A O   1 
HETATM 1203 O  O   . HOH K 6 .   ? 2.728   -15.392 3.555   1.00 31.35  ? 355 HOH A O   1 
HETATM 1204 O  O   . HOH K 6 .   ? 7.294   2.371   17.314  1.00 43.92  ? 356 HOH A O   1 
HETATM 1205 O  O   . HOH K 6 .   ? 4.667   -14.167 11.983  1.00 39.01  ? 357 HOH A O   1 
HETATM 1206 O  O   . HOH K 6 .   ? -11.091 2.162   15.992  1.00 26.13  ? 358 HOH A O   1 
HETATM 1207 O  O   . HOH K 6 .   ? -7.823  8.679   17.218  1.00 25.07  ? 359 HOH A O   1 
HETATM 1208 O  O   . HOH K 6 .   ? 3.457   5.735   -0.956  1.00 20.14  ? 360 HOH A O   1 
HETATM 1209 O  O   . HOH K 6 .   ? -8.932  7.597   12.391  1.00 25.78  ? 361 HOH A O   1 
HETATM 1210 O  O   . HOH K 6 .   ? 10.184  -1.945  -8.049  1.00 20.50  ? 362 HOH A O   1 
HETATM 1211 O  O   . HOH K 6 .   ? -6.233  8.521   9.632   1.00 32.36  ? 363 HOH A O   1 
HETATM 1212 O  O   . HOH K 6 .   ? 4.440   -3.021  18.205  1.00 45.21  ? 364 HOH A O   1 
HETATM 1213 O  O   . HOH K 6 .   ? -15.362 4.995   -6.226  1.00 31.84  ? 365 HOH A O   1 
HETATM 1214 O  O   . HOH K 6 .   ? -9.347  -3.930  -1.640  1.00 21.55  ? 366 HOH A O   1 
HETATM 1215 O  O   . HOH K 6 .   ? -0.642  5.304   19.993  1.00 28.07  ? 367 HOH A O   1 
HETATM 1216 O  O   . HOH K 6 .   ? 5.124   3.708   0.692   1.00 17.53  ? 368 HOH A O   1 
HETATM 1217 O  O   . HOH K 6 .   ? -5.940  2.286   -17.602 1.00 25.83  ? 369 HOH A O   1 
HETATM 1218 O  O   . HOH K 6 .   ? -4.707  10.484  -3.523  1.00 26.90  ? 370 HOH A O   1 
HETATM 1219 O  O   . HOH K 6 .   ? -3.885  1.929   23.378  1.00 33.68  ? 371 HOH A O   1 
HETATM 1220 O  O   . HOH K 6 .   ? -0.860  -13.156 1.093   1.00 33.25  ? 372 HOH A O   1 
HETATM 1221 O  O   . HOH K 6 .   ? -0.554  -9.149  11.405  1.00 25.90  ? 373 HOH A O   1 
HETATM 1222 O  O   . HOH K 6 .   ? 2.651   -13.696 -6.362  1.00 38.55  ? 374 HOH A O   1 
HETATM 1223 O  O   . HOH K 6 .   ? 11.559  -1.074  -2.363  1.00 19.27  ? 375 HOH A O   1 
HETATM 1224 O  O   . HOH K 6 .   ? -0.243  3.450   22.061  1.00 33.02  ? 376 HOH A O   1 
HETATM 1225 O  O   . HOH K 6 .   ? 7.572   -8.776  12.594  0.50 58.04  ? 377 HOH A O   1 
HETATM 1226 O  O   . HOH K 6 .   ? -3.532  10.442  6.139   1.00 23.34  ? 378 HOH A O   1 
HETATM 1227 O  O   . HOH K 6 .   ? -15.612 2.236   -12.735 1.00 24.01  ? 379 HOH A O   1 
HETATM 1228 O  O   . HOH K 6 .   ? 14.928  -8.445  -7.003  1.00 21.80  ? 380 HOH A O   1 
HETATM 1229 O  O   . HOH K 6 .   ? 5.764   -11.291 15.176  1.00 52.34  ? 381 HOH A O   1 
HETATM 1230 O  O   . HOH K 6 .   ? 2.482   4.507   19.856  1.00 35.38  ? 382 HOH A O   1 
HETATM 1231 O  O   . HOH K 6 .   ? -17.463 -0.624  -9.721  1.00 19.15  ? 383 HOH A O   1 
HETATM 1232 O  O   . HOH K 6 .   ? -12.202 1.856   1.410   1.00 27.29  ? 384 HOH A O   1 
HETATM 1233 O  O   . HOH K 6 .   ? 7.644   -10.827 5.683   1.00 26.66  ? 385 HOH A O   1 
HETATM 1234 O  O   . HOH K 6 .   ? -6.048  18.064  -8.835  1.00 34.34  ? 386 HOH A O   1 
HETATM 1235 O  O   . HOH K 6 .   ? 12.722  3.236   4.672   1.00 38.90  ? 387 HOH A O   1 
HETATM 1236 O  O   . HOH K 6 .   ? -7.427  5.101   -5.490  1.00 25.90  ? 388 HOH A O   1 
HETATM 1237 O  O   . HOH K 6 .   ? -2.840  8.808   -1.834  1.00 24.35  ? 389 HOH A O   1 
HETATM 1238 O  O   . HOH K 6 .   ? 10.798  3.081   8.713   0.50 23.98  ? 390 HOH A O   1 
HETATM 1239 O  O   . HOH K 6 .   ? 10.256  6.370   4.912   1.00 36.16  ? 391 HOH A O   1 
HETATM 1240 O  O   . HOH K 6 .   ? -8.887  -1.135  13.423  1.00 34.28  ? 392 HOH A O   1 
HETATM 1241 O  O   . HOH K 6 .   ? 12.137  -11.538 -0.965  1.00 24.24  ? 393 HOH A O   1 
HETATM 1242 O  O   . HOH K 6 .   ? -17.349 2.230   -10.020 1.00 28.70  ? 394 HOH A O   1 
HETATM 1243 O  O   . HOH K 6 .   ? 14.213  -7.459  7.329   1.00 38.21  ? 395 HOH A O   1 
HETATM 1244 O  O   . HOH K 6 .   ? -7.904  -5.635  11.738  1.00 36.69  ? 396 HOH A O   1 
HETATM 1245 O  O   . HOH K 6 .   ? -9.214  -12.025 -10.594 1.00 25.21  ? 397 HOH A O   1 
HETATM 1246 O  O   . HOH K 6 .   ? -9.440  3.341   -15.039 1.00 37.75  ? 398 HOH A O   1 
HETATM 1247 O  O   . HOH K 6 .   ? -3.052  -9.231  -5.072  1.00 21.47  ? 399 HOH A O   1 
HETATM 1248 O  O   . HOH K 6 .   ? 2.349   -13.146 1.396   1.00 29.25  ? 400 HOH A O   1 
HETATM 1249 O  O   . HOH K 6 .   ? -11.055 10.800  -5.912  1.00 44.66  ? 401 HOH A O   1 
HETATM 1250 O  O   . HOH K 6 .   ? -12.415 -2.114  -0.794  1.00 33.10  ? 402 HOH A O   1 
HETATM 1251 O  O   . HOH K 6 .   ? -2.405  8.899   -16.978 1.00 36.79  ? 403 HOH A O   1 
HETATM 1252 O  O   . HOH K 6 .   ? 1.451   12.786  11.852  1.00 24.28  ? 404 HOH A O   1 
HETATM 1253 O  O   . HOH K 6 .   ? -7.054  -10.035 -14.797 1.00 28.69  ? 405 HOH A O   1 
HETATM 1254 O  O   . HOH K 6 .   ? -3.118  8.840   -11.744 1.00 29.75  ? 406 HOH A O   1 
HETATM 1255 O  O   . HOH K 6 .   ? 10.114  -7.720  -12.381 1.00 32.60  ? 407 HOH A O   1 
HETATM 1256 O  O   . HOH K 6 .   ? -11.441 3.967   7.828   1.00 37.52  ? 408 HOH A O   1 
HETATM 1257 O  O   . HOH K 6 .   ? -2.711  12.658  -13.361 1.00 38.19  ? 409 HOH A O   1 
HETATM 1258 O  O   . HOH K 6 .   ? -5.487  -10.010 -2.646  1.00 27.84  ? 410 HOH A O   1 
HETATM 1259 O  O   . HOH K 6 .   ? -3.025  -10.228 12.399  1.00 32.53  ? 411 HOH A O   1 
HETATM 1260 O  O   . HOH K 6 .   ? -8.517  -2.390  6.765   1.00 28.37  ? 412 HOH A O   1 
HETATM 1261 O  O   . HOH K 6 .   ? -11.566 -1.972  -15.947 1.00 31.67  ? 413 HOH A O   1 
HETATM 1262 O  O   . HOH K 6 .   ? -3.803  13.071  -3.861  1.00 28.22  ? 414 HOH A O   1 
HETATM 1263 O  O   . HOH K 6 .   ? -9.837  10.135  -13.481 1.00 42.45  ? 415 HOH A O   1 
HETATM 1264 O  O   . HOH K 6 .   ? -5.551  -6.158  1.504   1.00 23.84  ? 416 HOH A O   1 
HETATM 1265 O  O   . HOH K 6 .   ? -1.912  8.535   -9.379  1.00 31.62  ? 417 HOH A O   1 
HETATM 1266 O  O   . HOH K 6 .   ? -6.014  -7.333  -1.445  1.00 18.78  ? 418 HOH A O   1 
HETATM 1267 O  O   . HOH K 6 .   ? 0.811   -3.337  -16.902 1.00 20.79  ? 419 HOH A O   1 
HETATM 1268 O  O   . HOH K 6 .   ? -1.692  12.005  -2.848  1.00 34.27  ? 420 HOH A O   1 
HETATM 1269 O  O   . HOH K 6 .   ? -4.477  -3.105  -14.843 1.00 22.10  ? 421 HOH A O   1 
HETATM 1270 O  O   . HOH K 6 .   ? -0.515  -6.712  -17.929 1.00 37.28  ? 422 HOH A O   1 
HETATM 1271 O  O   . HOH K 6 .   ? -8.997  5.819   -13.749 1.00 32.53  ? 423 HOH A O   1 
HETATM 1272 O  O   . HOH K 6 .   ? 11.551  10.433  -7.022  0.48 23.45  ? 424 HOH A O   1 
HETATM 1273 O  O   . HOH K 6 .   ? -5.788  20.123  -4.530  1.00 31.92  ? 425 HOH A O   1 
HETATM 1274 O  O   . HOH K 6 .   ? 11.136  2.551   -12.512 1.00 24.19  ? 426 HOH A O   1 
HETATM 1275 O  O   . HOH K 6 .   ? 2.755   18.302  -1.854  1.00 38.17  ? 427 HOH A O   1 
HETATM 1276 O  O   . HOH K 6 .   ? 6.236   -11.456 -9.865  1.00 32.78  ? 428 HOH A O   1 
HETATM 1277 O  O   . HOH K 6 .   ? 2.527   15.076  3.779   1.00 54.29  ? 429 HOH A O   1 
HETATM 1278 O  O   . HOH K 6 .   ? -7.060  -2.642  -14.162 1.00 18.16  ? 430 HOH A O   1 
HETATM 1279 O  O   . HOH K 6 .   ? -10.209 9.242   4.210   1.00 45.33  ? 431 HOH A O   1 
HETATM 1280 O  O   . HOH K 6 .   ? -2.333  11.775  -10.548 1.00 28.83  ? 432 HOH A O   1 
HETATM 1281 O  O   . HOH K 6 .   ? -5.574  -7.178  16.989  0.50 24.92  ? 433 HOH A O   1 
HETATM 1282 O  O   . HOH K 6 .   ? -12.167 4.874   13.384  1.00 31.98  ? 434 HOH A O   1 
HETATM 1283 O  O   . HOH K 6 .   ? -3.362  -11.555 1.071   1.00 30.62  ? 435 HOH A O   1 
HETATM 1284 O  O   . HOH K 6 .   ? 0.057   10.527  -10.171 1.00 29.13  ? 436 HOH A O   1 
HETATM 1285 O  O   . HOH K 6 .   ? -5.594  9.316   -6.011  1.00 21.99  ? 437 HOH A O   1 
HETATM 1286 O  O   . HOH K 6 .   ? 6.093   7.330   13.020  1.00 27.59  ? 438 HOH A O   1 
HETATM 1287 O  O   . HOH K 6 .   ? -7.368  -6.766  4.535   1.00 26.37  ? 439 HOH A O   1 
HETATM 1288 O  O   . HOH K 6 .   ? -19.063 -8.185  -2.862  1.00 52.71  ? 440 HOH A O   1 
HETATM 1289 O  O   . HOH K 6 .   ? -8.454  -0.041  5.047   1.00 20.38  ? 441 HOH A O   1 
HETATM 1290 O  O   . HOH K 6 .   ? 17.423  -8.013  -7.926  1.00 31.51  ? 442 HOH A O   1 
HETATM 1291 O  O   . HOH K 6 .   ? -2.182  -4.536  20.246  0.50 41.37  ? 443 HOH A O   1 
HETATM 1292 O  O   . HOH K 6 .   ? 14.407  -0.387  6.972   1.00 30.51  ? 444 HOH A O   1 
HETATM 1293 O  O   . HOH K 6 .   ? -10.360 -0.885  8.939   1.00 35.10  ? 445 HOH A O   1 
HETATM 1294 O  O   . HOH K 6 .   ? -8.014  4.487   23.348  1.00 30.35  ? 446 HOH A O   1 
HETATM 1295 O  O   . HOH K 6 .   ? -8.267  1.559   -16.723 1.00 33.72  ? 447 HOH A O   1 
HETATM 1296 O  O   . HOH K 6 .   ? -11.683 7.491   0.779   1.00 38.91  ? 448 HOH A O   1 
HETATM 1297 O  O   . HOH K 6 .   ? -12.812 11.274  2.302   1.00 50.13  ? 449 HOH A O   1 
HETATM 1298 O  O   . HOH K 6 .   ? 12.748  1.888   6.586   1.00 41.07  ? 450 HOH A O   1 
HETATM 1299 O  O   . HOH K 6 .   ? 1.005   16.574  1.616   1.00 34.66  ? 451 HOH A O   1 
HETATM 1300 O  O   . HOH K 6 .   ? 2.745   -7.599  -16.500 1.00 38.52  ? 452 HOH A O   1 
HETATM 1301 O  O   . HOH K 6 .   ? 2.009   -13.696 -3.016  1.00 47.67  ? 453 HOH A O   1 
HETATM 1302 O  O   . HOH K 6 .   ? -10.394 -1.917  11.189  1.00 42.53  ? 454 HOH A O   1 
HETATM 1303 O  O   . HOH K 6 .   ? -0.406  -14.714 18.416  0.50 22.62  ? 455 HOH A O   1 
HETATM 1304 O  O   . HOH K 6 .   ? 13.143  -9.326  -9.007  1.00 28.88  ? 456 HOH A O   1 
HETATM 1305 O  O   . HOH K 6 .   ? 13.084  -2.126  14.147  0.50 36.44  ? 457 HOH A O   1 
HETATM 1306 O  O   . HOH K 6 .   ? -10.998 -12.725 -8.602  1.00 38.45  ? 458 HOH A O   1 
HETATM 1307 O  O   . HOH K 6 .   ? -15.135 6.754   -7.939  1.00 36.31  ? 459 HOH A O   1 
HETATM 1308 O  O   . HOH K 6 .   ? 6.045   -6.961  16.814  0.50 51.31  ? 460 HOH A O   1 
HETATM 1309 O  O   . HOH K 6 .   ? -10.361 11.516  3.631   1.00 51.73  ? 461 HOH A O   1 
HETATM 1310 O  O   . HOH K 6 .   ? -20.439 -11.098 -7.119  1.00 43.61  ? 462 HOH A O   1 
HETATM 1311 O  O   . HOH K 6 .   ? 1.028   20.163  -2.093  1.00 46.21  ? 463 HOH A O   1 
HETATM 1312 O  O   . HOH K 6 .   ? -12.068 4.446   1.072   1.00 43.75  ? 464 HOH A O   1 
HETATM 1313 O  O   . HOH K 6 .   ? -8.825  -2.312  -16.085 1.00 32.35  ? 465 HOH A O   1 
HETATM 1314 O  O   . HOH K 6 .   ? -11.230 6.411   8.384   1.00 56.64  ? 466 HOH A O   1 
HETATM 1315 O  O   . HOH K 6 .   ? -13.211 13.489  -6.060  0.48 31.19  ? 467 HOH A O   1 
HETATM 1316 O  O   . HOH K 6 .   ? 6.620   14.967  -0.147  1.00 49.86  ? 468 HOH A O   1 
HETATM 1317 O  O   . HOH K 6 .   ? 8.600   13.190  0.889   1.00 42.56  ? 469 HOH A O   1 
HETATM 1318 O  O   . HOH K 6 .   ? 15.028  -1.136  9.241   1.00 32.60  ? 470 HOH A O   1 
HETATM 1319 O  O   . HOH K 6 .   ? 11.032  4.981   7.196   1.00 49.73  ? 471 HOH A O   1 
HETATM 1320 O  O   . HOH K 6 .   ? -5.754  20.296  -8.424  0.36 47.85  ? 472 HOH A O   1 
HETATM 1321 O  O   . HOH K 6 .   ? 0.053   -16.908 1.839   1.00 37.85  ? 473 HOH A O   1 
HETATM 1322 O  O   . HOH K 6 .   ? 12.778  1.421   -2.791  1.00 33.14  ? 474 HOH A O   1 
HETATM 1323 O  O   . HOH K 6 .   ? -5.031  -8.915  13.396  1.00 33.20  ? 475 HOH A O   1 
HETATM 1324 O  O   . HOH K 6 .   ? -5.943  -6.446  13.213  1.00 42.40  ? 476 HOH A O   1 
HETATM 1325 O  O   . HOH K 6 .   ? -4.769  -11.766 10.484  1.00 36.80  ? 477 HOH A O   1 
HETATM 1326 O  O   . HOH K 6 .   ? 14.276  2.173   11.113  0.50 22.24  ? 478 HOH A O   1 
HETATM 1327 O  O   . HOH K 6 .   ? 1.159   10.578  -12.770 1.00 27.73  ? 479 HOH A O   1 
HETATM 1328 O  O   . HOH K 6 .   ? -17.709 -9.653  -10.660 1.00 34.94  ? 480 HOH A O   1 
HETATM 1329 O  O   . HOH K 6 .   ? -5.773  2.880   24.246  1.00 40.76  ? 481 HOH A O   1 
HETATM 1330 O  O   . HOH K 6 .   ? 14.919  -0.653  11.919  0.50 32.47  ? 482 HOH A O   1 
HETATM 1331 O  O   . HOH K 6 .   ? -10.889 0.971   5.318   1.00 30.07  ? 483 HOH A O   1 
HETATM 1332 O  O   . HOH K 6 .   ? -9.297  -4.615  -18.205 1.00 36.10  ? 484 HOH A O   1 
HETATM 1333 O  O   . HOH K 6 .   ? 9.547   -15.536 5.007   1.00 51.63  ? 485 HOH A O   1 
HETATM 1334 O  O   . HOH K 6 .   ? -5.230  -6.886  -17.742 1.00 35.17  ? 486 HOH A O   1 
HETATM 1335 O  O   . HOH K 6 .   ? 3.832   -19.386 17.049  1.00 53.33  ? 487 HOH A O   1 
HETATM 1336 O  O   . HOH K 6 .   ? 13.795  1.914   -5.335  1.00 40.26  ? 488 HOH A O   1 
HETATM 1337 O  O   . HOH K 6 .   ? -12.896 2.631   3.623   1.00 40.62  ? 489 HOH A O   1 
HETATM 1338 O  O   . HOH K 6 .   ? -17.059 -12.070 -7.874  1.00 49.03  ? 490 HOH A O   1 
HETATM 1339 O  O   . HOH K 6 .   ? -13.063 2.527   9.537   1.00 37.97  ? 491 HOH A O   1 
HETATM 1340 O  O   . HOH K 6 .   ? -6.327  -8.940  -16.974 1.00 41.73  ? 492 HOH A O   1 
HETATM 1341 O  O   . HOH K 6 .   ? -8.836  -8.821  -16.921 1.00 34.21  ? 493 HOH A O   1 
HETATM 1342 O  O   . HOH K 6 .   ? 12.112  10.596  5.524   1.00 46.85  ? 494 HOH A O   1 
HETATM 1343 O  O   . HOH K 6 .   ? -13.429 5.005   3.230   1.00 40.92  ? 495 HOH A O   1 
# 
